data_3S1L
#
_entry.id   3S1L
#
_cell.length_a   65.461
_cell.length_b   67.880
_cell.length_c   84.686
_cell.angle_alpha   76.490
_cell.angle_beta   76.960
_cell.angle_gamma   86.300
#
_symmetry.space_group_name_H-M   'P 1'
#
loop_
_entity.id
_entity.type
_entity.pdbx_description
1 polymer 'Zinc-containing alcohol dehydrogenase superfamily'
2 non-polymer 'ZINC ION'
3 non-polymer 'HEXAETHYLENE GLYCOL'
4 water water
#
_entity_poly.entity_id   1
_entity_poly.type   'polypeptide(L)'
_entity_poly.pdbx_seq_one_letter_code
;AMMKAAVVRAFGAPLTIDEVPVPQPGPGQVQVKIEASGVCHTDLHAADGDWPVKPTLPFIPGHEGVGYVSAVGSGVSRVK
EGDRVGVPWLYSACGYCEHCLQGWETLCEKQQNTGYSVNGGYGEYVVADPNYVGLLPDKVGFVEIAPILCAGVTVYKGLK
VTDTRPGQWVVISGIGGLGHVAVQYARAMGLRVAAVDIDDAKLNLARRLGAEVAVNARDTDPAAWLQKEIGGAHGVLVTA
VSPKAFSQAIGMVRRGGTIALNGLPPGDFGTPIFDVVLKGITIRGSIVGTRSDLQESLDFAAHGDVKATVSTAKLDDVND
VFGRLREGKVEGRVVLDFSR
;
_entity_poly.pdbx_strand_id   A,B,C,D
#
# COMPACT_ATOMS: atom_id res chain seq x y z
N ALA A 1 -38.17 32.66 -11.74
CA ALA A 1 -38.86 31.82 -10.77
C ALA A 1 -39.39 30.56 -11.42
N MET A 2 -39.27 30.50 -12.75
CA MET A 2 -39.75 29.34 -13.51
C MET A 2 -38.71 28.83 -14.49
N MET A 3 -38.63 27.52 -14.64
CA MET A 3 -37.64 26.90 -15.52
C MET A 3 -38.20 25.66 -16.21
N LYS A 4 -37.58 25.29 -17.32
CA LYS A 4 -37.91 24.05 -18.01
C LYS A 4 -37.11 22.88 -17.43
N ALA A 5 -37.73 21.71 -17.36
CA ALA A 5 -37.07 20.51 -16.82
C ALA A 5 -37.80 19.24 -17.24
N ALA A 6 -37.04 18.17 -17.46
CA ALA A 6 -37.62 16.88 -17.77
C ALA A 6 -37.89 16.10 -16.49
N VAL A 7 -39.15 15.72 -16.27
CA VAL A 7 -39.53 15.08 -15.02
C VAL A 7 -39.98 13.64 -15.21
N VAL A 8 -39.58 12.78 -14.28
CA VAL A 8 -40.07 11.41 -14.22
C VAL A 8 -41.29 11.38 -13.32
N ARG A 9 -42.43 10.98 -13.87
CA ARG A 9 -43.67 10.99 -13.09
C ARG A 9 -44.20 9.58 -12.87
N ALA A 10 -43.89 8.69 -13.81
CA ALA A 10 -44.28 7.29 -13.68
C ALA A 10 -43.18 6.40 -14.25
N PHE A 11 -42.79 5.38 -13.49
CA PHE A 11 -41.74 4.48 -13.91
C PHE A 11 -42.12 3.75 -15.20
N GLY A 12 -41.24 3.81 -16.19
CA GLY A 12 -41.49 3.19 -17.48
C GLY A 12 -42.12 4.16 -18.46
N ALA A 13 -42.58 5.30 -17.96
CA ALA A 13 -43.22 6.30 -18.80
C ALA A 13 -42.19 7.21 -19.45
N PRO A 14 -42.59 7.89 -20.54
CA PRO A 14 -41.72 8.92 -21.09
C PRO A 14 -41.64 10.08 -20.11
N LEU A 15 -40.55 10.84 -20.16
CA LEU A 15 -40.42 12.01 -19.30
C LEU A 15 -41.27 13.15 -19.86
N THR A 16 -41.79 13.99 -18.98
CA THR A 16 -42.55 15.16 -19.40
C THR A 16 -41.72 16.43 -19.23
N ILE A 17 -41.74 17.28 -20.24
CA ILE A 17 -41.04 18.56 -20.19
C ILE A 17 -41.96 19.63 -19.61
N ASP A 18 -41.60 20.13 -18.44
CA ASP A 18 -42.47 21.03 -17.70
C ASP A 18 -41.78 22.35 -17.37
N GLU A 19 -42.57 23.34 -17.00
CA GLU A 19 -42.04 24.54 -16.38
C GLU A 19 -42.25 24.41 -14.87
N VAL A 20 -41.16 24.27 -14.14
CA VAL A 20 -41.23 24.09 -12.70
C VAL A 20 -40.54 25.24 -11.99
N PRO A 21 -40.78 25.36 -10.67
CA PRO A 21 -40.16 26.41 -9.86
C PRO A 21 -38.64 26.29 -9.86
N VAL A 22 -37.96 27.44 -9.95
CA VAL A 22 -36.51 27.45 -9.83
C VAL A 22 -36.12 27.24 -8.38
N PRO A 23 -35.29 26.21 -8.12
CA PRO A 23 -34.85 25.86 -6.77
C PRO A 23 -33.96 26.96 -6.17
N GLN A 24 -34.20 27.30 -4.91
CA GLN A 24 -33.42 28.30 -4.21
C GLN A 24 -32.49 27.65 -3.19
N PRO A 25 -31.22 28.08 -3.16
CA PRO A 25 -30.24 27.52 -2.21
C PRO A 25 -30.35 28.10 -0.81
N GLY A 26 -30.31 27.23 0.19
CA GLY A 26 -30.27 27.65 1.57
C GLY A 26 -28.84 27.68 2.10
N PRO A 27 -28.70 27.75 3.43
CA PRO A 27 -27.37 27.75 4.05
C PRO A 27 -26.54 26.54 3.59
N GLY A 28 -25.27 26.79 3.26
CA GLY A 28 -24.39 25.73 2.81
C GLY A 28 -24.80 25.12 1.48
N GLN A 29 -25.61 25.83 0.70
CA GLN A 29 -26.01 25.37 -0.62
C GLN A 29 -25.68 26.39 -1.71
N VAL A 30 -25.66 25.92 -2.95
CA VAL A 30 -25.51 26.82 -4.09
C VAL A 30 -26.50 26.46 -5.17
N GLN A 31 -26.73 27.39 -6.08
CA GLN A 31 -27.58 27.17 -7.23
C GLN A 31 -26.70 27.14 -8.46
N VAL A 32 -26.97 26.22 -9.36
CA VAL A 32 -26.17 26.09 -10.57
C VAL A 32 -27.05 26.27 -11.80
N LYS A 33 -26.61 27.13 -12.71
CA LYS A 33 -27.29 27.26 -14.00
C LYS A 33 -26.68 26.27 -14.99
N ILE A 34 -27.48 25.30 -15.42
CA ILE A 34 -27.01 24.21 -16.26
C ILE A 34 -26.75 24.66 -17.70
N GLU A 35 -25.56 24.35 -18.20
CA GLU A 35 -25.21 24.66 -19.59
C GLU A 35 -25.13 23.39 -20.44
N ALA A 36 -24.78 22.29 -19.81
CA ALA A 36 -24.84 20.98 -20.45
C ALA A 36 -25.16 19.92 -19.42
N SER A 37 -25.70 18.78 -19.87
CA SER A 37 -26.16 17.76 -18.94
C SER A 37 -26.03 16.39 -19.60
N GLY A 38 -25.08 15.58 -19.12
CA GLY A 38 -24.83 14.29 -19.71
C GLY A 38 -25.97 13.31 -19.47
N VAL A 39 -26.17 12.42 -20.43
CA VAL A 39 -27.16 11.36 -20.31
C VAL A 39 -26.47 10.02 -20.35
N CYS A 40 -26.89 9.09 -19.50
CA CYS A 40 -26.36 7.73 -19.56
C CYS A 40 -27.37 6.72 -19.08
N HIS A 41 -27.01 5.44 -19.18
CA HIS A 41 -27.94 4.35 -18.88
C HIS A 41 -28.45 4.37 -17.44
N THR A 42 -27.71 4.99 -16.54
CA THR A 42 -28.15 5.10 -15.15
C THR A 42 -29.46 5.88 -15.09
N ASP A 43 -29.60 6.85 -16.00
CA ASP A 43 -30.82 7.64 -16.09
C ASP A 43 -32.00 6.77 -16.54
N LEU A 44 -31.74 5.83 -17.44
CA LEU A 44 -32.77 4.88 -17.87
C LEU A 44 -33.30 4.07 -16.70
N HIS A 45 -32.38 3.55 -15.88
CA HIS A 45 -32.75 2.72 -14.74
C HIS A 45 -33.46 3.53 -13.67
N ALA A 46 -33.09 4.80 -13.56
CA ALA A 46 -33.76 5.70 -12.62
C ALA A 46 -35.19 5.92 -13.10
N ALA A 47 -35.37 6.06 -14.40
CA ALA A 47 -36.68 6.34 -14.98
C ALA A 47 -37.58 5.12 -15.02
N ASP A 48 -36.96 3.93 -15.06
CA ASP A 48 -37.72 2.69 -15.07
C ASP A 48 -37.95 2.18 -13.65
N GLY A 49 -37.19 2.73 -12.71
CA GLY A 49 -37.26 2.31 -11.32
C GLY A 49 -37.10 0.82 -11.14
N ASP A 50 -36.15 0.22 -11.86
CA ASP A 50 -35.97 -1.22 -11.81
C ASP A 50 -34.81 -1.69 -10.93
N TRP A 51 -34.24 -0.79 -10.13
CA TRP A 51 -33.21 -1.16 -9.16
C TRP A 51 -33.82 -1.37 -7.79
N PRO A 52 -33.13 -2.10 -6.91
CA PRO A 52 -33.65 -2.40 -5.57
C PRO A 52 -34.14 -1.17 -4.82
N VAL A 53 -33.27 -0.18 -4.64
CA VAL A 53 -33.69 1.09 -4.06
C VAL A 53 -34.07 2.04 -5.19
N LYS A 54 -35.33 2.47 -5.20
CA LYS A 54 -35.84 3.30 -6.28
C LYS A 54 -35.82 4.79 -5.94
N PRO A 55 -35.89 5.65 -6.98
CA PRO A 55 -36.05 7.07 -6.75
C PRO A 55 -37.44 7.31 -6.19
N THR A 56 -37.65 8.44 -5.52
CA THR A 56 -38.98 8.80 -5.08
C THR A 56 -39.63 9.73 -6.10
N LEU A 57 -40.82 9.35 -6.57
CA LEU A 57 -41.54 10.09 -7.61
C LEU A 57 -42.30 11.29 -7.04
N PRO A 58 -42.32 12.40 -7.79
CA PRO A 58 -41.66 12.59 -9.08
C PRO A 58 -40.29 13.20 -8.88
N PHE A 59 -39.43 13.16 -9.89
CA PHE A 59 -38.09 13.69 -9.73
C PHE A 59 -37.44 14.01 -11.07
N ILE A 60 -36.52 14.97 -11.04
CA ILE A 60 -35.73 15.35 -12.21
C ILE A 60 -34.40 14.59 -12.20
N PRO A 61 -34.16 13.76 -13.24
CA PRO A 61 -32.92 12.97 -13.33
C PRO A 61 -31.73 13.84 -13.70
N GLY A 62 -30.56 13.21 -13.85
CA GLY A 62 -29.38 13.90 -14.34
C GLY A 62 -28.29 14.09 -13.30
N HIS A 63 -27.24 13.29 -13.40
CA HIS A 63 -26.12 13.37 -12.48
C HIS A 63 -24.84 13.78 -13.23
N GLU A 64 -25.01 14.40 -14.40
CA GLU A 64 -23.88 14.84 -15.20
C GLU A 64 -24.09 16.28 -15.64
N GLY A 65 -24.71 17.06 -14.77
CA GLY A 65 -24.96 18.47 -15.05
C GLY A 65 -23.75 19.34 -14.79
N VAL A 66 -23.45 20.23 -15.73
CA VAL A 66 -22.38 21.20 -15.59
C VAL A 66 -22.88 22.60 -15.95
N GLY A 67 -22.36 23.62 -15.26
CA GLY A 67 -22.78 24.97 -15.53
C GLY A 67 -22.09 26.01 -14.66
N TYR A 68 -22.77 27.14 -14.45
CA TYR A 68 -22.22 28.23 -13.66
C TYR A 68 -22.91 28.30 -12.30
N VAL A 69 -22.15 28.61 -11.27
CA VAL A 69 -22.76 28.93 -9.98
C VAL A 69 -23.54 30.25 -10.15
N SER A 70 -24.85 30.19 -9.99
CA SER A 70 -25.70 31.35 -10.26
C SER A 70 -26.20 32.04 -9.00
N ALA A 71 -26.15 31.33 -7.87
CA ALA A 71 -26.55 31.90 -6.58
C ALA A 71 -25.94 31.11 -5.44
N VAL A 72 -25.58 31.80 -4.37
CA VAL A 72 -24.86 31.18 -3.25
C VAL A 72 -25.56 31.40 -1.92
N GLY A 73 -25.79 30.31 -1.19
CA GLY A 73 -26.37 30.37 0.13
C GLY A 73 -25.35 30.87 1.13
N SER A 74 -25.77 31.01 2.39
CA SER A 74 -24.85 31.48 3.42
C SER A 74 -23.84 30.40 3.79
N GLY A 75 -22.65 30.82 4.20
CA GLY A 75 -21.63 29.91 4.68
C GLY A 75 -20.91 29.10 3.61
N VAL A 76 -20.98 29.57 2.36
CA VAL A 76 -20.29 28.91 1.26
C VAL A 76 -18.97 29.62 0.95
N SER A 77 -17.88 28.87 0.93
CA SER A 77 -16.57 29.46 0.68
C SER A 77 -15.80 28.76 -0.44
N ARG A 78 -16.20 27.54 -0.79
CA ARG A 78 -15.45 26.79 -1.80
C ARG A 78 -15.59 27.38 -3.19
N VAL A 79 -16.81 27.81 -3.52
CA VAL A 79 -17.09 28.37 -4.83
C VAL A 79 -17.79 29.73 -4.68
N LYS A 80 -17.84 30.49 -5.77
CA LYS A 80 -18.52 31.77 -5.78
C LYS A 80 -19.28 31.92 -7.09
N GLU A 81 -20.13 32.93 -7.18
CA GLU A 81 -20.93 33.12 -8.38
C GLU A 81 -20.04 33.18 -9.63
N GLY A 82 -20.46 32.49 -10.67
CA GLY A 82 -19.74 32.50 -11.93
C GLY A 82 -18.80 31.32 -12.10
N ASP A 83 -18.51 30.63 -11.00
CA ASP A 83 -17.60 29.48 -11.07
C ASP A 83 -18.21 28.36 -11.89
N ARG A 84 -17.38 27.66 -12.65
CA ARG A 84 -17.85 26.55 -13.47
C ARG A 84 -17.75 25.23 -12.70
N VAL A 85 -18.90 24.61 -12.47
CA VAL A 85 -18.98 23.42 -11.63
C VAL A 85 -19.86 22.34 -12.24
N GLY A 86 -19.69 21.12 -11.75
CA GLY A 86 -20.52 20.00 -12.15
C GLY A 86 -21.17 19.39 -10.92
N VAL A 87 -22.33 18.78 -11.11
CA VAL A 87 -23.06 18.17 -10.00
C VAL A 87 -23.17 16.68 -10.23
N PRO A 88 -22.18 15.92 -9.73
CA PRO A 88 -22.09 14.48 -10.01
C PRO A 88 -23.00 13.63 -9.14
N TRP A 89 -23.00 12.32 -9.41
CA TRP A 89 -23.79 11.33 -8.71
C TRP A 89 -23.79 11.53 -7.19
N LEU A 90 -22.61 11.69 -6.61
CA LEU A 90 -22.47 11.90 -5.18
C LEU A 90 -22.87 13.33 -4.84
N TYR A 91 -24.15 13.51 -4.54
CA TYR A 91 -24.68 14.83 -4.26
C TYR A 91 -24.13 15.36 -2.94
N SER A 92 -24.12 14.48 -1.95
CA SER A 92 -23.63 14.83 -0.62
C SER A 92 -23.40 13.58 0.21
N ALA A 93 -22.67 13.73 1.30
CA ALA A 93 -22.47 12.65 2.26
C ALA A 93 -22.39 13.28 3.65
N CYS A 94 -22.49 12.48 4.69
CA CYS A 94 -22.59 13.04 6.05
C CYS A 94 -21.32 13.77 6.47
N GLY A 95 -20.17 13.25 6.05
CA GLY A 95 -18.89 13.90 6.32
C GLY A 95 -18.19 13.50 7.62
N TYR A 96 -18.78 12.61 8.40
CA TYR A 96 -18.15 12.22 9.66
C TYR A 96 -18.32 10.74 10.04
N CYS A 97 -18.85 9.94 9.12
CA CYS A 97 -18.88 8.50 9.33
C CYS A 97 -17.50 7.96 9.03
N GLU A 98 -17.26 6.68 9.32
CA GLU A 98 -15.94 6.11 9.10
C GLU A 98 -15.48 6.26 7.66
N HIS A 99 -16.35 5.93 6.71
CA HIS A 99 -16.04 6.07 5.29
C HIS A 99 -15.66 7.50 4.94
N CYS A 100 -16.49 8.45 5.36
CA CYS A 100 -16.26 9.85 5.05
C CYS A 100 -14.93 10.36 5.63
N LEU A 101 -14.61 9.95 6.86
CA LEU A 101 -13.40 10.42 7.51
C LEU A 101 -12.13 9.82 6.89
N GLN A 102 -12.28 8.72 6.19
CA GLN A 102 -11.15 8.06 5.56
C GLN A 102 -11.05 8.38 4.07
N GLY A 103 -11.83 9.36 3.62
CA GLY A 103 -11.79 9.76 2.22
C GLY A 103 -12.40 8.73 1.30
N TRP A 104 -13.40 8.00 1.80
CA TRP A 104 -14.18 7.08 0.97
C TRP A 104 -15.66 7.46 1.03
N GLU A 105 -15.95 8.75 0.87
CA GLU A 105 -17.31 9.27 0.99
C GLU A 105 -18.27 8.63 -0.02
N THR A 106 -17.69 8.05 -1.06
CA THR A 106 -18.47 7.37 -2.08
C THR A 106 -19.21 6.16 -1.50
N LEU A 107 -18.79 5.72 -0.32
CA LEU A 107 -19.41 4.57 0.34
C LEU A 107 -20.35 4.97 1.46
N CYS A 108 -20.50 6.28 1.68
CA CYS A 108 -21.33 6.78 2.78
C CYS A 108 -22.76 6.24 2.73
N GLU A 109 -23.19 5.66 3.84
CA GLU A 109 -24.55 5.11 3.91
C GLU A 109 -25.63 6.18 3.89
N LYS A 110 -25.28 7.40 4.29
CA LYS A 110 -26.24 8.50 4.30
C LYS A 110 -26.15 9.39 3.07
N GLN A 111 -25.49 8.92 2.01
CA GLN A 111 -25.30 9.75 0.83
C GLN A 111 -26.61 10.04 0.11
N GLN A 112 -26.67 11.22 -0.52
CA GLN A 112 -27.75 11.55 -1.44
C GLN A 112 -27.19 11.45 -2.86
N ASN A 113 -28.03 11.07 -3.80
CA ASN A 113 -27.58 10.93 -5.20
C ASN A 113 -28.33 11.83 -6.17
N THR A 114 -27.57 12.58 -6.95
CA THR A 114 -28.09 13.57 -7.88
C THR A 114 -28.91 12.93 -9.01
N GLY A 115 -30.10 13.46 -9.25
CA GLY A 115 -30.97 12.93 -10.28
C GLY A 115 -31.48 11.54 -9.92
N TYR A 116 -31.53 11.25 -8.62
CA TYR A 116 -32.02 9.96 -8.16
C TYR A 116 -32.80 10.10 -6.86
N SER A 117 -32.12 10.47 -5.78
CA SER A 117 -32.79 10.69 -4.49
C SER A 117 -33.06 12.17 -4.26
N VAL A 118 -32.39 13.03 -5.03
CA VAL A 118 -32.73 14.46 -5.08
C VAL A 118 -32.77 14.88 -6.53
N ASN A 119 -33.29 16.07 -6.80
CA ASN A 119 -33.41 16.54 -8.18
C ASN A 119 -32.06 16.80 -8.83
N GLY A 120 -31.95 16.42 -10.11
CA GLY A 120 -30.70 16.51 -10.84
C GLY A 120 -30.66 17.55 -11.96
N GLY A 121 -29.85 17.26 -12.98
CA GLY A 121 -29.47 18.26 -13.96
C GLY A 121 -30.27 18.35 -15.26
N TYR A 122 -31.35 17.57 -15.37
CA TYR A 122 -32.24 17.69 -16.53
C TYR A 122 -33.14 18.91 -16.38
N GLY A 123 -32.53 20.05 -16.02
CA GLY A 123 -33.27 21.29 -15.81
C GLY A 123 -32.35 22.46 -16.03
N GLU A 124 -32.92 23.66 -16.18
CA GLU A 124 -32.12 24.84 -16.44
C GLU A 124 -31.32 25.24 -15.22
N TYR A 125 -31.79 24.85 -14.05
CA TYR A 125 -31.11 25.14 -12.80
C TYR A 125 -31.20 23.95 -11.85
N VAL A 126 -30.28 23.89 -10.90
CA VAL A 126 -30.31 22.85 -9.88
C VAL A 126 -29.62 23.37 -8.63
N VAL A 127 -30.07 22.92 -7.47
CA VAL A 127 -29.41 23.27 -6.22
C VAL A 127 -28.47 22.14 -5.83
N ALA A 128 -27.24 22.50 -5.49
CA ALA A 128 -26.22 21.51 -5.17
C ALA A 128 -25.55 21.82 -3.84
N ASP A 129 -24.82 20.85 -3.30
CA ASP A 129 -23.97 21.06 -2.15
C ASP A 129 -22.57 21.39 -2.66
N PRO A 130 -22.09 22.61 -2.39
CA PRO A 130 -20.80 23.06 -2.94
C PRO A 130 -19.62 22.23 -2.45
N ASN A 131 -19.78 21.55 -1.31
CA ASN A 131 -18.71 20.70 -0.82
C ASN A 131 -18.50 19.43 -1.65
N TYR A 132 -19.44 19.14 -2.55
CA TYR A 132 -19.39 17.91 -3.32
C TYR A 132 -19.44 18.09 -4.84
N VAL A 133 -19.58 19.33 -5.30
CA VAL A 133 -19.55 19.55 -6.74
C VAL A 133 -18.15 19.32 -7.29
N GLY A 134 -18.07 19.10 -8.60
CA GLY A 134 -16.81 19.05 -9.28
C GLY A 134 -16.41 20.44 -9.73
N LEU A 135 -15.15 20.80 -9.51
CA LEU A 135 -14.64 22.08 -9.99
C LEU A 135 -14.07 21.87 -11.38
N LEU A 136 -14.70 22.49 -12.38
CA LEU A 136 -14.37 22.21 -13.77
C LEU A 136 -13.13 22.97 -14.24
N PRO A 137 -12.33 22.34 -15.12
CA PRO A 137 -11.13 22.94 -15.72
C PRO A 137 -11.52 24.08 -16.66
N ASP A 138 -10.78 25.19 -16.61
CA ASP A 138 -11.04 26.33 -17.50
C ASP A 138 -11.01 25.94 -18.97
N LYS A 139 -10.07 25.08 -19.33
CA LYS A 139 -9.75 24.80 -20.73
C LYS A 139 -10.74 23.92 -21.47
N VAL A 140 -11.66 23.28 -20.74
CA VAL A 140 -12.56 22.33 -21.38
C VAL A 140 -14.00 22.84 -21.41
N GLY A 141 -14.63 22.73 -22.57
CA GLY A 141 -16.01 23.18 -22.74
C GLY A 141 -16.99 22.32 -21.98
N PHE A 142 -18.19 22.86 -21.74
CA PHE A 142 -19.20 22.18 -20.93
C PHE A 142 -19.64 20.85 -21.51
N VAL A 143 -19.92 20.82 -22.80
CA VAL A 143 -20.39 19.60 -23.45
C VAL A 143 -19.36 18.48 -23.34
N GLU A 144 -18.10 18.81 -23.63
CA GLU A 144 -17.02 17.83 -23.62
C GLU A 144 -16.73 17.29 -22.22
N ILE A 145 -16.86 18.14 -21.20
CA ILE A 145 -16.47 17.75 -19.85
C ILE A 145 -17.55 16.97 -19.09
N ALA A 146 -18.82 17.16 -19.46
CA ALA A 146 -19.93 16.54 -18.73
C ALA A 146 -19.78 15.05 -18.42
N PRO A 147 -19.47 14.22 -19.44
CA PRO A 147 -19.39 12.77 -19.19
C PRO A 147 -18.25 12.38 -18.24
N ILE A 148 -17.27 13.26 -18.05
CA ILE A 148 -16.17 12.96 -17.13
C ILE A 148 -16.69 12.85 -15.70
N LEU A 149 -17.78 13.54 -15.40
CA LEU A 149 -18.40 13.47 -14.09
C LEU A 149 -18.92 12.07 -13.76
N CYS A 150 -19.09 11.25 -14.78
CA CYS A 150 -19.70 9.94 -14.61
C CYS A 150 -18.84 8.84 -15.23
N ALA A 151 -18.83 8.78 -16.56
CA ALA A 151 -17.97 7.83 -17.27
C ALA A 151 -16.52 8.01 -16.86
N GLY A 152 -16.05 9.24 -16.88
CA GLY A 152 -14.65 9.50 -16.60
C GLY A 152 -14.22 9.01 -15.23
N VAL A 153 -14.83 9.53 -14.18
CA VAL A 153 -14.43 9.14 -12.83
C VAL A 153 -14.65 7.64 -12.60
N THR A 154 -15.72 7.09 -13.18
CA THR A 154 -15.98 5.66 -13.00
C THR A 154 -14.83 4.79 -13.50
N VAL A 155 -14.40 5.01 -14.74
CA VAL A 155 -13.33 4.16 -15.29
C VAL A 155 -11.95 4.50 -14.72
N TYR A 156 -11.73 5.76 -14.37
CA TYR A 156 -10.46 6.16 -13.79
C TYR A 156 -10.25 5.49 -12.42
N LYS A 157 -11.26 5.59 -11.56
CA LYS A 157 -11.20 4.92 -10.27
C LYS A 157 -11.12 3.41 -10.47
N GLY A 158 -11.86 2.89 -11.44
CA GLY A 158 -11.83 1.46 -11.73
C GLY A 158 -10.41 1.02 -12.07
N LEU A 159 -9.74 1.80 -12.91
CA LEU A 159 -8.36 1.48 -13.30
C LEU A 159 -7.44 1.55 -12.09
N LYS A 160 -7.60 2.57 -11.26
CA LYS A 160 -6.80 2.67 -10.04
C LYS A 160 -6.92 1.42 -9.19
N VAL A 161 -8.13 0.88 -9.05
CA VAL A 161 -8.30 -0.28 -8.16
C VAL A 161 -7.99 -1.65 -8.81
N THR A 162 -7.53 -1.66 -10.06
CA THR A 162 -6.97 -2.88 -10.62
C THR A 162 -5.59 -3.13 -10.01
N ASP A 163 -5.06 -2.14 -9.30
CA ASP A 163 -3.77 -2.25 -8.62
C ASP A 163 -2.62 -2.47 -9.60
N THR A 164 -2.79 -2.00 -10.82
CA THR A 164 -1.73 -2.15 -11.82
C THR A 164 -0.75 -0.99 -11.74
N ARG A 165 0.40 -1.18 -12.37
CA ARG A 165 1.56 -0.31 -12.24
C ARG A 165 1.97 0.09 -13.66
N PRO A 166 2.55 1.29 -13.82
CA PRO A 166 2.98 1.64 -15.18
C PRO A 166 3.86 0.53 -15.77
N GLY A 167 3.64 0.21 -17.04
CA GLY A 167 4.40 -0.84 -17.70
C GLY A 167 3.65 -2.17 -17.72
N GLN A 168 2.70 -2.33 -16.81
CA GLN A 168 1.91 -3.55 -16.77
C GLN A 168 0.73 -3.51 -17.74
N TRP A 169 0.18 -4.68 -18.03
CA TRP A 169 -0.92 -4.83 -19.00
C TRP A 169 -2.29 -4.74 -18.32
N VAL A 170 -3.19 -3.97 -18.94
CA VAL A 170 -4.59 -3.94 -18.53
C VAL A 170 -5.47 -4.15 -19.74
N VAL A 171 -6.48 -5.01 -19.60
CA VAL A 171 -7.47 -5.18 -20.65
C VAL A 171 -8.67 -4.28 -20.40
N ILE A 172 -9.04 -3.48 -21.39
CA ILE A 172 -10.31 -2.80 -21.32
C ILE A 172 -11.32 -3.67 -22.04
N SER A 173 -12.26 -4.22 -21.28
CA SER A 173 -13.30 -5.06 -21.85
C SER A 173 -14.52 -4.22 -22.23
N GLY A 174 -14.77 -4.10 -23.53
CA GLY A 174 -15.85 -3.27 -24.02
C GLY A 174 -15.36 -1.87 -24.30
N ILE A 175 -15.40 -1.46 -25.57
CA ILE A 175 -14.95 -0.12 -25.94
C ILE A 175 -16.13 0.74 -26.34
N GLY A 176 -17.12 0.81 -25.46
CA GLY A 176 -18.32 1.61 -25.69
C GLY A 176 -18.25 2.94 -24.97
N GLY A 177 -19.39 3.41 -24.48
CA GLY A 177 -19.48 4.69 -23.79
C GLY A 177 -18.45 4.86 -22.69
N LEU A 178 -18.28 3.84 -21.86
CA LEU A 178 -17.26 3.86 -20.81
C LEU A 178 -15.89 3.46 -21.33
N GLY A 179 -15.87 2.39 -22.11
CA GLY A 179 -14.62 1.78 -22.52
C GLY A 179 -13.70 2.71 -23.30
N HIS A 180 -14.25 3.48 -24.22
CA HIS A 180 -13.41 4.35 -25.04
C HIS A 180 -12.76 5.43 -24.19
N VAL A 181 -13.40 5.77 -23.07
CA VAL A 181 -12.81 6.73 -22.14
C VAL A 181 -11.75 6.02 -21.30
N ALA A 182 -12.03 4.78 -20.92
CA ALA A 182 -11.10 3.99 -20.13
C ALA A 182 -9.74 3.81 -20.82
N VAL A 183 -9.77 3.58 -22.13
CA VAL A 183 -8.51 3.37 -22.86
C VAL A 183 -7.59 4.57 -22.68
N GLN A 184 -8.19 5.76 -22.73
CA GLN A 184 -7.43 7.01 -22.64
C GLN A 184 -6.84 7.22 -21.25
N TYR A 185 -7.63 6.98 -20.21
CA TYR A 185 -7.10 7.02 -18.86
C TYR A 185 -5.99 5.99 -18.67
N ALA A 186 -6.22 4.77 -19.14
CA ALA A 186 -5.22 3.70 -18.96
C ALA A 186 -3.88 4.09 -19.57
N ARG A 187 -3.92 4.60 -20.80
CA ARG A 187 -2.70 5.02 -21.48
C ARG A 187 -2.02 6.17 -20.73
N ALA A 188 -2.81 7.11 -20.23
CA ALA A 188 -2.29 8.24 -19.48
C ALA A 188 -1.69 7.80 -18.14
N MET A 189 -2.08 6.62 -17.68
CA MET A 189 -1.57 6.08 -16.43
C MET A 189 -0.39 5.13 -16.66
N GLY A 190 0.15 5.16 -17.87
CA GLY A 190 1.36 4.41 -18.19
C GLY A 190 1.16 2.92 -18.39
N LEU A 191 -0.09 2.49 -18.51
CA LEU A 191 -0.38 1.07 -18.67
C LEU A 191 -0.30 0.68 -20.14
N ARG A 192 0.11 -0.57 -20.38
CA ARG A 192 0.00 -1.16 -21.71
C ARG A 192 -1.42 -1.67 -21.84
N VAL A 193 -2.10 -1.26 -22.91
CA VAL A 193 -3.52 -1.50 -23.02
C VAL A 193 -3.89 -2.51 -24.10
N ALA A 194 -4.67 -3.51 -23.70
CA ALA A 194 -5.26 -4.44 -24.64
C ALA A 194 -6.76 -4.19 -24.69
N ALA A 195 -7.31 -4.04 -25.88
CA ALA A 195 -8.74 -3.78 -26.02
C ALA A 195 -9.45 -5.03 -26.49
N VAL A 196 -10.63 -5.28 -25.93
CA VAL A 196 -11.44 -6.40 -26.34
C VAL A 196 -12.87 -5.96 -26.60
N ASP A 197 -13.40 -6.34 -27.76
CA ASP A 197 -14.76 -5.99 -28.14
C ASP A 197 -15.17 -6.89 -29.31
N ILE A 198 -16.36 -6.67 -29.86
CA ILE A 198 -16.82 -7.45 -31.01
C ILE A 198 -17.00 -6.58 -32.25
N ASP A 199 -16.69 -5.29 -32.13
CA ASP A 199 -16.90 -4.31 -33.18
C ASP A 199 -15.53 -3.81 -33.67
N ASP A 200 -15.22 -4.05 -34.93
CA ASP A 200 -13.91 -3.70 -35.47
C ASP A 200 -13.60 -2.20 -35.44
N ALA A 201 -14.61 -1.37 -35.62
CA ALA A 201 -14.42 0.07 -35.60
C ALA A 201 -14.07 0.54 -34.19
N LYS A 202 -14.72 -0.08 -33.20
CA LYS A 202 -14.43 0.24 -31.81
C LYS A 202 -13.01 -0.16 -31.43
N LEU A 203 -12.58 -1.31 -31.93
CA LEU A 203 -11.23 -1.79 -31.68
C LEU A 203 -10.20 -0.86 -32.34
N ASN A 204 -10.50 -0.40 -33.55
CA ASN A 204 -9.64 0.57 -34.23
C ASN A 204 -9.51 1.84 -33.41
N LEU A 205 -10.65 2.31 -32.90
CA LEU A 205 -10.70 3.48 -32.05
C LEU A 205 -9.81 3.28 -30.83
N ALA A 206 -9.91 2.10 -30.22
CA ALA A 206 -9.09 1.79 -29.06
C ALA A 206 -7.61 1.89 -29.41
N ARG A 207 -7.23 1.32 -30.54
CA ARG A 207 -5.85 1.40 -31.01
C ARG A 207 -5.41 2.86 -31.14
N ARG A 208 -6.25 3.67 -31.77
CA ARG A 208 -5.94 5.09 -31.95
C ARG A 208 -5.77 5.80 -30.61
N LEU A 209 -6.56 5.41 -29.62
CA LEU A 209 -6.53 6.06 -28.31
C LEU A 209 -5.41 5.55 -27.42
N GLY A 210 -4.68 4.53 -27.88
CA GLY A 210 -3.52 4.06 -27.16
C GLY A 210 -3.35 2.56 -26.97
N ALA A 211 -4.37 1.79 -27.30
CA ALA A 211 -4.27 0.34 -27.16
C ALA A 211 -3.21 -0.23 -28.11
N GLU A 212 -2.31 -1.04 -27.57
CA GLU A 212 -1.25 -1.66 -28.36
C GLU A 212 -1.72 -2.98 -28.93
N VAL A 213 -2.64 -3.62 -28.24
CA VAL A 213 -3.22 -4.88 -28.68
C VAL A 213 -4.74 -4.74 -28.72
N ALA A 214 -5.36 -5.34 -29.73
CA ALA A 214 -6.80 -5.33 -29.86
C ALA A 214 -7.25 -6.69 -30.38
N VAL A 215 -8.26 -7.26 -29.74
CA VAL A 215 -8.73 -8.58 -30.13
C VAL A 215 -10.25 -8.58 -30.30
N ASN A 216 -10.72 -9.10 -31.44
CA ASN A 216 -12.15 -9.22 -31.65
C ASN A 216 -12.65 -10.57 -31.15
N ALA A 217 -13.47 -10.52 -30.09
CA ALA A 217 -13.92 -11.72 -29.41
C ALA A 217 -14.84 -12.59 -30.27
N ARG A 218 -15.33 -12.03 -31.38
CA ARG A 218 -16.14 -12.81 -32.32
C ARG A 218 -15.26 -13.66 -33.21
N ASP A 219 -14.04 -13.19 -33.46
CA ASP A 219 -13.14 -13.86 -34.38
C ASP A 219 -12.16 -14.79 -33.67
N THR A 220 -11.98 -14.58 -32.37
CA THR A 220 -11.05 -15.40 -31.60
C THR A 220 -11.29 -15.34 -30.11
N ASP A 221 -11.02 -16.45 -29.43
CA ASP A 221 -11.09 -16.51 -27.98
C ASP A 221 -10.07 -15.55 -27.39
N PRO A 222 -10.55 -14.45 -26.78
CA PRO A 222 -9.64 -13.42 -26.25
C PRO A 222 -8.77 -13.96 -25.13
N ALA A 223 -9.34 -14.84 -24.32
CA ALA A 223 -8.61 -15.44 -23.20
C ALA A 223 -7.37 -16.19 -23.68
N ALA A 224 -7.58 -17.15 -24.58
CA ALA A 224 -6.47 -17.94 -25.11
C ALA A 224 -5.46 -17.06 -25.84
N TRP A 225 -5.98 -16.09 -26.60
CA TRP A 225 -5.12 -15.22 -27.39
C TRP A 225 -4.22 -14.37 -26.50
N LEU A 226 -4.81 -13.70 -25.52
CA LEU A 226 -4.05 -12.85 -24.61
C LEU A 226 -3.08 -13.62 -23.72
N GLN A 227 -3.49 -14.79 -23.26
CA GLN A 227 -2.58 -15.62 -22.49
C GLN A 227 -1.33 -15.89 -23.32
N LYS A 228 -1.53 -16.20 -24.59
CA LYS A 228 -0.41 -16.51 -25.48
C LYS A 228 0.41 -15.26 -25.85
N GLU A 229 -0.28 -14.16 -26.14
CA GLU A 229 0.39 -12.99 -26.70
C GLU A 229 1.05 -12.05 -25.67
N ILE A 230 0.41 -11.88 -24.51
CA ILE A 230 0.99 -11.01 -23.49
C ILE A 230 1.22 -11.73 -22.16
N GLY A 231 0.84 -13.00 -22.08
CA GLY A 231 0.99 -13.77 -20.86
C GLY A 231 -0.10 -13.46 -19.84
N GLY A 232 -1.25 -13.05 -20.33
CA GLY A 232 -2.34 -12.65 -19.45
C GLY A 232 -2.15 -11.22 -18.96
N ALA A 233 -3.25 -10.53 -18.68
CA ALA A 233 -3.18 -9.14 -18.23
C ALA A 233 -3.09 -9.03 -16.71
N HIS A 234 -2.29 -8.07 -16.23
CA HIS A 234 -2.19 -7.82 -14.80
C HIS A 234 -3.52 -7.31 -14.24
N GLY A 235 -4.27 -6.61 -15.09
CA GLY A 235 -5.57 -6.11 -14.71
C GLY A 235 -6.59 -6.22 -15.83
N VAL A 236 -7.86 -6.33 -15.46
CA VAL A 236 -8.95 -6.30 -16.42
C VAL A 236 -10.01 -5.34 -15.91
N LEU A 237 -10.39 -4.37 -16.74
CA LEU A 237 -11.50 -3.48 -16.43
C LEU A 237 -12.70 -3.91 -17.25
N VAL A 238 -13.74 -4.41 -16.59
CA VAL A 238 -14.94 -4.87 -17.29
C VAL A 238 -15.99 -3.77 -17.28
N THR A 239 -16.17 -3.11 -18.42
CA THR A 239 -17.05 -1.94 -18.49
C THR A 239 -18.49 -2.31 -18.83
N ALA A 240 -18.67 -3.46 -19.48
CA ALA A 240 -20.00 -4.01 -19.71
C ALA A 240 -20.05 -5.40 -19.13
N VAL A 241 -20.71 -5.56 -17.98
CA VAL A 241 -20.65 -6.81 -17.24
C VAL A 241 -21.75 -7.78 -17.66
N SER A 242 -21.50 -8.52 -18.74
CA SER A 242 -22.36 -9.61 -19.14
C SER A 242 -21.75 -10.91 -18.63
N PRO A 243 -22.54 -11.99 -18.59
CA PRO A 243 -21.99 -13.27 -18.12
C PRO A 243 -20.75 -13.64 -18.93
N LYS A 244 -20.83 -13.47 -20.25
CA LYS A 244 -19.73 -13.81 -21.12
C LYS A 244 -18.49 -12.94 -20.85
N ALA A 245 -18.71 -11.65 -20.64
CA ALA A 245 -17.62 -10.73 -20.36
C ALA A 245 -16.94 -11.07 -19.05
N PHE A 246 -17.73 -11.48 -18.06
CA PHE A 246 -17.20 -11.87 -16.76
C PHE A 246 -16.31 -13.11 -16.90
N SER A 247 -16.86 -14.15 -17.51
CA SER A 247 -16.12 -15.39 -17.72
C SER A 247 -14.84 -15.15 -18.52
N GLN A 248 -14.93 -14.35 -19.57
CA GLN A 248 -13.76 -14.06 -20.39
C GLN A 248 -12.71 -13.29 -19.60
N ALA A 249 -13.17 -12.35 -18.77
CA ALA A 249 -12.26 -11.58 -17.92
C ALA A 249 -11.40 -12.51 -17.07
N ILE A 250 -12.02 -13.48 -16.43
CA ILE A 250 -11.30 -14.42 -15.58
C ILE A 250 -10.25 -15.20 -16.38
N GLY A 251 -10.58 -15.54 -17.63
CA GLY A 251 -9.66 -16.25 -18.49
C GLY A 251 -8.52 -15.40 -19.02
N MET A 252 -8.73 -14.08 -19.11
CA MET A 252 -7.74 -13.19 -19.68
C MET A 252 -6.65 -12.75 -18.69
N VAL A 253 -6.96 -12.78 -17.41
CA VAL A 253 -6.06 -12.26 -16.38
C VAL A 253 -4.93 -13.24 -16.06
N ARG A 254 -3.75 -12.71 -15.72
CA ARG A 254 -2.66 -13.60 -15.31
C ARG A 254 -2.77 -13.89 -13.82
N ARG A 255 -2.04 -14.89 -13.36
CA ARG A 255 -2.04 -15.23 -11.95
C ARG A 255 -1.71 -14.00 -11.12
N GLY A 256 -2.40 -13.83 -10.00
CA GLY A 256 -2.16 -12.70 -9.13
C GLY A 256 -2.82 -11.43 -9.63
N GLY A 257 -3.46 -11.49 -10.79
CA GLY A 257 -4.06 -10.31 -11.40
C GLY A 257 -5.38 -9.89 -10.78
N THR A 258 -5.87 -8.71 -11.15
CA THR A 258 -7.09 -8.16 -10.56
C THR A 258 -8.11 -7.78 -11.62
N ILE A 259 -9.36 -8.18 -11.39
CA ILE A 259 -10.47 -7.83 -12.27
C ILE A 259 -11.38 -6.83 -11.57
N ALA A 260 -11.54 -5.66 -12.19
CA ALA A 260 -12.42 -4.63 -11.67
C ALA A 260 -13.72 -4.58 -12.48
N LEU A 261 -14.85 -4.64 -11.77
CA LEU A 261 -16.16 -4.62 -12.42
C LEU A 261 -16.81 -3.25 -12.30
N ASN A 262 -17.13 -2.62 -13.43
CA ASN A 262 -17.74 -1.28 -13.45
C ASN A 262 -19.27 -1.28 -13.53
N GLY A 263 -19.85 -2.34 -14.08
CA GLY A 263 -21.28 -2.35 -14.39
C GLY A 263 -22.21 -2.87 -13.31
N LEU A 264 -23.51 -2.72 -13.53
CA LEU A 264 -24.51 -3.10 -12.53
C LEU A 264 -25.56 -4.08 -13.06
N PRO A 265 -25.12 -5.23 -13.59
CA PRO A 265 -26.07 -6.16 -14.22
C PRO A 265 -26.94 -6.84 -13.17
N PRO A 266 -28.07 -7.43 -13.59
CA PRO A 266 -28.92 -8.14 -12.64
C PRO A 266 -28.47 -9.59 -12.48
N GLY A 267 -28.85 -10.22 -11.38
CA GLY A 267 -28.63 -11.65 -11.20
C GLY A 267 -27.30 -12.07 -10.60
N ASP A 268 -27.15 -13.37 -10.42
CA ASP A 268 -25.90 -13.94 -9.94
C ASP A 268 -25.07 -14.44 -11.12
N PHE A 269 -23.77 -14.20 -11.08
CA PHE A 269 -22.88 -14.63 -12.15
C PHE A 269 -22.08 -15.86 -11.73
N GLY A 270 -21.95 -16.82 -12.65
CA GLY A 270 -21.17 -18.02 -12.40
C GLY A 270 -19.70 -17.70 -12.20
N THR A 271 -19.18 -18.05 -11.03
CA THR A 271 -17.81 -17.70 -10.66
C THR A 271 -16.97 -18.92 -10.33
N PRO A 272 -15.91 -19.16 -11.12
CA PRO A 272 -15.00 -20.30 -10.94
C PRO A 272 -14.12 -20.13 -9.72
N ILE A 273 -14.69 -20.23 -8.53
CA ILE A 273 -13.95 -20.03 -7.30
C ILE A 273 -12.66 -20.84 -7.25
N PHE A 274 -12.71 -22.09 -7.68
CA PHE A 274 -11.53 -22.95 -7.67
C PHE A 274 -10.36 -22.26 -8.37
N ASP A 275 -10.60 -21.80 -9.60
CA ASP A 275 -9.55 -21.14 -10.38
C ASP A 275 -9.12 -19.83 -9.74
N VAL A 276 -10.09 -19.02 -9.32
CA VAL A 276 -9.78 -17.76 -8.65
C VAL A 276 -8.87 -17.97 -7.45
N VAL A 277 -9.22 -18.92 -6.58
CA VAL A 277 -8.42 -19.21 -5.40
C VAL A 277 -7.04 -19.72 -5.78
N LEU A 278 -7.01 -20.71 -6.67
CA LEU A 278 -5.77 -21.32 -7.11
C LEU A 278 -4.84 -20.30 -7.77
N LYS A 279 -5.41 -19.48 -8.64
CA LYS A 279 -4.63 -18.52 -9.42
C LYS A 279 -4.42 -17.20 -8.69
N GLY A 280 -4.93 -17.10 -7.47
CA GLY A 280 -4.77 -15.92 -6.67
C GLY A 280 -5.28 -14.67 -7.37
N ILE A 281 -6.42 -14.80 -8.03
CA ILE A 281 -7.06 -13.66 -8.71
C ILE A 281 -7.92 -12.86 -7.74
N THR A 282 -7.97 -11.55 -7.95
CA THR A 282 -8.81 -10.68 -7.15
C THR A 282 -9.93 -10.14 -8.03
N ILE A 283 -11.15 -10.16 -7.50
CA ILE A 283 -12.29 -9.57 -8.18
C ILE A 283 -12.84 -8.45 -7.32
N ARG A 284 -13.05 -7.28 -7.92
CA ARG A 284 -13.34 -6.08 -7.16
C ARG A 284 -14.38 -5.25 -7.88
N GLY A 285 -15.38 -4.77 -7.13
CA GLY A 285 -16.41 -3.91 -7.70
C GLY A 285 -16.03 -2.44 -7.53
N SER A 286 -16.28 -1.65 -8.57
CA SER A 286 -15.95 -0.23 -8.50
C SER A 286 -16.86 0.58 -9.40
N ILE A 287 -17.62 1.50 -8.81
CA ILE A 287 -18.40 2.43 -9.61
C ILE A 287 -18.25 3.85 -9.05
N VAL A 288 -18.36 4.83 -9.94
CA VAL A 288 -18.07 6.24 -9.65
C VAL A 288 -16.80 6.44 -8.81
N GLY A 289 -16.80 7.44 -7.94
CA GLY A 289 -15.62 7.71 -7.15
C GLY A 289 -15.76 8.88 -6.20
N THR A 290 -14.72 9.11 -5.41
CA THR A 290 -14.70 10.18 -4.43
C THR A 290 -14.44 11.55 -5.07
N ARG A 291 -14.56 12.59 -4.26
CA ARG A 291 -14.25 13.94 -4.72
C ARG A 291 -12.82 14.05 -5.25
N SER A 292 -11.87 13.42 -4.56
CA SER A 292 -10.50 13.45 -5.05
C SER A 292 -10.37 12.67 -6.37
N ASP A 293 -11.02 11.52 -6.46
CA ASP A 293 -11.05 10.77 -7.72
C ASP A 293 -11.59 11.66 -8.84
N LEU A 294 -12.66 12.41 -8.54
CA LEU A 294 -13.29 13.24 -9.55
C LEU A 294 -12.36 14.35 -10.02
N GLN A 295 -11.72 15.04 -9.06
CA GLN A 295 -10.81 16.11 -9.42
C GLN A 295 -9.66 15.58 -10.26
N GLU A 296 -9.14 14.40 -9.89
CA GLU A 296 -8.06 13.79 -10.67
C GLU A 296 -8.53 13.46 -12.08
N SER A 297 -9.74 12.92 -12.19
CA SER A 297 -10.32 12.60 -13.49
C SER A 297 -10.45 13.84 -14.36
N LEU A 298 -10.89 14.93 -13.76
CA LEU A 298 -11.05 16.19 -14.48
C LEU A 298 -9.70 16.73 -14.97
N ASP A 299 -8.67 16.58 -14.13
CA ASP A 299 -7.34 17.07 -14.46
C ASP A 299 -6.77 16.39 -15.71
N PHE A 300 -7.00 15.09 -15.84
CA PHE A 300 -6.56 14.38 -17.04
C PHE A 300 -7.23 14.99 -18.29
N ALA A 301 -8.49 15.38 -18.16
CA ALA A 301 -9.19 16.04 -19.27
C ALA A 301 -8.55 17.39 -19.56
N ALA A 302 -8.28 18.16 -18.51
CA ALA A 302 -7.70 19.49 -18.67
C ALA A 302 -6.34 19.42 -19.34
N HIS A 303 -5.61 18.35 -19.06
CA HIS A 303 -4.24 18.21 -19.53
C HIS A 303 -4.19 17.70 -20.97
N GLY A 304 -5.35 17.36 -21.52
CA GLY A 304 -5.45 16.91 -22.89
C GLY A 304 -5.33 15.41 -23.09
N ASP A 305 -5.30 14.65 -21.99
CA ASP A 305 -5.08 13.20 -22.07
C ASP A 305 -6.34 12.41 -22.37
N VAL A 306 -7.49 12.99 -22.05
CA VAL A 306 -8.76 12.28 -22.17
C VAL A 306 -9.82 13.18 -22.80
N LYS A 307 -10.51 12.65 -23.81
CA LYS A 307 -11.61 13.36 -24.45
C LYS A 307 -12.70 12.38 -24.81
N ALA A 308 -13.87 12.54 -24.23
CA ALA A 308 -14.99 11.65 -24.51
C ALA A 308 -15.58 11.95 -25.87
N THR A 309 -16.09 10.92 -26.52
CA THR A 309 -16.91 11.10 -27.71
C THR A 309 -18.26 11.61 -27.27
N VAL A 310 -18.63 12.80 -27.72
CA VAL A 310 -19.88 13.42 -27.30
C VAL A 310 -20.76 13.84 -28.48
N SER A 311 -22.07 13.67 -28.32
CA SER A 311 -23.06 14.15 -29.27
C SER A 311 -24.11 14.91 -28.49
N THR A 312 -24.57 16.02 -29.03
CA THR A 312 -25.52 16.87 -28.31
C THR A 312 -26.96 16.62 -28.70
N ALA A 313 -27.87 16.90 -27.78
CA ALA A 313 -29.30 16.87 -28.03
C ALA A 313 -29.93 17.95 -27.18
N LYS A 314 -31.18 18.30 -27.48
CA LYS A 314 -31.89 19.33 -26.74
C LYS A 314 -32.71 18.71 -25.62
N LEU A 315 -32.92 19.48 -24.56
CA LEU A 315 -33.75 19.06 -23.44
C LEU A 315 -35.07 18.50 -23.93
N ASP A 316 -35.74 19.25 -24.79
CA ASP A 316 -37.04 18.86 -25.33
C ASP A 316 -37.01 17.44 -25.88
N ASP A 317 -35.89 17.06 -26.48
CA ASP A 317 -35.78 15.78 -27.17
C ASP A 317 -35.24 14.65 -26.30
N VAL A 318 -35.28 14.80 -24.98
CA VAL A 318 -34.66 13.81 -24.10
C VAL A 318 -35.26 12.41 -24.26
N ASN A 319 -36.56 12.36 -24.60
CA ASN A 319 -37.22 11.08 -24.80
C ASN A 319 -36.74 10.33 -26.04
N ASP A 320 -36.37 11.08 -27.08
CA ASP A 320 -35.79 10.47 -28.27
C ASP A 320 -34.41 9.91 -27.94
N VAL A 321 -33.66 10.63 -27.11
CA VAL A 321 -32.35 10.18 -26.66
C VAL A 321 -32.49 8.85 -25.91
N PHE A 322 -33.41 8.81 -24.94
CA PHE A 322 -33.66 7.59 -24.19
C PHE A 322 -33.93 6.41 -25.12
N GLY A 323 -34.75 6.65 -26.14
CA GLY A 323 -35.10 5.61 -27.08
C GLY A 323 -33.88 5.06 -27.78
N ARG A 324 -33.01 5.96 -28.22
CA ARG A 324 -31.79 5.57 -28.91
C ARG A 324 -30.87 4.77 -28.00
N LEU A 325 -30.78 5.16 -26.74
CA LEU A 325 -29.99 4.42 -25.77
C LEU A 325 -30.56 3.01 -25.58
N ARG A 326 -31.86 2.94 -25.30
CA ARG A 326 -32.52 1.65 -25.08
C ARG A 326 -32.28 0.68 -26.22
N GLU A 327 -32.23 1.20 -27.44
CA GLU A 327 -32.04 0.36 -28.61
C GLU A 327 -30.57 0.09 -28.89
N GLY A 328 -29.70 0.80 -28.18
CA GLY A 328 -28.26 0.66 -28.35
C GLY A 328 -27.80 1.28 -29.65
N LYS A 329 -28.38 2.43 -29.99
CA LYS A 329 -28.06 3.12 -31.23
C LYS A 329 -27.14 4.32 -31.01
N VAL A 330 -26.62 4.45 -29.80
CA VAL A 330 -25.72 5.56 -29.48
C VAL A 330 -24.26 5.14 -29.55
N GLU A 331 -23.47 5.87 -30.34
CA GLU A 331 -22.02 5.72 -30.33
C GLU A 331 -21.44 6.86 -29.52
N GLY A 332 -20.66 6.53 -28.48
CA GLY A 332 -20.10 7.53 -27.59
C GLY A 332 -21.10 7.90 -26.51
N ARG A 333 -21.04 9.15 -26.06
CA ARG A 333 -21.95 9.63 -25.03
C ARG A 333 -22.84 10.73 -25.60
N VAL A 334 -24.05 10.84 -25.06
CA VAL A 334 -24.97 11.89 -25.47
C VAL A 334 -25.07 12.92 -24.36
N VAL A 335 -25.01 14.19 -24.73
CA VAL A 335 -25.05 15.28 -23.77
C VAL A 335 -26.10 16.30 -24.17
N LEU A 336 -26.98 16.65 -23.24
CA LEU A 336 -27.96 17.69 -23.49
C LEU A 336 -27.26 19.05 -23.49
N ASP A 337 -27.51 19.83 -24.54
CA ASP A 337 -26.90 21.15 -24.69
C ASP A 337 -27.93 22.23 -24.41
N PHE A 338 -27.71 22.98 -23.32
CA PHE A 338 -28.63 24.04 -22.92
C PHE A 338 -28.23 25.38 -23.50
N SER A 339 -27.23 25.38 -24.38
CA SER A 339 -26.80 26.59 -25.05
C SER A 339 -26.05 26.27 -26.35
N ALA B 1 18.91 -47.71 5.29
CA ALA B 1 18.55 -48.68 4.27
C ALA B 1 17.05 -48.60 3.95
N MET B 2 16.23 -49.12 4.86
CA MET B 2 14.78 -49.13 4.65
C MET B 2 14.05 -48.32 5.72
N MET B 3 12.80 -47.97 5.43
CA MET B 3 11.98 -47.23 6.38
C MET B 3 10.51 -47.55 6.16
N LYS B 4 9.70 -47.30 7.18
CA LYS B 4 8.25 -47.41 7.04
C LYS B 4 7.68 -46.15 6.40
N ALA B 5 6.67 -46.31 5.56
CA ALA B 5 6.02 -45.18 4.91
C ALA B 5 4.63 -45.58 4.43
N ALA B 6 3.69 -44.65 4.52
CA ALA B 6 2.35 -44.86 3.97
C ALA B 6 2.38 -44.46 2.51
N VAL B 7 1.97 -45.38 1.64
CA VAL B 7 2.14 -45.17 0.20
C VAL B 7 0.81 -45.27 -0.55
N VAL B 8 0.56 -44.30 -1.42
CA VAL B 8 -0.58 -44.34 -2.32
C VAL B 8 -0.16 -45.01 -3.62
N ARG B 9 -0.72 -46.17 -3.91
CA ARG B 9 -0.36 -46.92 -5.11
C ARG B 9 -1.47 -46.91 -6.14
N ALA B 10 -2.69 -46.65 -5.68
CA ALA B 10 -3.83 -46.45 -6.58
C ALA B 10 -4.77 -45.40 -6.00
N PHE B 11 -5.25 -44.50 -6.83
CA PHE B 11 -6.17 -43.45 -6.38
C PHE B 11 -7.44 -44.04 -5.78
N GLY B 12 -7.79 -43.56 -4.59
CA GLY B 12 -9.02 -43.97 -3.94
C GLY B 12 -8.87 -45.19 -3.05
N ALA B 13 -7.81 -45.96 -3.27
CA ALA B 13 -7.58 -47.18 -2.51
C ALA B 13 -6.94 -46.89 -1.15
N PRO B 14 -7.23 -47.73 -0.14
CA PRO B 14 -6.59 -47.58 1.17
C PRO B 14 -5.09 -47.46 1.02
N LEU B 15 -4.45 -46.72 1.92
CA LEU B 15 -2.99 -46.61 1.88
C LEU B 15 -2.39 -47.84 2.52
N THR B 16 -1.19 -48.21 2.07
CA THR B 16 -0.49 -49.35 2.64
C THR B 16 0.80 -48.91 3.30
N ILE B 17 1.07 -49.43 4.48
CA ILE B 17 2.32 -49.15 5.17
C ILE B 17 3.38 -50.11 4.68
N ASP B 18 4.29 -49.62 3.85
CA ASP B 18 5.32 -50.47 3.27
C ASP B 18 6.69 -50.15 3.84
N GLU B 19 7.60 -51.13 3.72
CA GLU B 19 9.00 -50.87 3.94
C GLU B 19 9.56 -50.39 2.62
N VAL B 20 10.11 -49.19 2.60
CA VAL B 20 10.64 -48.62 1.37
C VAL B 20 12.05 -48.07 1.62
N PRO B 21 12.82 -47.85 0.55
CA PRO B 21 14.18 -47.37 0.75
C PRO B 21 14.22 -45.96 1.30
N VAL B 22 15.13 -45.71 2.23
CA VAL B 22 15.35 -44.38 2.77
C VAL B 22 15.94 -43.47 1.69
N PRO B 23 15.23 -42.37 1.39
CA PRO B 23 15.68 -41.40 0.38
C PRO B 23 17.00 -40.73 0.76
N GLN B 24 17.87 -40.55 -0.23
CA GLN B 24 19.21 -40.03 0.01
C GLN B 24 19.40 -38.64 -0.60
N PRO B 25 19.90 -37.69 0.19
CA PRO B 25 20.08 -36.34 -0.32
C PRO B 25 21.22 -36.26 -1.32
N GLY B 26 20.93 -35.72 -2.50
CA GLY B 26 21.96 -35.44 -3.49
C GLY B 26 22.47 -34.02 -3.27
N PRO B 27 23.16 -33.47 -4.27
CA PRO B 27 23.65 -32.09 -4.11
C PRO B 27 22.49 -31.11 -3.99
N GLY B 28 22.63 -30.12 -3.12
CA GLY B 28 21.60 -29.11 -2.91
C GLY B 28 20.40 -29.62 -2.15
N GLN B 29 20.49 -30.84 -1.62
CA GLN B 29 19.37 -31.44 -0.91
C GLN B 29 19.72 -31.76 0.54
N VAL B 30 18.69 -31.88 1.38
CA VAL B 30 18.88 -32.39 2.73
C VAL B 30 17.91 -33.52 3.00
N GLN B 31 18.24 -34.32 4.00
CA GLN B 31 17.39 -35.40 4.43
C GLN B 31 16.81 -35.00 5.77
N VAL B 32 15.55 -35.34 6.00
CA VAL B 32 14.90 -34.95 7.23
C VAL B 32 14.34 -36.18 7.91
N LYS B 33 14.69 -36.37 9.18
CA LYS B 33 14.10 -37.43 9.97
C LYS B 33 12.79 -36.92 10.56
N ILE B 34 11.68 -37.49 10.11
CA ILE B 34 10.35 -37.04 10.52
C ILE B 34 10.04 -37.43 11.97
N GLU B 35 9.67 -36.44 12.78
CA GLU B 35 9.29 -36.68 14.16
C GLU B 35 7.77 -36.58 14.32
N ALA B 36 7.16 -35.73 13.50
CA ALA B 36 5.72 -35.63 13.46
C ALA B 36 5.30 -35.20 12.05
N SER B 37 4.05 -35.47 11.69
CA SER B 37 3.62 -35.25 10.33
C SER B 37 2.12 -34.98 10.32
N GLY B 38 1.75 -33.73 10.05
CA GLY B 38 0.35 -33.35 10.07
C GLY B 38 -0.47 -33.99 8.96
N VAL B 39 -1.75 -34.22 9.25
CA VAL B 39 -2.68 -34.75 8.27
C VAL B 39 -3.80 -33.74 8.04
N CYS B 40 -4.21 -33.59 6.78
CA CYS B 40 -5.37 -32.74 6.49
C CYS B 40 -6.08 -33.14 5.20
N HIS B 41 -7.17 -32.45 4.90
CA HIS B 41 -8.02 -32.79 3.76
C HIS B 41 -7.29 -32.80 2.42
N THR B 42 -6.24 -32.00 2.29
CA THR B 42 -5.45 -32.00 1.06
C THR B 42 -4.86 -33.37 0.77
N ASP B 43 -4.49 -34.09 1.83
CA ASP B 43 -3.95 -35.44 1.68
C ASP B 43 -4.98 -36.39 1.08
N LEU B 44 -6.25 -36.19 1.44
CA LEU B 44 -7.34 -36.97 0.87
C LEU B 44 -7.44 -36.72 -0.62
N HIS B 45 -7.49 -35.45 -0.98
CA HIS B 45 -7.56 -35.03 -2.38
C HIS B 45 -6.38 -35.60 -3.17
N ALA B 46 -5.22 -35.63 -2.54
CA ALA B 46 -4.03 -36.21 -3.17
C ALA B 46 -4.24 -37.71 -3.39
N ALA B 47 -4.68 -38.40 -2.34
CA ALA B 47 -4.85 -39.85 -2.37
C ALA B 47 -6.01 -40.29 -3.26
N ASP B 48 -7.01 -39.41 -3.41
CA ASP B 48 -8.17 -39.71 -4.24
C ASP B 48 -7.92 -39.38 -5.71
N GLY B 49 -6.90 -38.57 -5.98
CA GLY B 49 -6.66 -38.08 -7.33
C GLY B 49 -7.85 -37.25 -7.78
N ASP B 50 -8.33 -36.41 -6.87
CA ASP B 50 -9.54 -35.61 -7.02
C ASP B 50 -9.39 -34.41 -7.93
N TRP B 51 -8.19 -33.83 -7.94
CA TRP B 51 -7.98 -32.53 -8.57
C TRP B 51 -7.56 -32.64 -10.04
N PRO B 52 -7.75 -31.56 -10.81
CA PRO B 52 -7.43 -31.61 -12.25
C PRO B 52 -5.99 -32.02 -12.53
N VAL B 53 -5.03 -31.47 -11.77
CA VAL B 53 -3.65 -31.91 -11.88
C VAL B 53 -3.34 -32.89 -10.76
N LYS B 54 -3.02 -34.12 -11.13
CA LYS B 54 -2.90 -35.21 -10.16
C LYS B 54 -1.45 -35.53 -9.78
N PRO B 55 -1.26 -36.19 -8.63
CA PRO B 55 0.08 -36.69 -8.31
C PRO B 55 0.41 -37.86 -9.24
N THR B 56 1.69 -38.18 -9.39
CA THR B 56 2.06 -39.38 -10.13
C THR B 56 2.14 -40.53 -9.14
N LEU B 57 1.64 -41.69 -9.54
CA LEU B 57 1.65 -42.87 -8.68
C LEU B 57 2.90 -43.70 -8.94
N PRO B 58 3.43 -44.35 -7.88
CA PRO B 58 2.94 -44.25 -6.51
C PRO B 58 3.62 -43.09 -5.80
N PHE B 59 3.06 -42.64 -4.68
CA PHE B 59 3.69 -41.56 -3.92
C PHE B 59 3.39 -41.65 -2.42
N ILE B 60 4.22 -40.96 -1.64
CA ILE B 60 4.02 -40.85 -0.20
C ILE B 60 3.49 -39.45 0.10
N PRO B 61 2.28 -39.37 0.67
CA PRO B 61 1.68 -38.05 0.96
C PRO B 61 2.35 -37.36 2.14
N GLY B 62 1.91 -36.15 2.46
CA GLY B 62 2.38 -35.48 3.66
C GLY B 62 3.15 -34.19 3.41
N HIS B 63 2.46 -33.06 3.57
CA HIS B 63 3.08 -31.75 3.38
C HIS B 63 3.17 -31.01 4.71
N GLU B 64 3.07 -31.75 5.81
CA GLU B 64 3.14 -31.17 7.15
C GLU B 64 4.16 -31.92 8.01
N GLY B 65 5.22 -32.41 7.37
CA GLY B 65 6.26 -33.14 8.07
C GLY B 65 7.25 -32.22 8.76
N VAL B 66 7.52 -32.52 10.02
CA VAL B 66 8.56 -31.79 10.77
C VAL B 66 9.51 -32.77 11.44
N GLY B 67 10.74 -32.34 11.67
CA GLY B 67 11.75 -33.20 12.28
C GLY B 67 13.13 -32.59 12.28
N TYR B 68 14.15 -33.43 12.29
CA TYR B 68 15.54 -32.99 12.30
C TYR B 68 16.19 -33.22 10.95
N VAL B 69 17.07 -32.30 10.57
CA VAL B 69 17.94 -32.53 9.42
C VAL B 69 18.89 -33.65 9.81
N SER B 70 18.82 -34.76 9.07
CA SER B 70 19.58 -35.96 9.44
C SER B 70 20.78 -36.16 8.54
N ALA B 71 20.73 -35.59 7.34
CA ALA B 71 21.84 -35.66 6.40
C ALA B 71 21.82 -34.44 5.49
N VAL B 72 23.01 -33.97 5.12
CA VAL B 72 23.13 -32.77 4.30
C VAL B 72 23.95 -33.05 3.05
N GLY B 73 23.35 -32.80 1.90
CA GLY B 73 24.04 -32.97 0.63
C GLY B 73 25.05 -31.86 0.40
N SER B 74 25.84 -32.00 -0.66
CA SER B 74 26.84 -30.99 -0.99
C SER B 74 26.18 -29.69 -1.42
N GLY B 75 26.78 -28.57 -1.04
CA GLY B 75 26.31 -27.26 -1.49
C GLY B 75 25.16 -26.70 -0.68
N VAL B 76 25.04 -27.13 0.57
CA VAL B 76 23.97 -26.65 1.43
C VAL B 76 24.52 -25.73 2.52
N SER B 77 23.99 -24.51 2.59
CA SER B 77 24.47 -23.53 3.57
C SER B 77 23.38 -23.02 4.50
N ARG B 78 22.12 -23.24 4.14
CA ARG B 78 21.02 -22.66 4.90
C ARG B 78 20.74 -23.41 6.20
N VAL B 79 20.86 -24.72 6.16
CA VAL B 79 20.65 -25.55 7.36
C VAL B 79 21.81 -26.52 7.51
N LYS B 80 21.87 -27.18 8.66
CA LYS B 80 22.90 -28.16 8.93
C LYS B 80 22.31 -29.29 9.76
N GLU B 81 23.03 -30.41 9.84
CA GLU B 81 22.55 -31.56 10.59
C GLU B 81 22.10 -31.15 11.98
N GLY B 82 20.94 -31.65 12.39
CA GLY B 82 20.42 -31.40 13.72
C GLY B 82 19.39 -30.29 13.77
N ASP B 83 19.38 -29.43 12.74
CA ASP B 83 18.43 -28.34 12.68
C ASP B 83 17.00 -28.85 12.61
N ARG B 84 16.09 -28.17 13.30
CA ARG B 84 14.69 -28.56 13.28
C ARG B 84 13.98 -27.82 12.17
N VAL B 85 13.44 -28.58 11.23
CA VAL B 85 12.86 -28.00 10.02
C VAL B 85 11.54 -28.68 9.64
N GLY B 86 10.77 -28.01 8.80
CA GLY B 86 9.53 -28.57 8.28
C GLY B 86 9.57 -28.55 6.76
N VAL B 87 8.85 -29.48 6.15
CA VAL B 87 8.81 -29.56 4.69
C VAL B 87 7.39 -29.31 4.24
N PRO B 88 7.05 -28.04 3.98
CA PRO B 88 5.67 -27.65 3.69
C PRO B 88 5.28 -27.94 2.24
N TRP B 89 4.02 -27.63 1.92
CA TRP B 89 3.43 -27.82 0.60
C TRP B 89 4.33 -27.34 -0.53
N LEU B 90 4.86 -26.12 -0.42
CA LEU B 90 5.78 -25.60 -1.42
C LEU B 90 7.15 -26.27 -1.27
N TYR B 91 7.37 -27.33 -2.05
CA TYR B 91 8.62 -28.07 -1.98
C TYR B 91 9.76 -27.28 -2.61
N SER B 92 9.46 -26.66 -3.76
CA SER B 92 10.40 -25.81 -4.46
C SER B 92 9.68 -24.98 -5.51
N ALA B 93 10.32 -23.91 -5.95
CA ALA B 93 9.84 -23.12 -7.07
C ALA B 93 11.05 -22.75 -7.94
N CYS B 94 10.81 -22.16 -9.11
CA CYS B 94 11.91 -21.91 -10.03
C CYS B 94 12.86 -20.81 -9.55
N GLY B 95 12.31 -19.80 -8.86
CA GLY B 95 13.10 -18.75 -8.27
C GLY B 95 13.37 -17.54 -9.17
N TYR B 96 12.98 -17.61 -10.44
CA TYR B 96 13.25 -16.49 -11.33
C TYR B 96 12.12 -16.04 -12.26
N CYS B 97 10.95 -16.66 -12.19
CA CYS B 97 9.82 -16.19 -12.97
C CYS B 97 9.30 -14.90 -12.32
N GLU B 98 8.42 -14.19 -13.05
CA GLU B 98 7.86 -12.94 -12.55
C GLU B 98 7.32 -13.07 -11.14
N HIS B 99 6.59 -14.15 -10.88
CA HIS B 99 5.97 -14.36 -9.58
C HIS B 99 7.01 -14.60 -8.48
N CYS B 100 8.00 -15.43 -8.77
CA CYS B 100 9.07 -15.69 -7.82
C CYS B 100 9.86 -14.43 -7.50
N LEU B 101 10.13 -13.61 -8.52
CA LEU B 101 10.92 -12.40 -8.32
C LEU B 101 10.16 -11.33 -7.52
N GLN B 102 8.84 -11.44 -7.49
CA GLN B 102 8.01 -10.45 -6.80
C GLN B 102 7.58 -10.93 -5.40
N GLY B 103 8.15 -12.05 -4.96
CA GLY B 103 7.80 -12.59 -3.66
C GLY B 103 6.43 -13.23 -3.66
N TRP B 104 6.04 -13.80 -4.81
CA TRP B 104 4.80 -14.55 -4.92
C TRP B 104 5.08 -15.94 -5.48
N GLU B 105 6.09 -16.59 -4.93
CA GLU B 105 6.50 -17.91 -5.44
C GLU B 105 5.40 -18.94 -5.36
N THR B 106 4.39 -18.68 -4.55
CA THR B 106 3.25 -19.58 -4.46
C THR B 106 2.52 -19.69 -5.79
N LEU B 107 2.72 -18.72 -6.67
CA LEU B 107 2.07 -18.73 -7.99
C LEU B 107 2.98 -19.32 -9.07
N CYS B 108 4.15 -19.80 -8.68
CA CYS B 108 5.09 -20.35 -9.65
C CYS B 108 4.50 -21.55 -10.39
N GLU B 109 4.47 -21.48 -11.72
CA GLU B 109 3.97 -22.59 -12.53
C GLU B 109 4.90 -23.80 -12.45
N LYS B 110 6.16 -23.57 -12.07
CA LYS B 110 7.17 -24.63 -12.05
C LYS B 110 7.35 -25.25 -10.66
N GLN B 111 6.47 -24.92 -9.73
CA GLN B 111 6.65 -25.37 -8.35
C GLN B 111 6.43 -26.87 -8.19
N GLN B 112 7.12 -27.45 -7.20
CA GLN B 112 6.87 -28.82 -6.81
C GLN B 112 6.15 -28.79 -5.47
N ASN B 113 5.31 -29.78 -5.22
CA ASN B 113 4.53 -29.83 -4.00
C ASN B 113 4.73 -31.10 -3.18
N THR B 114 5.16 -30.91 -1.94
CA THR B 114 5.46 -32.00 -1.03
C THR B 114 4.27 -32.92 -0.79
N GLY B 115 4.50 -34.22 -0.91
CA GLY B 115 3.45 -35.20 -0.69
C GLY B 115 2.40 -35.13 -1.77
N TYR B 116 2.82 -34.66 -2.94
CA TYR B 116 1.91 -34.55 -4.09
C TYR B 116 2.65 -34.86 -5.39
N SER B 117 3.50 -33.92 -5.83
CA SER B 117 4.31 -34.15 -7.02
C SER B 117 5.65 -34.82 -6.67
N VAL B 118 6.00 -34.76 -5.39
CA VAL B 118 7.16 -35.48 -4.87
C VAL B 118 6.76 -36.13 -3.54
N ASN B 119 7.53 -37.11 -3.09
CA ASN B 119 7.21 -37.79 -1.85
C ASN B 119 7.23 -36.86 -0.65
N GLY B 120 6.35 -37.10 0.32
CA GLY B 120 6.21 -36.24 1.48
C GLY B 120 6.54 -36.90 2.80
N GLY B 121 5.92 -36.40 3.87
CA GLY B 121 6.31 -36.75 5.22
C GLY B 121 5.57 -37.89 5.91
N TYR B 122 4.78 -38.66 5.15
CA TYR B 122 4.17 -39.87 5.70
C TYR B 122 5.21 -40.99 5.70
N GLY B 123 6.43 -40.66 6.12
CA GLY B 123 7.51 -41.64 6.17
C GLY B 123 8.53 -41.23 7.20
N GLU B 124 9.41 -42.16 7.58
CA GLU B 124 10.38 -41.89 8.63
C GLU B 124 11.40 -40.85 8.20
N TYR B 125 11.67 -40.79 6.90
CA TYR B 125 12.60 -39.83 6.34
C TYR B 125 12.05 -39.21 5.07
N VAL B 126 12.46 -37.99 4.77
CA VAL B 126 12.12 -37.35 3.50
C VAL B 126 13.26 -36.46 3.04
N VAL B 127 13.46 -36.40 1.73
CA VAL B 127 14.44 -35.52 1.15
C VAL B 127 13.77 -34.20 0.77
N ALA B 128 14.41 -33.09 1.10
CA ALA B 128 13.82 -31.77 0.90
C ALA B 128 14.80 -30.81 0.25
N ASP B 129 14.27 -29.72 -0.28
CA ASP B 129 15.10 -28.62 -0.77
C ASP B 129 15.28 -27.64 0.38
N PRO B 130 16.54 -27.46 0.83
CA PRO B 130 16.82 -26.65 2.02
C PRO B 130 16.45 -25.18 1.85
N ASN B 131 16.31 -24.72 0.61
CA ASN B 131 15.95 -23.34 0.35
C ASN B 131 14.46 -23.06 0.58
N TYR B 132 13.68 -24.13 0.75
CA TYR B 132 12.22 -23.99 0.88
C TYR B 132 11.65 -24.58 2.16
N VAL B 133 12.48 -25.25 2.95
CA VAL B 133 11.99 -25.81 4.20
C VAL B 133 11.64 -24.68 5.16
N GLY B 134 10.78 -24.98 6.12
CA GLY B 134 10.50 -24.04 7.19
C GLY B 134 11.52 -24.24 8.29
N LEU B 135 12.01 -23.15 8.86
CA LEU B 135 12.92 -23.23 9.99
C LEU B 135 12.11 -23.11 11.27
N LEU B 136 12.08 -24.18 12.05
CA LEU B 136 11.18 -24.27 13.20
C LEU B 136 11.68 -23.54 14.44
N PRO B 137 10.76 -22.95 15.22
CA PRO B 137 11.11 -22.30 16.48
C PRO B 137 11.63 -23.31 17.50
N ASP B 138 12.66 -22.92 18.24
CA ASP B 138 13.27 -23.80 19.23
C ASP B 138 12.25 -24.23 20.28
N LYS B 139 11.36 -23.30 20.63
CA LYS B 139 10.54 -23.42 21.83
C LYS B 139 9.23 -24.18 21.65
N VAL B 140 8.92 -24.61 20.44
CA VAL B 140 7.65 -25.32 20.20
C VAL B 140 7.85 -26.78 19.78
N GLY B 141 7.04 -27.67 20.35
CA GLY B 141 7.13 -29.08 20.08
C GLY B 141 6.81 -29.47 18.65
N PHE B 142 7.32 -30.62 18.22
CA PHE B 142 7.09 -31.12 16.86
C PHE B 142 5.60 -31.34 16.57
N VAL B 143 4.89 -31.94 17.51
CA VAL B 143 3.46 -32.21 17.29
C VAL B 143 2.67 -30.91 17.21
N GLU B 144 2.98 -29.98 18.10
CA GLU B 144 2.27 -28.71 18.17
C GLU B 144 2.49 -27.84 16.93
N ILE B 145 3.71 -27.87 16.39
CA ILE B 145 4.08 -26.96 15.30
C ILE B 145 3.68 -27.48 13.92
N ALA B 146 3.56 -28.80 13.77
CA ALA B 146 3.27 -29.38 12.46
C ALA B 146 2.14 -28.67 11.68
N PRO B 147 0.95 -28.51 12.30
CA PRO B 147 -0.16 -27.91 11.56
C PRO B 147 0.08 -26.44 11.18
N ILE B 148 1.03 -25.79 11.83
CA ILE B 148 1.31 -24.39 11.49
C ILE B 148 1.84 -24.30 10.05
N LEU B 149 2.48 -25.38 9.60
CA LEU B 149 3.03 -25.46 8.25
C LEU B 149 1.95 -25.40 7.17
N CYS B 150 0.70 -25.62 7.57
CA CYS B 150 -0.39 -25.72 6.62
C CYS B 150 -1.57 -24.84 7.03
N ALA B 151 -2.29 -25.26 8.07
CA ALA B 151 -3.37 -24.45 8.63
C ALA B 151 -2.88 -23.06 9.02
N GLY B 152 -1.75 -23.00 9.73
CA GLY B 152 -1.23 -21.74 10.23
C GLY B 152 -0.96 -20.75 9.12
N VAL B 153 -0.07 -21.12 8.21
CA VAL B 153 0.29 -20.21 7.12
C VAL B 153 -0.92 -19.87 6.22
N THR B 154 -1.81 -20.84 6.02
CA THR B 154 -3.01 -20.60 5.22
C THR B 154 -3.89 -19.47 5.78
N VAL B 155 -4.22 -19.55 7.06
CA VAL B 155 -5.09 -18.54 7.66
C VAL B 155 -4.35 -17.22 7.90
N TYR B 156 -3.05 -17.29 8.15
CA TYR B 156 -2.28 -16.07 8.35
C TYR B 156 -2.18 -15.25 7.06
N LYS B 157 -1.80 -15.89 5.97
CA LYS B 157 -1.77 -15.21 4.67
C LYS B 157 -3.18 -14.74 4.30
N GLY B 158 -4.17 -15.58 4.55
CA GLY B 158 -5.56 -15.22 4.29
C GLY B 158 -5.93 -13.92 4.98
N LEU B 159 -5.57 -13.83 6.26
CA LEU B 159 -5.87 -12.62 7.02
C LEU B 159 -5.10 -11.43 6.46
N LYS B 160 -3.85 -11.65 6.07
CA LYS B 160 -3.07 -10.55 5.50
C LYS B 160 -3.77 -9.98 4.25
N VAL B 161 -4.32 -10.85 3.42
CA VAL B 161 -4.90 -10.38 2.17
C VAL B 161 -6.34 -9.86 2.32
N THR B 162 -6.87 -9.82 3.54
CA THR B 162 -8.11 -9.10 3.77
C THR B 162 -7.85 -7.59 3.81
N ASP B 163 -6.57 -7.22 3.75
CA ASP B 163 -6.17 -5.81 3.76
C ASP B 163 -6.77 -5.03 4.93
N THR B 164 -6.82 -5.69 6.08
CA THR B 164 -7.30 -5.04 7.28
C THR B 164 -6.10 -4.55 8.09
N ARG B 165 -6.35 -3.82 9.17
CA ARG B 165 -5.29 -3.36 10.03
C ARG B 165 -5.81 -3.26 11.47
N PRO B 166 -4.89 -3.12 12.44
CA PRO B 166 -5.29 -3.22 13.84
C PRO B 166 -6.46 -2.29 14.19
N GLY B 167 -7.39 -2.80 14.98
CA GLY B 167 -8.55 -2.03 15.39
C GLY B 167 -9.76 -2.30 14.52
N GLN B 168 -9.54 -2.83 13.34
CA GLN B 168 -10.64 -3.13 12.42
C GLN B 168 -11.28 -4.49 12.73
N TRP B 169 -12.47 -4.72 12.18
CA TRP B 169 -13.21 -5.95 12.43
C TRP B 169 -12.95 -6.98 11.34
N VAL B 170 -12.72 -8.23 11.75
CA VAL B 170 -12.71 -9.32 10.81
C VAL B 170 -13.65 -10.42 11.27
N VAL B 171 -14.42 -10.97 10.33
CA VAL B 171 -15.23 -12.15 10.64
C VAL B 171 -14.44 -13.40 10.32
N ILE B 172 -14.38 -14.33 11.27
CA ILE B 172 -13.87 -15.65 10.97
C ILE B 172 -15.07 -16.55 10.77
N SER B 173 -15.31 -16.92 9.51
CA SER B 173 -16.44 -17.75 9.15
C SER B 173 -16.02 -19.21 9.24
N GLY B 174 -16.56 -19.92 10.22
CA GLY B 174 -16.20 -21.31 10.45
C GLY B 174 -15.09 -21.43 11.47
N ILE B 175 -15.41 -22.01 12.62
CA ILE B 175 -14.43 -22.16 13.68
C ILE B 175 -13.99 -23.61 13.80
N GLY B 176 -13.60 -24.20 12.68
CA GLY B 176 -13.18 -25.59 12.64
C GLY B 176 -11.67 -25.73 12.59
N GLY B 177 -11.19 -26.70 11.82
CA GLY B 177 -9.77 -26.97 11.70
C GLY B 177 -8.93 -25.74 11.40
N LEU B 178 -9.34 -24.97 10.41
CA LEU B 178 -8.64 -23.73 10.09
C LEU B 178 -9.09 -22.59 11.00
N GLY B 179 -10.41 -22.47 11.18
CA GLY B 179 -10.99 -21.34 11.88
C GLY B 179 -10.48 -21.09 13.28
N HIS B 180 -10.30 -22.14 14.07
CA HIS B 180 -9.82 -21.96 15.43
C HIS B 180 -8.40 -21.41 15.47
N VAL B 181 -7.62 -21.73 14.44
CA VAL B 181 -6.29 -21.14 14.29
C VAL B 181 -6.38 -19.69 13.83
N ALA B 182 -7.27 -19.41 12.88
CA ALA B 182 -7.45 -18.05 12.36
C ALA B 182 -7.81 -17.04 13.45
N VAL B 183 -8.69 -17.43 14.36
CA VAL B 183 -9.08 -16.52 15.43
C VAL B 183 -7.84 -16.04 16.18
N GLN B 184 -6.92 -16.97 16.44
CA GLN B 184 -5.72 -16.65 17.19
C GLN B 184 -4.77 -15.71 16.44
N TYR B 185 -4.51 -15.99 15.17
CA TYR B 185 -3.71 -15.09 14.35
C TYR B 185 -4.35 -13.70 14.29
N ALA B 186 -5.66 -13.67 14.06
CA ALA B 186 -6.37 -12.40 13.90
C ALA B 186 -6.20 -11.53 15.15
N ARG B 187 -6.38 -12.13 16.32
CA ARG B 187 -6.19 -11.39 17.57
C ARG B 187 -4.77 -10.89 17.74
N ALA B 188 -3.79 -11.75 17.42
CA ALA B 188 -2.39 -11.37 17.50
C ALA B 188 -2.06 -10.26 16.51
N MET B 189 -2.88 -10.12 15.48
CA MET B 189 -2.69 -9.08 14.47
C MET B 189 -3.47 -7.81 14.81
N GLY B 190 -4.04 -7.77 16.01
CA GLY B 190 -4.69 -6.59 16.52
C GLY B 190 -6.10 -6.37 15.99
N LEU B 191 -6.67 -7.40 15.36
CA LEU B 191 -8.03 -7.30 14.82
C LEU B 191 -9.10 -7.61 15.85
N ARG B 192 -10.22 -6.90 15.74
CA ARG B 192 -11.41 -7.27 16.51
C ARG B 192 -12.06 -8.42 15.76
N VAL B 193 -12.36 -9.50 16.47
CA VAL B 193 -12.80 -10.73 15.82
C VAL B 193 -14.27 -11.06 16.09
N ALA B 194 -15.03 -11.25 15.02
CA ALA B 194 -16.38 -11.77 15.13
C ALA B 194 -16.38 -13.21 14.58
N ALA B 195 -16.78 -14.15 15.43
CA ALA B 195 -16.81 -15.56 15.03
C ALA B 195 -18.20 -15.97 14.58
N VAL B 196 -18.28 -16.73 13.49
CA VAL B 196 -19.57 -17.22 13.00
C VAL B 196 -19.50 -18.72 12.73
N ASP B 197 -20.47 -19.45 13.26
CA ASP B 197 -20.52 -20.91 13.12
C ASP B 197 -21.92 -21.35 13.54
N ILE B 198 -22.16 -22.66 13.57
CA ILE B 198 -23.46 -23.16 14.00
C ILE B 198 -23.37 -24.03 15.26
N ASP B 199 -22.16 -24.12 15.81
CA ASP B 199 -21.90 -24.97 16.96
C ASP B 199 -21.57 -24.15 18.21
N ASP B 200 -22.31 -24.38 19.28
CA ASP B 200 -22.13 -23.62 20.52
C ASP B 200 -20.71 -23.72 21.06
N ALA B 201 -20.19 -24.95 21.14
CA ALA B 201 -18.87 -25.18 21.72
C ALA B 201 -17.78 -24.49 20.91
N LYS B 202 -17.92 -24.51 19.58
CA LYS B 202 -16.92 -23.86 18.73
C LYS B 202 -16.95 -22.36 18.92
N LEU B 203 -18.13 -21.79 19.08
CA LEU B 203 -18.27 -20.35 19.33
C LEU B 203 -17.73 -19.96 20.71
N ASN B 204 -17.98 -20.80 21.71
CA ASN B 204 -17.32 -20.62 23.01
C ASN B 204 -15.80 -20.64 22.88
N LEU B 205 -15.28 -21.60 22.13
CA LEU B 205 -13.84 -21.70 21.90
C LEU B 205 -13.34 -20.40 21.27
N ALA B 206 -14.08 -19.92 20.27
CA ALA B 206 -13.73 -18.69 19.57
C ALA B 206 -13.56 -17.54 20.57
N ARG B 207 -14.54 -17.38 21.45
CA ARG B 207 -14.48 -16.32 22.46
C ARG B 207 -13.28 -16.52 23.38
N ARG B 208 -13.02 -17.77 23.77
CA ARG B 208 -11.88 -18.07 24.63
C ARG B 208 -10.58 -17.64 23.95
N LEU B 209 -10.53 -17.83 22.63
CA LEU B 209 -9.35 -17.49 21.84
C LEU B 209 -9.27 -16.01 21.46
N GLY B 210 -10.24 -15.21 21.87
CA GLY B 210 -10.16 -13.77 21.69
C GLY B 210 -11.28 -13.11 20.90
N ALA B 211 -12.19 -13.89 20.33
CA ALA B 211 -13.31 -13.31 19.60
C ALA B 211 -14.15 -12.40 20.50
N GLU B 212 -14.39 -11.19 20.03
CA GLU B 212 -15.15 -10.19 20.78
C GLU B 212 -16.64 -10.49 20.70
N VAL B 213 -17.09 -10.93 19.52
CA VAL B 213 -18.47 -11.34 19.35
C VAL B 213 -18.55 -12.68 18.66
N ALA B 214 -19.62 -13.41 18.94
CA ALA B 214 -19.82 -14.72 18.36
C ALA B 214 -21.29 -14.86 17.99
N VAL B 215 -21.54 -15.22 16.73
CA VAL B 215 -22.91 -15.34 16.25
C VAL B 215 -23.16 -16.77 15.82
N ASN B 216 -24.26 -17.34 16.32
CA ASN B 216 -24.66 -18.66 15.86
C ASN B 216 -25.67 -18.52 14.73
N ALA B 217 -25.26 -18.93 13.53
CA ALA B 217 -26.04 -18.72 12.32
C ALA B 217 -27.30 -19.58 12.27
N ARG B 218 -27.35 -20.60 13.13
CA ARG B 218 -28.55 -21.41 13.24
C ARG B 218 -29.68 -20.57 13.84
N ASP B 219 -29.32 -19.70 14.78
CA ASP B 219 -30.30 -18.96 15.57
C ASP B 219 -30.53 -17.54 15.08
N THR B 220 -29.50 -16.94 14.48
CA THR B 220 -29.63 -15.57 14.02
C THR B 220 -28.93 -15.34 12.69
N ASP B 221 -29.53 -14.49 11.87
CA ASP B 221 -28.95 -14.10 10.58
C ASP B 221 -27.69 -13.29 10.85
N PRO B 222 -26.52 -13.86 10.59
CA PRO B 222 -25.27 -13.18 10.96
C PRO B 222 -25.01 -11.94 10.10
N ALA B 223 -25.49 -11.93 8.86
CA ALA B 223 -25.38 -10.73 8.03
C ALA B 223 -26.16 -9.58 8.66
N ALA B 224 -27.45 -9.82 8.89
CA ALA B 224 -28.30 -8.79 9.48
C ALA B 224 -27.74 -8.30 10.80
N TRP B 225 -27.41 -9.22 11.69
CA TRP B 225 -26.95 -8.89 13.03
C TRP B 225 -25.66 -8.05 13.02
N LEU B 226 -24.68 -8.46 12.22
CA LEU B 226 -23.41 -7.74 12.15
C LEU B 226 -23.56 -6.38 11.48
N GLN B 227 -24.38 -6.29 10.45
CA GLN B 227 -24.65 -5.00 9.80
C GLN B 227 -25.23 -4.03 10.82
N LYS B 228 -26.15 -4.54 11.63
CA LYS B 228 -26.82 -3.72 12.64
C LYS B 228 -25.90 -3.42 13.83
N GLU B 229 -25.07 -4.39 14.21
CA GLU B 229 -24.25 -4.26 15.42
C GLU B 229 -22.92 -3.55 15.23
N ILE B 230 -22.18 -3.89 14.18
CA ILE B 230 -20.84 -3.32 13.99
C ILE B 230 -20.69 -2.58 12.66
N GLY B 231 -21.77 -2.50 11.90
CA GLY B 231 -21.74 -1.85 10.60
C GLY B 231 -21.06 -2.71 9.55
N GLY B 232 -21.01 -4.01 9.81
CA GLY B 232 -20.33 -4.92 8.91
C GLY B 232 -18.85 -5.01 9.23
N ALA B 233 -18.23 -6.07 8.77
CA ALA B 233 -16.82 -6.32 9.07
C ALA B 233 -15.93 -5.82 7.94
N HIS B 234 -14.81 -5.20 8.30
CA HIS B 234 -13.84 -4.75 7.29
C HIS B 234 -13.31 -5.92 6.48
N GLY B 235 -13.15 -7.07 7.12
CA GLY B 235 -12.74 -8.27 6.40
C GLY B 235 -13.53 -9.49 6.80
N VAL B 236 -13.66 -10.44 5.88
CA VAL B 236 -14.24 -11.75 6.19
C VAL B 236 -13.30 -12.84 5.71
N LEU B 237 -12.89 -13.72 6.63
CA LEU B 237 -12.11 -14.89 6.25
C LEU B 237 -13.02 -16.11 6.23
N VAL B 238 -13.26 -16.63 5.04
CA VAL B 238 -14.14 -17.79 4.85
C VAL B 238 -13.30 -19.05 4.86
N THR B 239 -13.36 -19.79 5.97
CA THR B 239 -12.50 -20.96 6.16
C THR B 239 -13.14 -22.25 5.70
N ALA B 240 -14.47 -22.26 5.61
CA ALA B 240 -15.22 -23.37 5.02
C ALA B 240 -15.96 -22.82 3.80
N VAL B 241 -15.39 -22.99 2.62
CA VAL B 241 -15.88 -22.29 1.45
C VAL B 241 -17.02 -23.02 0.76
N SER B 242 -18.24 -22.68 1.15
CA SER B 242 -19.44 -23.23 0.55
C SER B 242 -20.21 -22.09 -0.09
N PRO B 243 -21.19 -22.41 -0.93
CA PRO B 243 -22.05 -21.37 -1.50
C PRO B 243 -22.71 -20.53 -0.41
N LYS B 244 -23.22 -21.16 0.63
CA LYS B 244 -23.89 -20.42 1.70
C LYS B 244 -22.95 -19.48 2.45
N ALA B 245 -21.76 -19.98 2.77
CA ALA B 245 -20.77 -19.16 3.47
C ALA B 245 -20.34 -17.98 2.60
N PHE B 246 -20.21 -18.23 1.30
CA PHE B 246 -19.87 -17.17 0.35
C PHE B 246 -20.93 -16.09 0.35
N SER B 247 -22.19 -16.47 0.16
CA SER B 247 -23.27 -15.47 0.12
C SER B 247 -23.38 -14.73 1.45
N GLN B 248 -23.21 -15.44 2.55
CA GLN B 248 -23.26 -14.77 3.86
C GLN B 248 -22.08 -13.82 4.07
N ALA B 249 -20.91 -14.16 3.54
CA ALA B 249 -19.74 -13.29 3.63
C ALA B 249 -20.04 -11.94 2.97
N ILE B 250 -20.65 -11.99 1.79
CA ILE B 250 -21.05 -10.78 1.09
C ILE B 250 -22.02 -9.94 1.93
N GLY B 251 -22.91 -10.61 2.64
CA GLY B 251 -23.85 -9.93 3.53
C GLY B 251 -23.21 -9.34 4.78
N MET B 252 -22.15 -9.99 5.26
CA MET B 252 -21.52 -9.58 6.51
C MET B 252 -20.48 -8.47 6.34
N VAL B 253 -19.89 -8.38 5.15
CA VAL B 253 -18.79 -7.46 4.94
C VAL B 253 -19.35 -6.04 4.84
N ARG B 254 -18.61 -5.07 5.34
CA ARG B 254 -19.06 -3.69 5.20
C ARG B 254 -18.66 -3.16 3.83
N ARG B 255 -19.23 -2.04 3.43
CA ARG B 255 -18.85 -1.44 2.15
C ARG B 255 -17.35 -1.21 2.14
N GLY B 256 -16.72 -1.47 0.99
CA GLY B 256 -15.29 -1.29 0.85
C GLY B 256 -14.45 -2.40 1.46
N GLY B 257 -15.10 -3.39 2.06
CA GLY B 257 -14.40 -4.48 2.72
C GLY B 257 -13.88 -5.56 1.78
N THR B 258 -13.17 -6.53 2.35
CA THR B 258 -12.56 -7.60 1.56
C THR B 258 -12.92 -8.97 2.11
N ILE B 259 -13.32 -9.86 1.19
CA ILE B 259 -13.61 -11.25 1.51
C ILE B 259 -12.49 -12.13 1.00
N ALA B 260 -11.90 -12.91 1.90
CA ALA B 260 -10.85 -13.85 1.52
C ALA B 260 -11.35 -15.29 1.65
N LEU B 261 -11.31 -16.02 0.53
CA LEU B 261 -11.74 -17.40 0.50
C LEU B 261 -10.55 -18.33 0.75
N ASN B 262 -10.58 -19.01 1.89
CA ASN B 262 -9.43 -19.79 2.37
C ASN B 262 -9.43 -21.26 1.96
N GLY B 263 -10.11 -21.60 0.86
CA GLY B 263 -10.23 -22.99 0.45
C GLY B 263 -10.63 -23.18 -1.00
N LEU B 264 -10.56 -24.42 -1.48
CA LEU B 264 -10.85 -24.74 -2.88
C LEU B 264 -12.16 -25.49 -3.05
N PRO B 265 -13.30 -24.77 -3.04
CA PRO B 265 -14.57 -25.47 -3.20
C PRO B 265 -14.77 -25.95 -4.63
N PRO B 266 -15.61 -26.99 -4.82
CA PRO B 266 -15.94 -27.43 -6.18
C PRO B 266 -17.08 -26.59 -6.74
N GLY B 267 -17.08 -26.41 -8.05
CA GLY B 267 -18.20 -25.76 -8.72
C GLY B 267 -18.27 -24.26 -8.55
N ASP B 268 -18.93 -23.61 -9.52
CA ASP B 268 -19.08 -22.16 -9.52
C ASP B 268 -19.99 -21.71 -8.39
N PHE B 269 -19.68 -20.54 -7.83
CA PHE B 269 -20.58 -19.88 -6.90
C PHE B 269 -21.30 -18.79 -7.66
N GLY B 270 -22.52 -18.48 -7.23
CA GLY B 270 -23.24 -17.36 -7.78
C GLY B 270 -22.79 -16.08 -7.11
N THR B 271 -22.25 -15.16 -7.89
CA THR B 271 -21.81 -13.89 -7.34
C THR B 271 -22.77 -12.78 -7.76
N PRO B 272 -23.41 -12.12 -6.78
CA PRO B 272 -24.30 -10.99 -7.05
C PRO B 272 -23.49 -9.77 -7.40
N ILE B 273 -23.19 -9.60 -8.70
CA ILE B 273 -22.36 -8.51 -9.17
C ILE B 273 -22.84 -7.15 -8.69
N PHE B 274 -24.16 -6.95 -8.74
CA PHE B 274 -24.75 -5.67 -8.38
C PHE B 274 -24.26 -5.20 -7.02
N ASP B 275 -24.38 -6.08 -6.03
CA ASP B 275 -23.99 -5.78 -4.66
C ASP B 275 -22.49 -5.61 -4.53
N VAL B 276 -21.74 -6.46 -5.20
CA VAL B 276 -20.30 -6.37 -5.18
C VAL B 276 -19.85 -5.00 -5.71
N VAL B 277 -20.45 -4.57 -6.82
CA VAL B 277 -20.09 -3.30 -7.41
C VAL B 277 -20.56 -2.12 -6.56
N LEU B 278 -21.83 -2.13 -6.18
CA LEU B 278 -22.38 -1.05 -5.37
C LEU B 278 -21.66 -0.88 -4.04
N LYS B 279 -21.32 -1.99 -3.40
CA LYS B 279 -20.67 -1.96 -2.08
C LYS B 279 -19.16 -1.79 -2.17
N GLY B 280 -18.60 -1.86 -3.39
CA GLY B 280 -17.17 -1.72 -3.57
C GLY B 280 -16.40 -2.83 -2.86
N ILE B 281 -16.92 -4.04 -2.94
CA ILE B 281 -16.35 -5.20 -2.24
C ILE B 281 -15.22 -5.82 -3.04
N THR B 282 -14.24 -6.36 -2.32
CA THR B 282 -13.15 -7.12 -2.92
C THR B 282 -13.28 -8.60 -2.56
N ILE B 283 -13.14 -9.47 -3.54
CA ILE B 283 -13.15 -10.90 -3.29
C ILE B 283 -11.86 -11.53 -3.79
N ARG B 284 -11.19 -12.30 -2.94
CA ARG B 284 -9.99 -13.00 -3.38
C ARG B 284 -9.83 -14.34 -2.68
N GLY B 285 -9.04 -15.21 -3.29
CA GLY B 285 -8.77 -16.50 -2.71
C GLY B 285 -7.40 -16.50 -2.10
N SER B 286 -7.20 -17.33 -1.07
CA SER B 286 -5.90 -17.45 -0.45
C SER B 286 -5.74 -18.83 0.14
N ILE B 287 -4.75 -19.56 -0.37
CA ILE B 287 -4.43 -20.88 0.15
C ILE B 287 -2.92 -20.96 0.36
N VAL B 288 -2.51 -21.59 1.45
CA VAL B 288 -1.10 -21.62 1.87
C VAL B 288 -0.42 -20.26 1.78
N GLY B 289 0.88 -20.26 1.46
CA GLY B 289 1.64 -19.03 1.46
C GLY B 289 3.09 -19.17 1.06
N THR B 290 3.78 -18.04 1.01
CA THR B 290 5.18 -17.99 0.60
C THR B 290 6.11 -18.39 1.74
N ARG B 291 7.40 -18.50 1.44
CA ARG B 291 8.38 -18.80 2.48
C ARG B 291 8.35 -17.70 3.55
N SER B 292 8.21 -16.47 3.09
CA SER B 292 8.13 -15.35 4.02
C SER B 292 6.90 -15.48 4.91
N ASP B 293 5.75 -15.81 4.30
CA ASP B 293 4.52 -16.01 5.07
C ASP B 293 4.72 -17.12 6.10
N LEU B 294 5.35 -18.21 5.68
CA LEU B 294 5.58 -19.36 6.55
C LEU B 294 6.42 -18.98 7.76
N GLN B 295 7.54 -18.30 7.52
CA GLN B 295 8.39 -17.88 8.63
C GLN B 295 7.63 -16.97 9.59
N GLU B 296 6.87 -16.03 9.04
CA GLU B 296 6.07 -15.13 9.87
C GLU B 296 5.05 -15.91 10.69
N SER B 297 4.41 -16.89 10.05
CA SER B 297 3.41 -17.72 10.72
C SER B 297 4.02 -18.49 11.89
N LEU B 298 5.22 -19.02 11.69
CA LEU B 298 5.92 -19.77 12.72
C LEU B 298 6.30 -18.87 13.90
N ASP B 299 6.74 -17.64 13.60
CA ASP B 299 7.12 -16.70 14.64
C ASP B 299 5.96 -16.42 15.61
N PHE B 300 4.74 -16.36 15.10
CA PHE B 300 3.58 -16.15 15.96
C PHE B 300 3.39 -17.32 16.93
N ALA B 301 3.64 -18.53 16.45
CA ALA B 301 3.57 -19.71 17.31
C ALA B 301 4.66 -19.65 18.36
N ALA B 302 5.88 -19.30 17.94
CA ALA B 302 7.02 -19.21 18.85
C ALA B 302 6.78 -18.19 19.95
N HIS B 303 6.03 -17.15 19.63
CA HIS B 303 5.79 -16.06 20.55
C HIS B 303 4.66 -16.39 21.52
N GLY B 304 4.04 -17.56 21.34
CA GLY B 304 2.96 -18.02 22.19
C GLY B 304 1.58 -17.52 21.81
N ASP B 305 1.47 -16.84 20.68
CA ASP B 305 0.20 -16.23 20.27
C ASP B 305 -0.77 -17.23 19.64
N VAL B 306 -0.24 -18.32 19.11
CA VAL B 306 -1.05 -19.26 18.36
C VAL B 306 -0.68 -20.69 18.75
N LYS B 307 -1.71 -21.49 19.03
CA LYS B 307 -1.52 -22.90 19.37
C LYS B 307 -2.67 -23.68 18.75
N ALA B 308 -2.34 -24.57 17.81
CA ALA B 308 -3.38 -25.37 17.17
C ALA B 308 -3.91 -26.45 18.11
N THR B 309 -5.18 -26.80 17.95
CA THR B 309 -5.73 -27.99 18.59
C THR B 309 -5.18 -29.20 17.88
N VAL B 310 -4.46 -30.05 18.61
CA VAL B 310 -3.84 -31.22 17.99
C VAL B 310 -4.08 -32.49 18.80
N SER B 311 -4.39 -33.57 18.09
CA SER B 311 -4.38 -34.89 18.69
C SER B 311 -3.58 -35.81 17.77
N THR B 312 -2.98 -36.85 18.34
CA THR B 312 -2.02 -37.64 17.60
C THR B 312 -2.60 -38.97 17.11
N ALA B 313 -1.90 -39.58 16.17
CA ALA B 313 -2.21 -40.91 15.67
C ALA B 313 -0.90 -41.52 15.18
N LYS B 314 -0.88 -42.84 14.99
CA LYS B 314 0.34 -43.50 14.51
C LYS B 314 0.25 -43.71 13.00
N LEU B 315 1.42 -43.72 12.35
CA LEU B 315 1.50 -43.96 10.92
C LEU B 315 0.64 -45.16 10.51
N ASP B 316 0.76 -46.24 11.26
CA ASP B 316 0.03 -47.48 10.95
C ASP B 316 -1.47 -47.24 10.82
N ASP B 317 -1.99 -46.23 11.51
CA ASP B 317 -3.41 -46.01 11.60
C ASP B 317 -3.91 -44.91 10.64
N VAL B 318 -3.11 -44.61 9.62
CA VAL B 318 -3.40 -43.51 8.70
C VAL B 318 -4.76 -43.65 8.00
N ASN B 319 -5.16 -44.89 7.70
CA ASN B 319 -6.44 -45.08 7.01
C ASN B 319 -7.63 -44.75 7.90
N ASP B 320 -7.50 -45.05 9.19
CA ASP B 320 -8.54 -44.67 10.15
C ASP B 320 -8.66 -43.14 10.21
N VAL B 321 -7.53 -42.46 10.24
CA VAL B 321 -7.53 -41.00 10.27
C VAL B 321 -8.20 -40.44 9.03
N PHE B 322 -7.86 -40.99 7.87
CA PHE B 322 -8.49 -40.58 6.63
C PHE B 322 -10.00 -40.77 6.74
N GLY B 323 -10.40 -41.91 7.30
CA GLY B 323 -11.80 -42.21 7.51
C GLY B 323 -12.50 -41.15 8.34
N ARG B 324 -11.90 -40.78 9.46
CA ARG B 324 -12.49 -39.78 10.36
C ARG B 324 -12.59 -38.41 9.70
N LEU B 325 -11.57 -38.03 8.94
CA LEU B 325 -11.61 -36.77 8.21
C LEU B 325 -12.75 -36.78 7.21
N ARG B 326 -12.86 -37.89 6.48
CA ARG B 326 -13.89 -38.04 5.47
C ARG B 326 -15.29 -37.96 6.09
N GLU B 327 -15.45 -38.55 7.28
CA GLU B 327 -16.73 -38.51 7.99
C GLU B 327 -17.03 -37.14 8.57
N GLY B 328 -16.01 -36.30 8.67
CA GLY B 328 -16.15 -34.99 9.29
C GLY B 328 -16.21 -35.11 10.80
N LYS B 329 -15.59 -36.16 11.33
CA LYS B 329 -15.63 -36.44 12.76
C LYS B 329 -14.34 -36.04 13.47
N VAL B 330 -13.58 -35.13 12.87
CA VAL B 330 -12.34 -34.67 13.49
C VAL B 330 -12.49 -33.27 14.06
N GLU B 331 -12.23 -33.14 15.35
CA GLU B 331 -12.19 -31.84 16.01
C GLU B 331 -10.73 -31.42 16.12
N GLY B 332 -10.40 -30.24 15.58
CA GLY B 332 -9.04 -29.76 15.58
C GLY B 332 -8.24 -30.33 14.42
N ARG B 333 -6.95 -30.55 14.63
CA ARG B 333 -6.09 -31.12 13.61
C ARG B 333 -5.51 -32.45 14.10
N VAL B 334 -5.25 -33.38 13.17
CA VAL B 334 -4.59 -34.63 13.53
C VAL B 334 -3.16 -34.65 13.02
N VAL B 335 -2.25 -35.13 13.86
CA VAL B 335 -0.82 -35.17 13.52
C VAL B 335 -0.27 -36.56 13.84
N LEU B 336 0.40 -37.16 12.85
CA LEU B 336 1.03 -38.45 13.08
C LEU B 336 2.25 -38.27 13.97
N ASP B 337 2.36 -39.08 15.00
CA ASP B 337 3.47 -38.96 15.94
C ASP B 337 4.46 -40.08 15.69
N PHE B 338 5.70 -39.71 15.36
CA PHE B 338 6.74 -40.68 15.05
C PHE B 338 7.67 -40.91 16.24
N SER B 339 7.40 -40.24 17.35
CA SER B 339 8.22 -40.37 18.55
C SER B 339 8.15 -41.79 19.11
N ALA C 1 -22.49 34.58 32.84
CA ALA C 1 -21.89 35.26 31.69
C ALA C 1 -20.38 35.16 31.75
N MET C 2 -19.84 34.81 32.91
CA MET C 2 -18.40 34.77 33.12
C MET C 2 -17.91 33.36 33.42
N MET C 3 -16.59 33.18 33.38
CA MET C 3 -15.97 31.90 33.66
C MET C 3 -14.50 32.12 33.98
N LYS C 4 -13.89 31.16 34.67
CA LYS C 4 -12.45 31.23 34.89
C LYS C 4 -11.73 30.71 33.65
N ALA C 5 -10.53 31.23 33.42
CA ALA C 5 -9.69 30.79 32.32
C ALA C 5 -8.26 31.24 32.52
N ALA C 6 -7.31 30.36 32.22
CA ALA C 6 -5.91 30.73 32.24
C ALA C 6 -5.59 31.41 30.91
N VAL C 7 -5.08 32.63 30.98
CA VAL C 7 -4.90 33.43 29.79
C VAL C 7 -3.43 33.85 29.62
N VAL C 8 -2.93 33.70 28.41
CA VAL C 8 -1.62 34.22 28.05
C VAL C 8 -1.82 35.64 27.53
N ARG C 9 -1.18 36.61 28.16
CA ARG C 9 -1.33 38.00 27.73
C ARG C 9 -0.01 38.58 27.25
N ALA C 10 1.09 37.94 27.64
CA ALA C 10 2.43 38.31 27.19
C ALA C 10 3.23 37.05 26.99
N PHE C 11 3.94 36.96 25.87
CA PHE C 11 4.76 35.79 25.61
C PHE C 11 5.86 35.67 26.64
N GLY C 12 6.03 34.47 27.18
CA GLY C 12 7.06 34.22 28.19
C GLY C 12 6.59 34.57 29.60
N ALA C 13 5.46 35.27 29.70
CA ALA C 13 4.96 35.71 31.00
C ALA C 13 4.10 34.64 31.66
N PRO C 14 4.04 34.64 32.99
CA PRO C 14 3.19 33.64 33.66
C PRO C 14 1.74 33.83 33.24
N LEU C 15 1.01 32.73 33.08
CA LEU C 15 -0.40 32.83 32.74
C LEU C 15 -1.16 33.47 33.89
N THR C 16 -2.25 34.15 33.56
CA THR C 16 -3.10 34.76 34.58
C THR C 16 -4.46 34.06 34.62
N ILE C 17 -4.91 33.69 35.81
CA ILE C 17 -6.23 33.09 35.95
C ILE C 17 -7.27 34.21 36.06
N ASP C 18 -8.00 34.44 34.97
CA ASP C 18 -8.90 35.58 34.88
C ASP C 18 -10.36 35.17 34.80
N GLU C 19 -11.23 36.16 35.03
CA GLU C 19 -12.66 35.99 34.83
C GLU C 19 -12.99 36.57 33.46
N VAL C 20 -13.45 35.72 32.56
CA VAL C 20 -13.70 36.13 31.17
C VAL C 20 -15.09 35.71 30.72
N PRO C 21 -15.60 36.36 29.65
CA PRO C 21 -16.92 36.01 29.13
C PRO C 21 -16.99 34.56 28.69
N VAL C 22 -18.14 33.92 28.92
CA VAL C 22 -18.38 32.59 28.41
C VAL C 22 -18.71 32.69 26.93
N PRO C 23 -17.94 31.99 26.08
CA PRO C 23 -18.09 32.05 24.62
C PRO C 23 -19.39 31.41 24.15
N GLN C 24 -20.07 32.05 23.20
CA GLN C 24 -21.36 31.57 22.70
C GLN C 24 -21.27 31.03 21.28
N PRO C 25 -21.83 29.83 21.05
CA PRO C 25 -21.81 29.17 19.73
C PRO C 25 -22.73 29.85 18.72
N GLY C 26 -22.18 30.22 17.58
CA GLY C 26 -22.95 30.74 16.47
C GLY C 26 -23.45 29.60 15.60
N PRO C 27 -23.86 29.92 14.36
CA PRO C 27 -24.33 28.89 13.43
C PRO C 27 -23.25 27.86 13.15
N GLY C 28 -23.58 26.58 13.32
CA GLY C 28 -22.65 25.50 13.00
C GLY C 28 -21.61 25.25 14.08
N GLN C 29 -21.70 25.99 15.17
CA GLN C 29 -20.78 25.82 16.29
C GLN C 29 -21.47 25.14 17.46
N VAL C 30 -20.67 24.59 18.37
CA VAL C 30 -21.18 24.09 19.64
C VAL C 30 -20.36 24.63 20.80
N GLN C 31 -20.93 24.53 21.99
CA GLN C 31 -20.26 24.96 23.20
C GLN C 31 -19.95 23.73 24.02
N VAL C 32 -18.76 23.69 24.62
CA VAL C 32 -18.37 22.55 25.44
C VAL C 32 -18.02 23.00 26.85
N LYS C 33 -18.60 22.34 27.84
CA LYS C 33 -18.18 22.55 29.22
C LYS C 33 -17.04 21.60 29.55
N ILE C 34 -15.89 22.17 29.89
CA ILE C 34 -14.68 21.41 30.12
C ILE C 34 -14.69 20.75 31.50
N GLU C 35 -14.41 19.45 31.52
CA GLU C 35 -14.34 18.70 32.77
C GLU C 35 -12.91 18.36 33.15
N ALA C 36 -12.08 18.16 32.13
CA ALA C 36 -10.65 17.96 32.35
C ALA C 36 -9.88 18.49 31.14
N SER C 37 -8.64 18.92 31.37
CA SER C 37 -7.87 19.59 30.34
C SER C 37 -6.40 19.23 30.42
N GLY C 38 -5.94 18.40 29.48
CA GLY C 38 -4.55 17.96 29.48
C GLY C 38 -3.57 19.07 29.19
N VAL C 39 -2.39 18.98 29.80
CA VAL C 39 -1.31 19.92 29.55
C VAL C 39 -0.12 19.19 28.94
N CYS C 40 0.59 19.84 28.03
CA CYS C 40 1.82 19.29 27.50
C CYS C 40 2.76 20.40 27.03
N HIS C 41 3.95 20.02 26.58
CA HIS C 41 4.97 20.98 26.18
C HIS C 41 4.50 21.94 25.07
N THR C 42 3.58 21.49 24.23
CA THR C 42 3.08 22.35 23.16
C THR C 42 2.46 23.61 23.76
N ASP C 43 1.87 23.48 24.93
CA ASP C 43 1.27 24.63 25.61
C ASP C 43 2.36 25.62 26.03
N LEU C 44 3.51 25.11 26.45
CA LEU C 44 4.65 25.96 26.82
C LEU C 44 5.10 26.76 25.60
N HIS C 45 5.21 26.09 24.47
CA HIS C 45 5.62 26.75 23.23
C HIS C 45 4.62 27.81 22.80
N ALA C 46 3.33 27.52 22.97
CA ALA C 46 2.28 28.48 22.71
C ALA C 46 2.46 29.70 23.61
N ALA C 47 2.61 29.45 24.91
CA ALA C 47 2.75 30.53 25.89
C ALA C 47 4.04 31.34 25.71
N ASP C 48 5.11 30.66 25.28
CA ASP C 48 6.40 31.31 25.06
C ASP C 48 6.46 32.05 23.72
N GLY C 49 5.59 31.67 22.80
CA GLY C 49 5.58 32.23 21.47
C GLY C 49 6.92 32.10 20.76
N ASP C 50 7.50 30.91 20.78
CA ASP C 50 8.83 30.71 20.19
C ASP C 50 8.83 29.92 18.88
N TRP C 51 7.64 29.61 18.36
CA TRP C 51 7.53 28.95 17.07
C TRP C 51 7.37 29.99 15.97
N PRO C 52 7.78 29.65 14.74
CA PRO C 52 7.72 30.60 13.62
C PRO C 52 6.36 31.29 13.53
N VAL C 53 5.29 30.50 13.48
CA VAL C 53 3.94 31.05 13.47
C VAL C 53 3.39 31.07 14.89
N LYS C 54 3.04 32.25 15.37
CA LYS C 54 2.70 32.42 16.78
C LYS C 54 1.21 32.62 17.02
N PRO C 55 0.76 32.35 18.26
CA PRO C 55 -0.62 32.65 18.64
C PRO C 55 -0.82 34.16 18.62
N THR C 56 -2.07 34.60 18.57
CA THR C 56 -2.40 36.02 18.73
C THR C 56 -2.75 36.28 20.19
N LEU C 57 -2.12 37.27 20.79
CA LEU C 57 -2.40 37.62 22.18
C LEU C 57 -3.62 38.55 22.26
N PRO C 58 -4.42 38.41 23.32
CA PRO C 58 -4.29 37.36 24.33
C PRO C 58 -5.06 36.11 23.91
N PHE C 59 -4.74 34.96 24.50
CA PHE C 59 -5.45 33.73 24.16
C PHE C 59 -5.46 32.74 25.32
N ILE C 60 -6.38 31.79 25.25
CA ILE C 60 -6.49 30.72 26.22
C ILE C 60 -5.95 29.45 25.59
N PRO C 61 -4.88 28.86 26.16
CA PRO C 61 -4.29 27.64 25.63
C PRO C 61 -5.17 26.42 25.89
N GLY C 62 -4.69 25.23 25.53
CA GLY C 62 -5.38 24.00 25.85
C GLY C 62 -6.00 23.31 24.64
N HIS C 63 -5.35 22.23 24.20
CA HIS C 63 -5.84 21.45 23.07
C HIS C 63 -6.12 20.01 23.51
N GLU C 64 -6.37 19.84 24.80
CA GLU C 64 -6.68 18.52 25.33
C GLU C 64 -7.87 18.63 26.27
N GLY C 65 -8.78 19.52 25.93
CA GLY C 65 -9.99 19.72 26.71
C GLY C 65 -11.07 18.71 26.38
N VAL C 66 -11.66 18.12 27.42
CA VAL C 66 -12.75 17.17 27.24
C VAL C 66 -13.92 17.57 28.14
N GLY C 67 -15.13 17.27 27.72
CA GLY C 67 -16.31 17.61 28.51
C GLY C 67 -17.63 17.30 27.83
N TYR C 68 -18.66 18.05 28.21
CA TYR C 68 -20.01 17.85 27.68
C TYR C 68 -20.41 18.97 26.72
N VAL C 69 -21.12 18.60 25.66
CA VAL C 69 -21.76 19.59 24.80
C VAL C 69 -22.83 20.30 25.63
N SER C 70 -22.62 21.59 25.87
CA SER C 70 -23.50 22.35 26.75
C SER C 70 -24.45 23.27 25.99
N ALA C 71 -24.23 23.39 24.68
CA ALA C 71 -25.09 24.21 23.82
C ALA C 71 -24.81 23.91 22.36
N VAL C 72 -25.79 24.17 21.50
CA VAL C 72 -25.66 23.87 20.08
C VAL C 72 -26.22 24.97 19.19
N GLY C 73 -25.39 25.48 18.28
CA GLY C 73 -25.84 26.44 17.29
C GLY C 73 -26.68 25.75 16.22
N SER C 74 -27.21 26.53 15.29
CA SER C 74 -28.07 25.97 14.25
C SER C 74 -27.27 25.12 13.27
N GLY C 75 -27.97 24.25 12.55
CA GLY C 75 -27.35 23.42 11.54
C GLY C 75 -26.27 22.50 12.07
N VAL C 76 -26.51 21.93 13.25
CA VAL C 76 -25.58 20.98 13.85
C VAL C 76 -26.25 19.63 14.02
N SER C 77 -25.69 18.59 13.38
CA SER C 77 -26.32 17.27 13.41
C SER C 77 -25.42 16.19 14.03
N ARG C 78 -24.12 16.43 14.07
CA ARG C 78 -23.19 15.41 14.54
C ARG C 78 -23.26 15.17 16.04
N VAL C 79 -23.51 16.23 16.81
CA VAL C 79 -23.58 16.11 18.26
C VAL C 79 -24.78 16.88 18.83
N LYS C 80 -25.11 16.59 20.07
CA LYS C 80 -26.22 17.24 20.77
C LYS C 80 -25.84 17.41 22.24
N GLU C 81 -26.62 18.19 22.97
CA GLU C 81 -26.36 18.42 24.39
C GLU C 81 -26.15 17.12 25.17
N GLY C 82 -25.19 17.12 26.06
CA GLY C 82 -24.92 15.96 26.91
C GLY C 82 -23.81 15.07 26.40
N ASP C 83 -23.60 15.06 25.08
CA ASP C 83 -22.56 14.25 24.48
C ASP C 83 -21.19 14.59 25.05
N ARG C 84 -20.40 13.56 25.31
CA ARG C 84 -19.04 13.75 25.82
C ARG C 84 -18.09 13.87 24.63
N VAL C 85 -17.43 15.02 24.52
CA VAL C 85 -16.56 15.29 23.39
C VAL C 85 -15.23 15.87 23.84
N GLY C 86 -14.26 15.85 22.94
CA GLY C 86 -12.98 16.48 23.18
C GLY C 86 -12.72 17.51 22.10
N VAL C 87 -11.91 18.52 22.40
CA VAL C 87 -11.58 19.54 21.42
C VAL C 87 -10.08 19.51 21.18
N PRO C 88 -9.65 18.74 20.16
CA PRO C 88 -8.21 18.50 19.98
C PRO C 88 -7.52 19.59 19.18
N TRP C 89 -6.21 19.43 19.02
CA TRP C 89 -5.35 20.38 18.33
C TRP C 89 -5.96 20.87 17.01
N LEU C 90 -6.47 19.95 16.22
CA LEU C 90 -7.11 20.31 14.96
C LEU C 90 -8.53 20.82 15.22
N TYR C 91 -8.64 22.13 15.38
CA TYR C 91 -9.92 22.77 15.67
C TYR C 91 -10.85 22.72 14.47
N SER C 92 -10.31 23.00 13.29
CA SER C 92 -11.06 22.93 12.05
C SER C 92 -10.08 22.87 10.88
N ALA C 93 -10.57 22.41 9.74
CA ALA C 93 -9.81 22.46 8.49
C ALA C 93 -10.80 22.88 7.41
N CYS C 94 -10.31 23.23 6.22
CA CYS C 94 -11.20 23.81 5.21
C CYS C 94 -12.18 22.77 4.65
N GLY C 95 -11.73 21.53 4.50
CA GLY C 95 -12.61 20.43 4.13
C GLY C 95 -12.67 20.11 2.65
N TYR C 96 -12.04 20.92 1.82
CA TYR C 96 -12.13 20.71 0.37
C TYR C 96 -10.82 20.87 -0.41
N CYS C 97 -9.73 21.18 0.28
CA CYS C 97 -8.42 21.28 -0.39
C CYS C 97 -7.93 19.88 -0.73
N GLU C 98 -6.86 19.79 -1.50
CA GLU C 98 -6.32 18.49 -1.90
C GLU C 98 -6.11 17.57 -0.71
N HIS C 99 -5.52 18.09 0.36
CA HIS C 99 -5.24 17.29 1.54
C HIS C 99 -6.51 16.86 2.28
N CYS C 100 -7.45 17.79 2.43
CA CYS C 100 -8.70 17.50 3.12
C CYS C 100 -9.52 16.45 2.38
N LEU C 101 -9.57 16.55 1.05
CA LEU C 101 -10.31 15.61 0.24
C LEU C 101 -9.77 14.20 0.34
N GLN C 102 -8.46 14.09 0.60
CA GLN C 102 -7.81 12.78 0.70
C GLN C 102 -7.73 12.25 2.13
N GLY C 103 -8.45 12.90 3.05
CA GLY C 103 -8.43 12.49 4.45
C GLY C 103 -7.11 12.75 5.15
N TRP C 104 -6.36 13.72 4.65
CA TRP C 104 -5.13 14.17 5.30
C TRP C 104 -5.30 15.60 5.82
N GLU C 105 -6.40 15.84 6.51
CA GLU C 105 -6.74 17.20 6.95
C GLU C 105 -5.70 17.82 7.88
N THR C 106 -4.79 17.02 8.44
CA THR C 106 -3.72 17.55 9.28
C THR C 106 -2.76 18.44 8.48
N LEU C 107 -2.78 18.28 7.16
CA LEU C 107 -1.88 19.07 6.31
C LEU C 107 -2.58 20.31 5.78
N CYS C 108 -3.85 20.49 6.14
CA CYS C 108 -4.60 21.64 5.64
C CYS C 108 -3.92 22.96 6.01
N GLU C 109 -3.64 23.78 5.00
CA GLU C 109 -2.99 25.07 5.22
C GLU C 109 -3.94 26.05 5.90
N LYS C 110 -5.23 25.78 5.84
CA LYS C 110 -6.22 26.70 6.40
C LYS C 110 -6.72 26.25 7.77
N GLN C 111 -6.06 25.27 8.37
CA GLN C 111 -6.53 24.73 9.64
C GLN C 111 -6.41 25.74 10.76
N GLN C 112 -7.32 25.65 11.72
CA GLN C 112 -7.23 26.39 12.98
C GLN C 112 -6.79 25.42 14.07
N ASN C 113 -6.06 25.91 15.06
CA ASN C 113 -5.56 25.05 16.12
C ASN C 113 -6.01 25.47 17.51
N THR C 114 -6.63 24.52 18.21
CA THR C 114 -7.23 24.78 19.51
C THR C 114 -6.17 25.21 20.53
N GLY C 115 -6.46 26.29 21.24
CA GLY C 115 -5.56 26.77 22.28
C GLY C 115 -4.28 27.32 21.69
N TYR C 116 -4.37 27.78 20.45
CA TYR C 116 -3.21 28.34 19.76
C TYR C 116 -3.66 29.50 18.86
N SER C 117 -4.39 29.18 17.80
CA SER C 117 -4.91 30.22 16.91
C SER C 117 -6.33 30.63 17.30
N VAL C 118 -7.01 29.76 18.05
CA VAL C 118 -8.30 30.09 18.65
C VAL C 118 -8.27 29.68 20.13
N ASN C 119 -9.16 30.23 20.92
CA ASN C 119 -9.17 29.90 22.35
C ASN C 119 -9.42 28.42 22.63
N GLY C 120 -8.78 27.91 23.69
CA GLY C 120 -8.77 26.49 23.95
C GLY C 120 -9.36 26.05 25.28
N GLY C 121 -8.84 24.94 25.81
CA GLY C 121 -9.46 24.25 26.91
C GLY C 121 -9.01 24.63 28.32
N TYR C 122 -8.16 25.64 28.42
CA TYR C 122 -7.78 26.13 29.76
C TYR C 122 -8.86 27.06 30.30
N GLY C 123 -10.10 26.85 29.87
CA GLY C 123 -11.23 27.62 30.34
C GLY C 123 -12.39 26.71 30.69
N GLU C 124 -13.32 27.20 31.49
CA GLU C 124 -14.48 26.41 31.91
C GLU C 124 -15.34 26.01 30.73
N TYR C 125 -15.40 26.88 29.73
CA TYR C 125 -16.16 26.62 28.52
C TYR C 125 -15.33 26.95 27.29
N VAL C 126 -15.65 26.30 26.18
CA VAL C 126 -14.99 26.61 24.92
C VAL C 126 -15.98 26.35 23.78
N VAL C 127 -15.95 27.20 22.76
CA VAL C 127 -16.76 26.98 21.57
C VAL C 127 -15.95 26.17 20.55
N ALA C 128 -16.57 25.15 19.99
CA ALA C 128 -15.87 24.26 19.07
C ALA C 128 -16.65 24.03 17.78
N ASP C 129 -15.93 23.49 16.79
CA ASP C 129 -16.55 23.08 15.53
C ASP C 129 -16.93 21.62 15.65
N PRO C 130 -18.25 21.32 15.60
CA PRO C 130 -18.73 19.96 15.84
C PRO C 130 -18.19 18.94 14.83
N ASN C 131 -17.81 19.40 13.65
CA ASN C 131 -17.28 18.50 12.63
C ASN C 131 -15.88 17.97 12.96
N TYR C 132 -15.21 18.59 13.94
CA TYR C 132 -13.82 18.24 14.23
C TYR C 132 -13.56 17.78 15.67
N VAL C 133 -14.58 17.85 16.52
CA VAL C 133 -14.40 17.40 17.89
C VAL C 133 -14.19 15.89 17.92
N GLY C 134 -13.58 15.40 18.99
CA GLY C 134 -13.44 13.97 19.18
C GLY C 134 -14.64 13.46 19.95
N LEU C 135 -15.21 12.34 19.50
CA LEU C 135 -16.34 11.73 20.19
C LEU C 135 -15.82 10.70 21.19
N LEU C 136 -16.02 10.98 22.47
CA LEU C 136 -15.39 10.19 23.53
C LEU C 136 -16.12 8.88 23.83
N PRO C 137 -15.37 7.84 24.19
CA PRO C 137 -15.97 6.55 24.57
C PRO C 137 -16.62 6.64 25.94
N ASP C 138 -17.80 6.04 26.07
CA ASP C 138 -18.58 6.12 27.30
C ASP C 138 -17.83 5.66 28.55
N LYS C 139 -16.99 4.63 28.39
CA LYS C 139 -16.46 3.90 29.54
C LYS C 139 -15.14 4.41 30.10
N VAL C 140 -14.65 5.53 29.57
CA VAL C 140 -13.40 6.10 30.06
C VAL C 140 -13.64 7.48 30.68
N GLY C 141 -13.09 7.70 31.86
CA GLY C 141 -13.26 8.96 32.58
C GLY C 141 -12.63 10.11 31.84
N PHE C 142 -13.11 11.33 32.12
CA PHE C 142 -12.61 12.52 31.45
C PHE C 142 -11.11 12.70 31.66
N VAL C 143 -10.65 12.52 32.89
CA VAL C 143 -9.24 12.74 33.21
C VAL C 143 -8.33 11.73 32.49
N GLU C 144 -8.75 10.48 32.48
CA GLU C 144 -7.96 9.40 31.87
C GLU C 144 -7.87 9.56 30.35
N ILE C 145 -8.96 10.02 29.74
CA ILE C 145 -9.04 10.08 28.28
C ILE C 145 -8.38 11.33 27.67
N ALA C 146 -8.32 12.41 28.44
CA ALA C 146 -7.82 13.69 27.91
C ALA C 146 -6.51 13.58 27.12
N PRO C 147 -5.48 12.95 27.69
CA PRO C 147 -4.17 12.88 27.02
C PRO C 147 -4.22 12.06 25.73
N ILE C 148 -5.25 11.25 25.54
CA ILE C 148 -5.40 10.48 24.32
C ILE C 148 -5.61 11.43 23.14
N LEU C 149 -6.20 12.59 23.40
CA LEU C 149 -6.42 13.59 22.35
C LEU C 149 -5.11 14.10 21.76
N CYS C 150 -4.03 13.96 22.49
CA CYS C 150 -2.74 14.50 22.07
C CYS C 150 -1.65 13.42 22.00
N ALA C 151 -1.23 12.94 23.16
CA ALA C 151 -0.22 11.89 23.21
C ALA C 151 -0.70 10.66 22.47
N GLY C 152 -1.95 10.29 22.71
CA GLY C 152 -2.51 9.08 22.13
C GLY C 152 -2.48 9.07 20.62
N VAL C 153 -3.22 9.98 20.00
CA VAL C 153 -3.28 10.06 18.55
C VAL C 153 -1.88 10.29 17.95
N THR C 154 -1.05 11.08 18.63
CA THR C 154 0.30 11.35 18.12
C THR C 154 1.11 10.06 17.95
N VAL C 155 1.18 9.24 18.99
CA VAL C 155 2.00 8.03 18.90
C VAL C 155 1.34 6.94 18.06
N TYR C 156 0.01 6.89 18.09
CA TYR C 156 -0.72 5.94 17.26
C TYR C 156 -0.45 6.21 15.78
N LYS C 157 -0.64 7.44 15.36
CA LYS C 157 -0.42 7.82 13.97
C LYS C 157 1.06 7.62 13.59
N GLY C 158 1.95 8.00 14.50
CA GLY C 158 3.36 7.80 14.28
C GLY C 158 3.66 6.33 14.02
N LEU C 159 3.07 5.45 14.83
CA LEU C 159 3.24 4.02 14.64
C LEU C 159 2.68 3.56 13.30
N LYS C 160 1.55 4.11 12.90
CA LYS C 160 0.97 3.77 11.59
C LYS C 160 1.94 4.10 10.47
N VAL C 161 2.58 5.26 10.52
CA VAL C 161 3.43 5.68 9.41
C VAL C 161 4.84 5.06 9.43
N THR C 162 5.13 4.19 10.40
CA THR C 162 6.38 3.41 10.35
C THR C 162 6.22 2.27 9.34
N ASP C 163 5.00 2.10 8.84
CA ASP C 163 4.72 1.07 7.84
C ASP C 163 5.17 -0.32 8.29
N THR C 164 4.93 -0.61 9.57
CA THR C 164 5.29 -1.91 10.14
C THR C 164 4.04 -2.78 10.21
N ARG C 165 4.24 -4.09 10.28
CA ARG C 165 3.14 -5.06 10.31
C ARG C 165 3.20 -5.88 11.59
N PRO C 166 2.05 -6.44 12.01
CA PRO C 166 2.04 -7.33 13.17
C PRO C 166 3.15 -8.36 13.06
N GLY C 167 3.86 -8.59 14.17
CA GLY C 167 4.94 -9.55 14.19
C GLY C 167 6.30 -8.93 13.95
N GLN C 168 6.30 -7.71 13.41
CA GLN C 168 7.57 -7.03 13.16
C GLN C 168 8.06 -6.27 14.38
N TRP C 169 9.33 -5.86 14.36
CA TRP C 169 9.94 -5.13 15.47
C TRP C 169 9.84 -3.62 15.30
N VAL C 170 9.51 -2.94 16.38
CA VAL C 170 9.57 -1.48 16.41
C VAL C 170 10.32 -1.03 17.66
N VAL C 171 11.22 -0.08 17.49
CA VAL C 171 11.88 0.54 18.62
C VAL C 171 11.05 1.74 19.07
N ILE C 172 10.75 1.79 20.37
CA ILE C 172 10.23 3.02 20.95
C ILE C 172 11.41 3.74 21.60
N SER C 173 11.83 4.85 20.99
CA SER C 173 12.97 5.61 21.48
C SER C 173 12.46 6.68 22.44
N GLY C 174 12.87 6.57 23.70
CA GLY C 174 12.38 7.46 24.72
C GLY C 174 11.07 6.98 25.33
N ILE C 175 11.13 6.57 26.60
CA ILE C 175 9.93 6.06 27.26
C ILE C 175 9.38 7.10 28.23
N GLY C 176 9.10 8.30 27.72
CA GLY C 176 8.61 9.38 28.56
C GLY C 176 7.11 9.59 28.47
N GLY C 177 6.69 10.86 28.48
CA GLY C 177 5.29 11.19 28.40
C GLY C 177 4.57 10.60 27.20
N LEU C 178 5.26 10.59 26.06
CA LEU C 178 4.69 10.00 24.84
C LEU C 178 5.02 8.52 24.74
N GLY C 179 6.28 8.20 25.00
CA GLY C 179 6.80 6.86 24.79
C GLY C 179 6.09 5.75 25.56
N HIS C 180 5.64 6.07 26.77
CA HIS C 180 5.00 5.04 27.60
C HIS C 180 3.60 4.75 27.06
N VAL C 181 3.03 5.72 26.36
CA VAL C 181 1.77 5.53 25.66
C VAL C 181 2.02 4.75 24.38
N ALA C 182 3.13 5.06 23.72
CA ALA C 182 3.49 4.41 22.45
C ALA C 182 3.74 2.92 22.60
N VAL C 183 4.42 2.52 23.68
CA VAL C 183 4.67 1.10 23.91
C VAL C 183 3.35 0.33 23.94
N GLN C 184 2.32 0.93 24.54
CA GLN C 184 1.01 0.31 24.68
C GLN C 184 0.25 0.19 23.34
N TYR C 185 0.26 1.25 22.54
CA TYR C 185 -0.37 1.16 21.23
C TYR C 185 0.35 0.11 20.38
N ALA C 186 1.67 0.10 20.45
CA ALA C 186 2.47 -0.77 19.59
C ALA C 186 2.14 -2.23 19.85
N ARG C 187 2.03 -2.59 21.12
CA ARG C 187 1.71 -3.96 21.48
C ARG C 187 0.29 -4.33 21.05
N ALA C 188 -0.62 -3.37 21.16
CA ALA C 188 -2.00 -3.57 20.75
C ALA C 188 -2.11 -3.69 19.24
N MET C 189 -1.10 -3.20 18.53
CA MET C 189 -1.06 -3.28 17.08
C MET C 189 -0.27 -4.51 16.60
N GLY C 190 0.08 -5.37 17.54
CA GLY C 190 0.74 -6.63 17.23
C GLY C 190 2.25 -6.56 17.02
N LEU C 191 2.84 -5.43 17.38
CA LEU C 191 4.28 -5.23 17.17
C LEU C 191 5.10 -5.73 18.34
N ARG C 192 6.27 -6.29 18.05
CA ARG C 192 7.24 -6.61 19.09
C ARG C 192 7.95 -5.31 19.44
N VAL C 193 7.92 -4.94 20.71
CA VAL C 193 8.47 -3.65 21.12
C VAL C 193 9.85 -3.76 21.77
N ALA C 194 10.79 -3.00 21.24
CA ALA C 194 12.11 -2.84 21.85
C ALA C 194 12.24 -1.40 22.36
N ALA C 195 12.48 -1.25 23.66
CA ALA C 195 12.58 0.09 24.24
C ALA C 195 14.03 0.54 24.35
N VAL C 196 14.27 1.80 24.00
CA VAL C 196 15.60 2.38 24.09
C VAL C 196 15.53 3.73 24.81
N ASP C 197 16.38 3.89 25.82
CA ASP C 197 16.40 5.09 26.62
C ASP C 197 17.70 5.10 27.43
N ILE C 198 17.90 6.12 28.25
CA ILE C 198 19.09 6.20 29.09
C ILE C 198 18.74 6.15 30.57
N ASP C 199 17.46 5.92 30.86
CA ASP C 199 16.98 5.85 32.23
C ASP C 199 16.47 4.44 32.55
N ASP C 200 17.21 3.70 33.36
CA ASP C 200 16.86 2.32 33.71
C ASP C 200 15.42 2.19 34.21
N ALA C 201 14.96 3.14 35.00
CA ALA C 201 13.60 3.12 35.52
C ALA C 201 12.57 3.25 34.39
N LYS C 202 12.91 4.02 33.37
CA LYS C 202 12.02 4.16 32.22
C LYS C 202 11.99 2.86 31.41
N LEU C 203 13.15 2.23 31.25
CA LEU C 203 13.25 0.97 30.53
C LEU C 203 12.46 -0.13 31.21
N ASN C 204 12.50 -0.17 32.54
CA ASN C 204 11.71 -1.16 33.27
C ASN C 204 10.21 -0.88 33.19
N LEU C 205 9.86 0.40 33.04
CA LEU C 205 8.48 0.78 32.82
C LEU C 205 8.02 0.20 31.48
N ALA C 206 8.89 0.28 30.47
CA ALA C 206 8.58 -0.26 29.15
C ALA C 206 8.24 -1.75 29.21
N ARG C 207 9.09 -2.53 29.90
CA ARG C 207 8.86 -3.96 30.02
C ARG C 207 7.50 -4.26 30.64
N ARG C 208 7.15 -3.55 31.70
CA ARG C 208 5.86 -3.73 32.36
C ARG C 208 4.72 -3.50 31.39
N LEU C 209 4.97 -2.66 30.38
CA LEU C 209 3.93 -2.29 29.43
C LEU C 209 3.96 -3.16 28.18
N GLY C 210 4.89 -4.10 28.13
CA GLY C 210 4.88 -5.09 27.06
C GLY C 210 6.12 -5.14 26.19
N ALA C 211 7.06 -4.23 26.41
CA ALA C 211 8.31 -4.29 25.68
C ALA C 211 8.97 -5.65 25.95
N GLU C 212 9.57 -6.22 24.92
CA GLU C 212 10.23 -7.52 25.06
C GLU C 212 11.74 -7.33 25.21
N VAL C 213 12.24 -6.23 24.65
CA VAL C 213 13.65 -5.94 24.65
C VAL C 213 13.84 -4.50 25.14
N ALA C 214 14.91 -4.26 25.89
CA ALA C 214 15.18 -2.91 26.41
C ALA C 214 16.68 -2.68 26.51
N VAL C 215 17.12 -1.52 26.01
CA VAL C 215 18.54 -1.22 25.96
C VAL C 215 18.85 0.17 26.49
N ASN C 216 19.81 0.26 27.40
CA ASN C 216 20.23 1.55 27.92
C ASN C 216 21.36 2.12 27.06
N ALA C 217 21.06 3.20 26.33
CA ALA C 217 21.99 3.77 25.36
C ALA C 217 23.22 4.40 26.00
N ARG C 218 23.18 4.59 27.31
CA ARG C 218 24.31 5.17 28.04
C ARG C 218 25.51 4.21 28.06
N ASP C 219 25.25 2.94 28.33
CA ASP C 219 26.32 1.96 28.49
C ASP C 219 26.49 1.01 27.30
N THR C 220 25.50 0.97 26.41
CA THR C 220 25.60 0.13 25.22
C THR C 220 25.10 0.83 23.96
N ASP C 221 25.85 0.71 22.88
CA ASP C 221 25.44 1.24 21.57
C ASP C 221 24.21 0.48 21.08
N PRO C 222 23.03 1.13 21.12
CA PRO C 222 21.77 0.46 20.76
C PRO C 222 21.78 -0.02 19.31
N ALA C 223 22.43 0.73 18.43
CA ALA C 223 22.50 0.35 17.03
C ALA C 223 23.22 -0.98 16.86
N ALA C 224 24.45 -1.05 17.37
CA ALA C 224 25.25 -2.27 17.29
C ALA C 224 24.54 -3.44 17.98
N TRP C 225 24.02 -3.18 19.17
CA TRP C 225 23.35 -4.22 19.94
C TRP C 225 22.14 -4.79 19.21
N LEU C 226 21.22 -3.92 18.82
CA LEU C 226 19.98 -4.37 18.17
C LEU C 226 20.25 -5.04 16.84
N GLN C 227 21.21 -4.53 16.08
CA GLN C 227 21.56 -5.13 14.80
C GLN C 227 21.96 -6.59 15.03
N LYS C 228 22.55 -6.85 16.18
CA LYS C 228 22.99 -8.20 16.53
C LYS C 228 21.86 -9.03 17.14
N GLU C 229 21.17 -8.46 18.11
CA GLU C 229 20.20 -9.21 18.92
C GLU C 229 18.87 -9.52 18.23
N ILE C 230 18.35 -8.57 17.44
CA ILE C 230 17.08 -8.78 16.75
C ILE C 230 17.17 -8.62 15.24
N GLY C 231 18.34 -8.25 14.76
CA GLY C 231 18.55 -8.03 13.34
C GLY C 231 18.16 -6.63 12.90
N GLY C 232 17.99 -5.73 13.87
CA GLY C 232 17.58 -4.38 13.58
C GLY C 232 16.07 -4.27 13.62
N ALA C 233 15.56 -3.05 13.79
CA ALA C 233 14.12 -2.85 13.89
C ALA C 233 13.51 -2.49 12.55
N HIS C 234 12.34 -3.05 12.25
CA HIS C 234 11.64 -2.71 11.03
C HIS C 234 11.20 -1.26 11.07
N GLY C 235 10.97 -0.77 12.28
CA GLY C 235 10.54 0.61 12.48
C GLY C 235 11.11 1.20 13.75
N VAL C 236 11.29 2.52 13.75
CA VAL C 236 11.69 3.22 14.97
C VAL C 236 10.79 4.43 15.16
N LEU C 237 10.15 4.51 16.32
CA LEU C 237 9.40 5.70 16.69
C LEU C 237 10.24 6.54 17.65
N VAL C 238 10.64 7.71 17.21
CA VAL C 238 11.45 8.60 18.04
C VAL C 238 10.54 9.59 18.73
N THR C 239 10.31 9.40 20.03
CA THR C 239 9.37 10.24 20.77
C THR C 239 10.05 11.42 21.47
N ALA C 240 11.37 11.33 21.64
CA ALA C 240 12.16 12.44 22.13
C ALA C 240 13.18 12.79 21.07
N VAL C 241 12.82 13.72 20.19
CA VAL C 241 13.60 13.96 18.99
C VAL C 241 14.81 14.85 19.23
N SER C 242 15.95 14.21 19.44
CA SER C 242 17.23 14.89 19.59
C SER C 242 18.13 14.44 18.46
N PRO C 243 19.23 15.17 18.21
CA PRO C 243 20.15 14.74 17.17
C PRO C 243 20.72 13.35 17.42
N LYS C 244 20.90 13.00 18.69
CA LYS C 244 21.47 11.68 19.02
C LYS C 244 20.46 10.56 18.82
N ALA C 245 19.24 10.78 19.30
CA ALA C 245 18.17 9.79 19.11
C ALA C 245 17.94 9.57 17.62
N PHE C 246 18.05 10.65 16.86
CA PHE C 246 17.91 10.60 15.40
C PHE C 246 19.04 9.77 14.77
N SER C 247 20.28 10.14 15.06
CA SER C 247 21.42 9.43 14.52
C SER C 247 21.39 7.95 14.89
N GLN C 248 21.04 7.65 16.13
CA GLN C 248 20.97 6.27 16.59
C GLN C 248 19.84 5.49 15.91
N ALA C 249 18.69 6.14 15.73
CA ALA C 249 17.58 5.52 15.01
C ALA C 249 18.07 5.02 13.65
N ILE C 250 18.93 5.80 13.01
CA ILE C 250 19.44 5.43 11.69
C ILE C 250 20.30 4.17 11.76
N GLY C 251 20.97 3.97 12.89
CA GLY C 251 21.78 2.78 13.08
C GLY C 251 20.98 1.57 13.53
N MET C 252 19.88 1.81 14.25
CA MET C 252 19.07 0.75 14.81
C MET C 252 18.12 0.11 13.80
N VAL C 253 17.68 0.90 12.82
CA VAL C 253 16.69 0.44 11.87
C VAL C 253 17.32 -0.53 10.87
N ARG C 254 16.59 -1.59 10.51
CA ARG C 254 17.15 -2.51 9.54
C ARG C 254 17.01 -1.91 8.14
N ARG C 255 17.75 -2.46 7.18
CA ARG C 255 17.65 -1.98 5.82
C ARG C 255 16.19 -2.05 5.41
N GLY C 256 15.74 -1.06 4.64
CA GLY C 256 14.36 -1.01 4.19
C GLY C 256 13.39 -0.56 5.26
N GLY C 257 13.92 -0.25 6.44
CA GLY C 257 13.08 0.13 7.57
C GLY C 257 12.66 1.58 7.53
N THR C 258 11.84 2.00 8.49
CA THR C 258 11.28 3.35 8.51
C THR C 258 11.40 4.00 9.88
N ILE C 259 11.89 5.25 9.89
CA ILE C 259 12.01 6.04 11.11
C ILE C 259 10.91 7.10 11.13
N ALA C 260 10.11 7.12 12.19
CA ALA C 260 9.07 8.13 12.37
C ALA C 260 9.47 9.09 13.48
N LEU C 261 9.56 10.38 13.15
CA LEU C 261 9.93 11.39 14.13
C LEU C 261 8.67 12.01 14.73
N ASN C 262 8.50 11.83 16.04
CA ASN C 262 7.27 12.19 16.72
C ASN C 262 7.42 13.47 17.52
N GLY C 263 8.07 14.47 16.93
CA GLY C 263 8.34 15.71 17.65
C GLY C 263 8.80 16.85 16.77
N LEU C 264 8.88 18.04 17.37
CA LEU C 264 9.23 19.25 16.64
C LEU C 264 10.41 19.95 17.27
N PRO C 265 11.62 19.39 17.09
CA PRO C 265 12.82 19.99 17.67
C PRO C 265 13.27 21.17 16.84
N PRO C 266 14.06 22.08 17.43
CA PRO C 266 14.60 23.20 16.65
C PRO C 266 15.84 22.77 15.86
N GLY C 267 16.07 23.42 14.73
CA GLY C 267 17.33 23.26 14.02
C GLY C 267 17.45 22.07 13.10
N ASP C 268 18.49 22.09 12.26
CA ASP C 268 18.76 21.03 11.31
C ASP C 268 19.51 19.88 11.97
N PHE C 269 19.16 18.65 11.61
CA PHE C 269 19.89 17.48 12.08
C PHE C 269 20.82 16.98 10.98
N GLY C 270 22.02 16.59 11.37
CA GLY C 270 22.97 16.01 10.44
C GLY C 270 22.51 14.61 10.06
N THR C 271 22.30 14.39 8.77
CA THR C 271 21.84 13.09 8.29
C THR C 271 22.79 12.50 7.26
N PRO C 272 23.30 11.29 7.53
CA PRO C 272 24.23 10.62 6.63
C PRO C 272 23.50 10.07 5.41
N ILE C 273 23.36 10.90 4.38
CA ILE C 273 22.68 10.49 3.16
C ILE C 273 23.23 9.16 2.65
N PHE C 274 24.54 8.98 2.78
CA PHE C 274 25.17 7.74 2.35
C PHE C 274 24.50 6.51 2.96
N ASP C 275 24.40 6.48 4.29
CA ASP C 275 23.78 5.36 4.98
C ASP C 275 22.30 5.23 4.65
N VAL C 276 21.63 6.37 4.55
CA VAL C 276 20.21 6.39 4.23
C VAL C 276 19.95 5.77 2.87
N VAL C 277 20.78 6.15 1.90
CA VAL C 277 20.62 5.66 0.54
C VAL C 277 21.00 4.19 0.44
N LEU C 278 22.18 3.85 0.94
CA LEU C 278 22.67 2.47 0.89
C LEU C 278 21.72 1.50 1.60
N LYS C 279 21.19 1.92 2.75
CA LYS C 279 20.32 1.07 3.55
C LYS C 279 18.85 1.10 3.12
N GLY C 280 18.53 1.95 2.14
CA GLY C 280 17.16 2.08 1.67
C GLY C 280 16.19 2.49 2.78
N ILE C 281 16.63 3.41 3.63
CA ILE C 281 15.85 3.84 4.79
C ILE C 281 14.82 4.92 4.47
N THR C 282 13.70 4.89 5.17
CA THR C 282 12.68 5.93 5.07
C THR C 282 12.62 6.74 6.35
N ILE C 283 12.58 8.06 6.20
CA ILE C 283 12.48 8.96 7.34
C ILE C 283 11.30 9.89 7.12
N ARG C 284 10.41 9.96 8.12
CA ARG C 284 9.29 10.90 8.03
C ARG C 284 8.90 11.39 9.41
N GLY C 285 8.19 12.50 9.45
CA GLY C 285 7.73 13.07 10.70
C GLY C 285 6.26 12.84 10.87
N SER C 286 5.79 12.92 12.11
CA SER C 286 4.38 12.74 12.40
C SER C 286 4.04 13.34 13.76
N ILE C 287 3.09 14.27 13.77
CA ILE C 287 2.52 14.74 15.03
C ILE C 287 1.00 14.77 14.95
N VAL C 288 0.35 14.58 16.09
CA VAL C 288 -1.10 14.43 16.15
C VAL C 288 -1.65 13.60 15.00
N GLY C 289 -2.81 13.96 14.47
CA GLY C 289 -3.42 13.15 13.43
C GLY C 289 -4.79 13.61 12.99
N THR C 290 -5.37 12.86 12.05
CA THR C 290 -6.67 13.20 11.47
C THR C 290 -7.80 12.80 12.41
N ARG C 291 -9.02 13.20 12.07
CA ARG C 291 -10.19 12.82 12.83
C ARG C 291 -10.32 11.29 12.90
N SER C 292 -9.97 10.64 11.80
CA SER C 292 -9.98 9.17 11.74
C SER C 292 -8.94 8.59 12.69
N ASP C 293 -7.70 9.09 12.60
CA ASP C 293 -6.64 8.70 13.52
C ASP C 293 -7.11 8.85 14.96
N LEU C 294 -7.73 9.98 15.26
CA LEU C 294 -8.19 10.27 16.62
C LEU C 294 -9.22 9.27 17.11
N GLN C 295 -10.23 8.99 16.29
CA GLN C 295 -11.29 8.07 16.70
C GLN C 295 -10.74 6.66 16.87
N GLU C 296 -9.82 6.26 15.99
CA GLU C 296 -9.16 4.97 16.12
C GLU C 296 -8.34 4.90 17.42
N SER C 297 -7.63 5.98 17.72
CA SER C 297 -6.80 5.99 18.92
C SER C 297 -7.65 5.93 20.18
N LEU C 298 -8.80 6.60 20.16
CA LEU C 298 -9.72 6.56 21.29
C LEU C 298 -10.27 5.15 21.49
N ASP C 299 -10.50 4.45 20.39
CA ASP C 299 -10.98 3.06 20.44
C ASP C 299 -10.06 2.15 21.24
N PHE C 300 -8.75 2.27 21.04
CA PHE C 300 -7.79 1.45 21.78
C PHE C 300 -7.89 1.72 23.28
N ALA C 301 -8.26 2.94 23.63
CA ALA C 301 -8.44 3.30 25.03
C ALA C 301 -9.73 2.67 25.56
N ALA C 302 -10.79 2.75 24.75
CA ALA C 302 -12.07 2.17 25.11
C ALA C 302 -11.97 0.67 25.40
N HIS C 303 -11.13 -0.02 24.63
CA HIS C 303 -10.99 -1.47 24.76
C HIS C 303 -10.02 -1.88 25.86
N GLY C 304 -9.47 -0.89 26.57
CA GLY C 304 -8.58 -1.15 27.69
C GLY C 304 -7.16 -1.49 27.30
N ASP C 305 -6.81 -1.22 26.04
CA ASP C 305 -5.47 -1.53 25.54
C ASP C 305 -4.46 -0.47 25.94
N VAL C 306 -4.94 0.75 26.16
CA VAL C 306 -4.08 1.88 26.46
C VAL C 306 -4.60 2.71 27.61
N LYS C 307 -3.73 3.00 28.56
CA LYS C 307 -4.02 3.92 29.66
C LYS C 307 -2.79 4.77 29.91
N ALA C 308 -2.97 6.09 29.87
CA ALA C 308 -1.87 7.00 30.13
C ALA C 308 -1.67 7.17 31.63
N THR C 309 -0.41 7.23 32.06
CA THR C 309 -0.10 7.59 33.43
C THR C 309 -0.49 9.05 33.63
N VAL C 310 -1.52 9.29 34.42
CA VAL C 310 -2.05 10.64 34.59
C VAL C 310 -2.00 11.12 36.04
N SER C 311 -1.57 12.37 36.22
CA SER C 311 -1.73 13.04 37.50
C SER C 311 -2.49 14.35 37.28
N THR C 312 -3.24 14.78 38.27
CA THR C 312 -4.10 15.94 38.11
C THR C 312 -3.56 17.19 38.79
N ALA C 313 -4.19 18.32 38.51
CA ALA C 313 -3.85 19.59 39.12
C ALA C 313 -5.00 20.55 38.95
N LYS C 314 -4.96 21.66 39.67
CA LYS C 314 -6.02 22.66 39.59
C LYS C 314 -5.67 23.71 38.53
N LEU C 315 -6.70 24.28 37.92
CA LEU C 315 -6.51 25.35 36.95
C LEU C 315 -5.58 26.43 37.53
N ASP C 316 -5.86 26.82 38.77
CA ASP C 316 -5.11 27.89 39.43
C ASP C 316 -3.62 27.56 39.61
N ASP C 317 -3.27 26.29 39.52
CA ASP C 317 -1.87 25.89 39.71
C ASP C 317 -1.16 25.67 38.38
N VAL C 318 -1.77 26.11 37.29
CA VAL C 318 -1.24 25.88 35.95
C VAL C 318 0.21 26.34 35.77
N ASN C 319 0.57 27.49 36.35
CA ASN C 319 1.95 27.97 36.25
C ASN C 319 2.93 27.03 36.94
N ASP C 320 2.52 26.43 38.05
CA ASP C 320 3.33 25.41 38.70
C ASP C 320 3.52 24.22 37.76
N VAL C 321 2.43 23.76 37.18
CA VAL C 321 2.48 22.69 36.18
C VAL C 321 3.50 23.03 35.11
N PHE C 322 3.37 24.21 34.52
CA PHE C 322 4.32 24.69 33.53
C PHE C 322 5.74 24.61 34.08
N GLY C 323 5.90 24.96 35.35
CA GLY C 323 7.20 24.93 35.99
C GLY C 323 7.80 23.54 35.99
N ARG C 324 7.02 22.56 36.43
CA ARG C 324 7.48 21.18 36.47
C ARG C 324 7.88 20.69 35.08
N LEU C 325 7.07 21.01 34.09
CA LEU C 325 7.37 20.62 32.72
C LEU C 325 8.72 21.17 32.26
N ARG C 326 8.93 22.46 32.49
CA ARG C 326 10.15 23.14 32.05
C ARG C 326 11.40 22.53 32.65
N GLU C 327 11.23 21.91 33.82
CA GLU C 327 12.35 21.30 34.54
C GLU C 327 12.54 19.84 34.17
N GLY C 328 11.52 19.24 33.58
CA GLY C 328 11.54 17.83 33.25
C GLY C 328 11.22 16.97 34.46
N LYS C 329 10.44 17.54 35.37
CA LYS C 329 10.07 16.85 36.60
C LYS C 329 8.70 16.20 36.50
N VAL C 330 8.17 16.07 35.29
CA VAL C 330 6.86 15.46 35.11
C VAL C 330 6.97 14.00 34.65
N GLU C 331 6.34 13.12 35.39
CA GLU C 331 6.27 11.71 35.03
C GLU C 331 4.87 11.43 34.50
N GLY C 332 4.79 10.88 33.29
CA GLY C 332 3.50 10.66 32.66
C GLY C 332 2.93 11.95 32.09
N ARG C 333 1.63 12.12 32.24
CA ARG C 333 0.94 13.33 31.77
C ARG C 333 0.21 14.02 32.92
N VAL C 334 0.17 15.35 32.87
CA VAL C 334 -0.60 16.13 33.83
C VAL C 334 -1.88 16.64 33.19
N VAL C 335 -2.99 16.50 33.91
CA VAL C 335 -4.28 16.94 33.43
C VAL C 335 -4.97 17.84 34.43
N LEU C 336 -5.35 19.04 34.01
CA LEU C 336 -6.11 19.94 34.87
C LEU C 336 -7.50 19.35 35.11
N ASP C 337 -7.82 19.13 36.38
CA ASP C 337 -9.10 18.57 36.76
C ASP C 337 -10.06 19.70 37.09
N PHE C 338 -11.09 19.88 36.28
CA PHE C 338 -11.99 21.01 36.44
C PHE C 338 -13.05 20.81 37.51
N SER C 339 -13.01 19.67 38.19
CA SER C 339 -13.87 19.45 39.34
C SER C 339 -13.17 19.96 40.60
N ALA D 1 42.06 -18.46 -23.26
CA ALA D 1 43.00 -18.57 -22.14
C ALA D 1 43.27 -17.20 -21.52
N MET D 2 43.44 -16.18 -22.36
CA MET D 2 43.76 -14.85 -21.89
C MET D 2 42.83 -13.80 -22.52
N MET D 3 42.73 -12.64 -21.87
CA MET D 3 41.87 -11.57 -22.34
C MET D 3 42.40 -10.22 -21.86
N LYS D 4 41.95 -9.15 -22.49
CA LYS D 4 42.29 -7.81 -22.04
C LYS D 4 41.36 -7.44 -20.89
N ALA D 5 41.84 -6.57 -20.00
CA ALA D 5 41.04 -6.13 -18.87
C ALA D 5 41.69 -4.93 -18.19
N ALA D 6 40.87 -4.00 -17.72
CA ALA D 6 41.34 -2.87 -16.94
C ALA D 6 41.30 -3.24 -15.47
N VAL D 7 42.45 -3.16 -14.81
CA VAL D 7 42.55 -3.63 -13.43
C VAL D 7 42.91 -2.49 -12.47
N VAL D 8 42.25 -2.47 -11.32
CA VAL D 8 42.66 -1.61 -10.23
C VAL D 8 43.61 -2.40 -9.34
N ARG D 9 44.80 -1.85 -9.11
CA ARG D 9 45.80 -2.54 -8.30
C ARG D 9 46.20 -1.69 -7.09
N ALA D 10 46.00 -0.38 -7.20
CA ALA D 10 46.24 0.53 -6.09
C ALA D 10 45.16 1.60 -6.03
N PHE D 11 44.60 1.79 -4.83
CA PHE D 11 43.56 2.80 -4.64
C PHE D 11 44.05 4.20 -5.00
N GLY D 12 43.35 4.86 -5.91
CA GLY D 12 43.68 6.21 -6.33
C GLY D 12 44.58 6.27 -7.54
N ALA D 13 45.03 5.10 -8.01
CA ALA D 13 45.97 5.03 -9.10
C ALA D 13 45.29 4.86 -10.45
N PRO D 14 46.01 5.20 -11.54
CA PRO D 14 45.53 4.86 -12.88
C PRO D 14 45.31 3.36 -12.98
N LEU D 15 44.31 2.94 -13.75
CA LEU D 15 44.09 1.53 -13.99
C LEU D 15 45.13 0.99 -14.95
N THR D 16 45.54 -0.25 -14.73
CA THR D 16 46.46 -0.92 -15.65
C THR D 16 45.66 -1.80 -16.60
N ILE D 17 45.82 -1.57 -17.90
CA ILE D 17 45.18 -2.43 -18.90
C ILE D 17 46.08 -3.62 -19.20
N ASP D 18 45.71 -4.77 -18.66
CA ASP D 18 46.57 -5.96 -18.73
C ASP D 18 45.95 -7.09 -19.54
N GLU D 19 46.72 -8.15 -19.73
CA GLU D 19 46.19 -9.42 -20.21
C GLU D 19 46.05 -10.34 -19.00
N VAL D 20 44.85 -10.85 -18.79
CA VAL D 20 44.59 -11.74 -17.65
C VAL D 20 43.90 -13.01 -18.11
N PRO D 21 43.92 -14.05 -17.26
CA PRO D 21 43.26 -15.31 -17.65
C PRO D 21 41.77 -15.13 -17.84
N VAL D 22 41.20 -15.92 -18.76
CA VAL D 22 39.76 -15.87 -19.01
C VAL D 22 39.02 -16.68 -17.97
N PRO D 23 38.14 -16.01 -17.18
CA PRO D 23 37.37 -16.69 -16.15
C PRO D 23 36.55 -17.82 -16.74
N GLN D 24 36.54 -18.97 -16.08
CA GLN D 24 35.76 -20.11 -16.55
C GLN D 24 34.63 -20.40 -15.57
N PRO D 25 33.44 -20.71 -16.11
CA PRO D 25 32.26 -21.02 -15.30
C PRO D 25 32.31 -22.41 -14.67
N GLY D 26 32.03 -22.48 -13.37
CA GLY D 26 31.83 -23.74 -12.69
C GLY D 26 30.34 -24.03 -12.61
N PRO D 27 29.93 -24.96 -11.75
CA PRO D 27 28.51 -25.32 -11.63
C PRO D 27 27.66 -24.10 -11.28
N GLY D 28 26.51 -23.98 -11.94
CA GLY D 28 25.59 -22.90 -11.66
C GLY D 28 26.07 -21.51 -12.04
N GLN D 29 27.13 -21.44 -12.83
CA GLN D 29 27.62 -20.16 -13.33
C GLN D 29 27.55 -20.10 -14.85
N VAL D 30 27.62 -18.89 -15.40
CA VAL D 30 27.71 -18.73 -16.84
C VAL D 30 28.84 -17.77 -17.18
N GLN D 31 29.33 -17.85 -18.41
CA GLN D 31 30.35 -16.94 -18.88
C GLN D 31 29.71 -15.96 -19.86
N VAL D 32 30.05 -14.69 -19.74
CA VAL D 32 29.52 -13.69 -20.65
C VAL D 32 30.63 -12.99 -21.40
N LYS D 33 30.55 -13.01 -22.73
CA LYS D 33 31.45 -12.20 -23.54
C LYS D 33 30.91 -10.78 -23.64
N ILE D 34 31.62 -9.84 -23.02
CA ILE D 34 31.21 -8.44 -23.00
C ILE D 34 31.28 -7.81 -24.39
N GLU D 35 30.19 -7.16 -24.79
CA GLU D 35 30.14 -6.42 -26.05
C GLU D 35 30.17 -4.93 -25.78
N ALA D 36 29.71 -4.53 -24.60
CA ALA D 36 29.70 -3.14 -24.19
C ALA D 36 29.72 -3.08 -22.67
N SER D 37 30.23 -1.98 -22.12
CA SER D 37 30.40 -1.90 -20.67
C SER D 37 30.33 -0.47 -20.18
N GLY D 38 29.19 -0.12 -19.57
CA GLY D 38 28.99 1.22 -19.08
C GLY D 38 29.99 1.61 -18.01
N VAL D 39 30.34 2.89 -17.98
CA VAL D 39 31.19 3.46 -16.95
C VAL D 39 30.39 4.48 -16.18
N CYS D 40 30.60 4.56 -14.86
CA CYS D 40 29.92 5.59 -14.08
C CYS D 40 30.69 5.97 -12.83
N HIS D 41 30.21 6.98 -12.13
CA HIS D 41 30.91 7.52 -10.96
C HIS D 41 31.15 6.50 -9.85
N THR D 42 30.38 5.42 -9.85
CA THR D 42 30.62 4.36 -8.87
C THR D 42 31.96 3.69 -9.14
N ASP D 43 32.29 3.54 -10.42
CA ASP D 43 33.58 2.96 -10.80
C ASP D 43 34.73 3.77 -10.24
N LEU D 44 34.57 5.10 -10.23
CA LEU D 44 35.59 5.96 -9.66
C LEU D 44 35.79 5.66 -8.18
N HIS D 45 34.68 5.55 -7.45
CA HIS D 45 34.73 5.30 -6.01
C HIS D 45 35.32 3.94 -5.68
N ALA D 46 35.12 2.97 -6.59
CA ALA D 46 35.70 1.65 -6.40
C ALA D 46 37.22 1.73 -6.54
N ALA D 47 37.68 2.49 -7.53
CA ALA D 47 39.10 2.62 -7.82
C ALA D 47 39.83 3.47 -6.77
N ASP D 48 39.12 4.40 -6.15
CA ASP D 48 39.72 5.27 -5.14
C ASP D 48 39.60 4.70 -3.74
N GLY D 49 38.82 3.63 -3.59
CA GLY D 49 38.58 3.02 -2.30
C GLY D 49 38.21 4.01 -1.21
N ASP D 50 37.33 4.95 -1.51
CA ASP D 50 36.95 5.97 -0.53
C ASP D 50 35.63 5.70 0.20
N TRP D 51 35.00 4.56 -0.07
CA TRP D 51 33.81 4.16 0.67
C TRP D 51 34.18 3.26 1.85
N PRO D 52 33.38 3.29 2.92
CA PRO D 52 33.62 2.58 4.19
C PRO D 52 34.00 1.10 4.01
N VAL D 53 33.23 0.37 3.21
CA VAL D 53 33.62 -0.99 2.86
C VAL D 53 34.25 -0.96 1.48
N LYS D 54 35.49 -1.43 1.40
CA LYS D 54 36.29 -1.28 0.19
C LYS D 54 36.41 -2.58 -0.60
N PRO D 55 36.70 -2.46 -1.90
CA PRO D 55 36.96 -3.66 -2.70
C PRO D 55 38.21 -4.33 -2.17
N THR D 56 38.43 -5.58 -2.55
CA THR D 56 39.71 -6.21 -2.27
C THR D 56 40.59 -6.11 -3.52
N LEU D 57 41.81 -5.60 -3.35
CA LEU D 57 42.74 -5.45 -4.46
C LEU D 57 43.45 -6.77 -4.74
N PRO D 58 43.72 -7.06 -6.02
CA PRO D 58 43.33 -6.24 -7.17
C PRO D 58 41.99 -6.72 -7.73
N PHE D 59 41.37 -5.93 -8.59
CA PHE D 59 40.06 -6.31 -9.13
C PHE D 59 39.73 -5.56 -10.42
N ILE D 60 38.91 -6.20 -11.26
CA ILE D 60 38.38 -5.59 -12.47
C ILE D 60 37.03 -4.93 -12.16
N PRO D 61 36.92 -3.61 -12.41
CA PRO D 61 35.66 -2.92 -12.14
C PRO D 61 34.61 -3.16 -13.23
N GLY D 62 33.44 -2.56 -13.08
CA GLY D 62 32.42 -2.61 -14.12
C GLY D 62 31.18 -3.41 -13.78
N HIS D 63 30.07 -2.72 -13.59
CA HIS D 63 28.81 -3.37 -13.24
C HIS D 63 27.73 -3.03 -14.26
N GLU D 64 28.17 -2.66 -15.46
CA GLU D 64 27.25 -2.36 -16.55
C GLU D 64 27.66 -3.09 -17.80
N GLY D 65 28.18 -4.30 -17.61
CA GLY D 65 28.61 -5.13 -18.72
C GLY D 65 27.45 -5.88 -19.34
N VAL D 66 27.38 -5.83 -20.67
CA VAL D 66 26.35 -6.56 -21.40
C VAL D 66 27.01 -7.31 -22.55
N GLY D 67 26.42 -8.44 -22.93
CA GLY D 67 26.95 -9.22 -24.02
C GLY D 67 26.18 -10.50 -24.27
N TYR D 68 26.90 -11.53 -24.70
CA TYR D 68 26.30 -12.82 -25.03
C TYR D 68 26.78 -13.87 -24.03
N VAL D 69 25.89 -14.79 -23.68
CA VAL D 69 26.30 -15.93 -22.86
C VAL D 69 27.20 -16.82 -23.70
N SER D 70 28.49 -16.83 -23.37
CA SER D 70 29.49 -17.54 -24.16
C SER D 70 29.75 -18.96 -23.68
N ALA D 71 29.48 -19.20 -22.41
CA ALA D 71 29.63 -20.54 -21.83
C ALA D 71 28.65 -20.74 -20.68
N VAL D 72 28.22 -21.98 -20.50
CA VAL D 72 27.23 -22.30 -19.48
C VAL D 72 27.71 -23.43 -18.56
N GLY D 73 27.62 -23.21 -17.25
CA GLY D 73 28.02 -24.21 -16.28
C GLY D 73 26.94 -25.25 -16.06
N SER D 74 27.20 -26.22 -15.18
CA SER D 74 26.26 -27.30 -14.94
C SER D 74 24.99 -26.85 -14.22
N GLY D 75 23.85 -27.42 -14.63
CA GLY D 75 22.59 -27.19 -13.96
C GLY D 75 21.95 -25.82 -14.22
N VAL D 76 22.47 -25.09 -15.19
CA VAL D 76 21.93 -23.76 -15.50
C VAL D 76 20.71 -23.87 -16.42
N SER D 77 19.63 -23.20 -16.04
CA SER D 77 18.37 -23.32 -16.77
C SER D 77 17.74 -21.98 -17.16
N ARG D 78 18.19 -20.89 -16.57
CA ARG D 78 17.58 -19.59 -16.83
C ARG D 78 17.99 -19.01 -18.18
N VAL D 79 19.24 -19.21 -18.55
CA VAL D 79 19.75 -18.71 -19.81
C VAL D 79 20.49 -19.81 -20.56
N LYS D 80 20.83 -19.55 -21.82
CA LYS D 80 21.59 -20.51 -22.62
C LYS D 80 22.61 -19.78 -23.48
N GLU D 81 23.54 -20.53 -24.05
CA GLU D 81 24.54 -19.92 -24.93
C GLU D 81 23.87 -19.07 -26.00
N GLY D 82 24.37 -17.86 -26.20
CA GLY D 82 23.83 -16.97 -27.21
C GLY D 82 22.90 -15.91 -26.64
N ASP D 83 22.26 -16.21 -25.52
CA ASP D 83 21.36 -15.26 -24.90
C ASP D 83 22.08 -13.96 -24.57
N ARG D 84 21.37 -12.85 -24.73
CA ARG D 84 21.95 -11.53 -24.47
C ARG D 84 21.61 -11.11 -23.04
N VAL D 85 22.65 -10.91 -22.24
CA VAL D 85 22.47 -10.63 -20.81
C VAL D 85 23.39 -9.51 -20.35
N GLY D 86 23.04 -8.93 -19.20
CA GLY D 86 23.88 -7.95 -18.55
C GLY D 86 24.23 -8.41 -17.14
N VAL D 87 25.31 -7.87 -16.59
CA VAL D 87 25.76 -8.28 -15.27
C VAL D 87 25.81 -7.07 -14.35
N PRO D 88 24.67 -6.77 -13.70
CA PRO D 88 24.49 -5.54 -12.93
C PRO D 88 25.17 -5.57 -11.57
N TRP D 89 25.08 -4.44 -10.87
CA TRP D 89 25.66 -4.25 -9.55
C TRP D 89 25.41 -5.41 -8.59
N LEU D 90 24.16 -5.89 -8.56
CA LEU D 90 23.81 -7.02 -7.71
C LEU D 90 24.23 -8.33 -8.36
N TYR D 91 25.43 -8.79 -8.02
CA TYR D 91 25.97 -10.02 -8.59
C TYR D 91 25.23 -11.26 -8.09
N SER D 92 24.95 -11.28 -6.79
CA SER D 92 24.22 -12.38 -6.17
C SER D 92 23.77 -12.00 -4.76
N ALA D 93 22.88 -12.79 -4.17
CA ALA D 93 22.39 -12.59 -2.80
C ALA D 93 22.05 -13.93 -2.11
N CYS D 94 21.68 -13.92 -0.83
CA CYS D 94 21.36 -15.15 -0.05
C CYS D 94 20.41 -16.05 -0.82
N GLY D 95 19.27 -15.47 -1.16
CA GLY D 95 18.14 -16.22 -1.67
C GLY D 95 17.20 -16.65 -0.55
N TYR D 96 17.62 -16.48 0.71
CA TYR D 96 16.78 -16.96 1.82
C TYR D 96 16.75 -16.12 3.09
N CYS D 97 17.42 -14.97 3.12
CA CYS D 97 17.29 -14.09 4.28
C CYS D 97 15.94 -13.39 4.21
N GLU D 98 15.60 -12.64 5.25
CA GLU D 98 14.32 -11.96 5.28
C GLU D 98 14.13 -11.07 4.06
N HIS D 99 15.14 -10.28 3.74
CA HIS D 99 15.08 -9.38 2.59
C HIS D 99 14.86 -10.13 1.28
N CYS D 100 15.67 -11.15 1.06
CA CYS D 100 15.57 -11.96 -0.16
C CYS D 100 14.21 -12.65 -0.28
N LEU D 101 13.72 -13.20 0.84
CA LEU D 101 12.44 -13.89 0.82
C LEU D 101 11.29 -12.96 0.46
N GLN D 102 11.41 -11.68 0.84
CA GLN D 102 10.37 -10.69 0.56
C GLN D 102 10.57 -9.96 -0.77
N GLY D 103 11.47 -10.47 -1.61
CA GLY D 103 11.73 -9.84 -2.89
C GLY D 103 12.42 -8.49 -2.79
N TRP D 104 13.23 -8.32 -1.74
CA TRP D 104 14.07 -7.14 -1.59
C TRP D 104 15.55 -7.54 -1.56
N GLU D 105 15.95 -8.38 -2.50
CA GLU D 105 17.31 -8.93 -2.50
C GLU D 105 18.37 -7.82 -2.57
N THR D 106 17.94 -6.65 -3.00
CA THR D 106 18.83 -5.51 -3.16
C THR D 106 19.43 -5.12 -1.80
N LEU D 107 18.78 -5.55 -0.72
CA LEU D 107 19.22 -5.21 0.64
C LEU D 107 19.93 -6.37 1.32
N CYS D 108 20.13 -7.46 0.60
CA CYS D 108 20.78 -8.63 1.19
C CYS D 108 22.14 -8.26 1.78
N GLU D 109 22.35 -8.62 3.04
CA GLU D 109 23.60 -8.30 3.72
C GLU D 109 24.76 -9.16 3.22
N LYS D 110 24.43 -10.26 2.54
CA LYS D 110 25.43 -11.18 2.01
C LYS D 110 25.61 -11.05 0.51
N GLN D 111 25.13 -9.94 -0.06
CA GLN D 111 25.21 -9.77 -1.51
C GLN D 111 26.64 -9.58 -1.98
N GLN D 112 26.92 -10.04 -3.19
CA GLN D 112 28.17 -9.74 -3.88
C GLN D 112 27.88 -8.63 -4.88
N ASN D 113 28.87 -7.78 -5.15
CA ASN D 113 28.68 -6.68 -6.08
C ASN D 113 29.64 -6.72 -7.26
N THR D 114 29.09 -6.71 -8.46
CA THR D 114 29.87 -6.82 -9.70
C THR D 114 30.83 -5.66 -9.87
N GLY D 115 32.10 -5.98 -10.13
CA GLY D 115 33.11 -4.96 -10.32
C GLY D 115 33.44 -4.22 -9.04
N TYR D 116 33.28 -4.89 -7.91
CA TYR D 116 33.59 -4.30 -6.61
C TYR D 116 34.13 -5.37 -5.67
N SER D 117 33.28 -6.32 -5.30
CA SER D 117 33.72 -7.43 -4.45
C SER D 117 34.02 -8.68 -5.29
N VAL D 118 33.60 -8.66 -6.56
CA VAL D 118 34.00 -9.67 -7.52
C VAL D 118 34.36 -8.98 -8.83
N ASN D 119 35.07 -9.68 -9.70
CA ASN D 119 35.49 -9.10 -10.97
C ASN D 119 34.31 -8.70 -11.87
N GLY D 120 34.46 -7.55 -12.52
CA GLY D 120 33.37 -6.97 -13.29
C GLY D 120 33.58 -6.93 -14.79
N GLY D 121 32.88 -6.01 -15.45
CA GLY D 121 32.77 -5.98 -16.90
C GLY D 121 33.81 -5.18 -17.67
N TYR D 122 34.79 -4.61 -16.97
CA TYR D 122 35.88 -3.93 -17.66
C TYR D 122 36.85 -4.93 -18.28
N GLY D 123 36.32 -6.06 -18.73
CA GLY D 123 37.13 -7.09 -19.34
C GLY D 123 36.39 -7.73 -20.50
N GLU D 124 37.12 -8.50 -21.32
CA GLU D 124 36.52 -9.12 -22.50
C GLU D 124 35.52 -10.20 -22.14
N TYR D 125 35.67 -10.78 -20.95
CA TYR D 125 34.77 -11.82 -20.49
C TYR D 125 34.53 -11.67 -19.01
N VAL D 126 33.42 -12.21 -18.53
CA VAL D 126 33.11 -12.20 -17.11
C VAL D 126 32.29 -13.43 -16.77
N VAL D 127 32.51 -13.97 -15.57
CA VAL D 127 31.68 -15.05 -15.07
C VAL D 127 30.63 -14.43 -14.15
N ALA D 128 29.39 -14.88 -14.31
CA ALA D 128 28.29 -14.31 -13.53
C ALA D 128 27.35 -15.40 -13.02
N ASP D 129 26.49 -15.02 -12.08
CA ASP D 129 25.45 -15.91 -11.58
C ASP D 129 24.20 -15.72 -12.42
N PRO D 130 23.77 -16.78 -13.12
CA PRO D 130 22.66 -16.64 -14.07
C PRO D 130 21.36 -16.23 -13.39
N ASN D 131 21.25 -16.51 -12.09
CA ASN D 131 20.04 -16.17 -11.34
C ASN D 131 19.86 -14.67 -11.16
N TYR D 132 20.92 -13.92 -11.43
CA TYR D 132 20.92 -12.49 -11.14
C TYR D 132 21.26 -11.59 -12.34
N VAL D 133 21.63 -12.17 -13.46
CA VAL D 133 21.87 -11.37 -14.66
C VAL D 133 20.58 -10.71 -15.15
N GLY D 134 20.72 -9.61 -15.87
CA GLY D 134 19.59 -8.99 -16.54
C GLY D 134 19.38 -9.65 -17.89
N LEU D 135 18.14 -10.00 -18.20
CA LEU D 135 17.81 -10.53 -19.51
C LEU D 135 17.46 -9.39 -20.44
N LEU D 136 18.32 -9.14 -21.43
CA LEU D 136 18.21 -7.95 -22.28
C LEU D 136 17.14 -8.08 -23.37
N PRO D 137 16.50 -6.96 -23.72
CA PRO D 137 15.49 -6.96 -24.80
C PRO D 137 16.13 -7.17 -26.18
N ASP D 138 15.42 -7.89 -27.05
CA ASP D 138 15.93 -8.24 -28.37
C ASP D 138 16.30 -7.03 -29.23
N LYS D 139 15.45 -6.01 -29.21
CA LYS D 139 15.54 -4.93 -30.19
C LYS D 139 16.41 -3.74 -29.77
N VAL D 140 17.14 -3.87 -28.66
CA VAL D 140 17.99 -2.78 -28.21
C VAL D 140 19.47 -3.17 -28.26
N GLY D 141 20.28 -2.34 -28.88
CA GLY D 141 21.70 -2.61 -29.01
C GLY D 141 22.43 -2.58 -27.68
N PHE D 142 23.57 -3.28 -27.63
CA PHE D 142 24.36 -3.38 -26.40
C PHE D 142 24.79 -2.04 -25.82
N VAL D 143 25.33 -1.17 -26.67
CA VAL D 143 25.79 0.13 -26.21
C VAL D 143 24.65 0.94 -25.59
N GLU D 144 23.50 0.91 -26.25
CA GLU D 144 22.33 1.66 -25.81
C GLU D 144 21.77 1.15 -24.48
N ILE D 145 21.74 -0.16 -24.31
CA ILE D 145 21.09 -0.78 -23.16
C ILE D 145 21.95 -0.77 -21.90
N ALA D 146 23.28 -0.75 -22.07
CA ALA D 146 24.18 -0.92 -20.93
C ALA D 146 23.85 -0.05 -19.72
N PRO D 147 23.69 1.28 -19.93
CA PRO D 147 23.47 2.14 -18.76
C PRO D 147 22.15 1.87 -18.06
N ILE D 148 21.22 1.18 -18.73
CA ILE D 148 19.95 0.85 -18.11
C ILE D 148 20.19 -0.07 -16.91
N LEU D 149 21.27 -0.84 -16.98
CA LEU D 149 21.63 -1.76 -15.89
C LEU D 149 21.97 -1.04 -14.60
N CYS D 150 22.29 0.24 -14.72
CA CYS D 150 22.69 1.01 -13.55
C CYS D 150 21.88 2.29 -13.41
N ALA D 151 22.07 3.22 -14.34
CA ALA D 151 21.30 4.46 -14.35
C ALA D 151 19.81 4.16 -14.43
N GLY D 152 19.42 3.30 -15.37
CA GLY D 152 18.02 3.02 -15.63
C GLY D 152 17.30 2.48 -14.40
N VAL D 153 17.76 1.34 -13.90
CA VAL D 153 17.10 0.72 -12.74
C VAL D 153 17.12 1.64 -11.53
N THR D 154 18.23 2.34 -11.32
CA THR D 154 18.35 3.25 -10.19
C THR D 154 17.25 4.33 -10.18
N VAL D 155 17.08 5.04 -11.30
CA VAL D 155 16.09 6.12 -11.33
C VAL D 155 14.66 5.59 -11.42
N TYR D 156 14.49 4.43 -12.05
CA TYR D 156 13.17 3.83 -12.17
C TYR D 156 12.66 3.46 -10.79
N LYS D 157 13.47 2.71 -10.05
CA LYS D 157 13.12 2.33 -8.68
C LYS D 157 12.98 3.55 -7.80
N GLY D 158 13.88 4.52 -7.96
CA GLY D 158 13.78 5.76 -7.23
C GLY D 158 12.44 6.44 -7.46
N LEU D 159 12.02 6.53 -8.72
CA LEU D 159 10.72 7.10 -9.04
C LEU D 159 9.58 6.30 -8.42
N LYS D 160 9.69 4.98 -8.46
CA LYS D 160 8.66 4.13 -7.85
C LYS D 160 8.50 4.44 -6.36
N VAL D 161 9.61 4.67 -5.67
CA VAL D 161 9.52 4.91 -4.23
C VAL D 161 9.24 6.36 -3.82
N THR D 162 8.99 7.24 -4.78
CA THR D 162 8.47 8.57 -4.47
C THR D 162 6.98 8.47 -4.16
N ASP D 163 6.40 7.30 -4.43
CA ASP D 163 4.98 7.05 -4.18
C ASP D 163 4.07 8.03 -4.92
N THR D 164 4.54 8.53 -6.05
CA THR D 164 3.73 9.42 -6.89
C THR D 164 2.88 8.60 -7.84
N ARG D 165 1.72 9.13 -8.21
CA ARG D 165 0.79 8.43 -9.08
C ARG D 165 0.69 9.20 -10.39
N PRO D 166 0.22 8.54 -11.46
CA PRO D 166 0.06 9.24 -12.73
C PRO D 166 -0.79 10.50 -12.58
N GLY D 167 -0.40 11.56 -13.27
CA GLY D 167 -1.09 12.83 -13.18
C GLY D 167 -0.48 13.74 -12.14
N GLN D 168 0.34 13.18 -11.26
CA GLN D 168 1.00 13.97 -10.22
C GLN D 168 2.33 14.55 -10.72
N TRP D 169 2.85 15.52 -9.97
CA TRP D 169 4.11 16.19 -10.35
C TRP D 169 5.33 15.59 -9.69
N VAL D 170 6.38 15.38 -10.47
CA VAL D 170 7.66 14.99 -9.90
C VAL D 170 8.76 15.91 -10.43
N VAL D 171 9.65 16.32 -9.54
CA VAL D 171 10.83 17.07 -9.94
C VAL D 171 11.99 16.11 -10.13
N ILE D 172 12.63 16.18 -11.29
CA ILE D 172 13.91 15.50 -11.46
C ILE D 172 14.98 16.54 -11.18
N SER D 173 15.68 16.36 -10.06
CA SER D 173 16.72 17.29 -9.66
C SER D 173 18.05 16.82 -10.20
N GLY D 174 18.61 17.60 -11.13
CA GLY D 174 19.82 17.23 -11.83
C GLY D 174 19.50 16.46 -13.10
N ILE D 175 19.74 17.08 -14.24
CA ILE D 175 19.50 16.42 -15.51
C ILE D 175 20.80 15.92 -16.14
N GLY D 176 21.54 15.11 -15.38
CA GLY D 176 22.81 14.58 -15.84
C GLY D 176 22.74 13.16 -16.36
N GLY D 177 23.78 12.37 -16.09
CA GLY D 177 23.81 10.99 -16.54
C GLY D 177 22.61 10.19 -16.08
N LEU D 178 22.20 10.42 -14.84
CA LEU D 178 21.03 9.76 -14.27
C LEU D 178 19.76 10.53 -14.60
N GLY D 179 19.82 11.84 -14.42
CA GLY D 179 18.67 12.72 -14.57
C GLY D 179 17.98 12.66 -15.91
N HIS D 180 18.75 12.57 -16.99
CA HIS D 180 18.17 12.61 -18.32
C HIS D 180 17.48 11.31 -18.67
N VAL D 181 17.85 10.23 -17.98
CA VAL D 181 17.14 8.97 -18.13
C VAL D 181 15.89 8.99 -17.27
N ALA D 182 15.99 9.61 -16.09
CA ALA D 182 14.89 9.72 -15.15
C ALA D 182 13.69 10.46 -15.74
N VAL D 183 13.95 11.55 -16.45
CA VAL D 183 12.88 12.31 -17.09
C VAL D 183 12.05 11.41 -17.99
N GLN D 184 12.73 10.50 -18.69
CA GLN D 184 12.05 9.59 -19.61
C GLN D 184 11.21 8.53 -18.90
N TYR D 185 11.75 7.94 -17.83
CA TYR D 185 10.97 6.99 -17.05
C TYR D 185 9.74 7.66 -16.44
N ALA D 186 9.95 8.84 -15.86
CA ALA D 186 8.87 9.56 -15.20
C ALA D 186 7.71 9.82 -16.17
N ARG D 187 8.06 10.27 -17.38
CA ARG D 187 7.06 10.52 -18.41
C ARG D 187 6.31 9.24 -18.76
N ALA D 188 7.03 8.14 -18.84
CA ALA D 188 6.44 6.85 -19.18
C ALA D 188 5.55 6.33 -18.06
N MET D 189 5.79 6.81 -16.85
CA MET D 189 5.00 6.39 -15.69
C MET D 189 3.82 7.33 -15.47
N GLY D 190 3.59 8.23 -16.41
CA GLY D 190 2.44 9.11 -16.37
C GLY D 190 2.60 10.31 -15.46
N LEU D 191 3.83 10.58 -15.04
CA LEU D 191 4.13 11.72 -14.18
C LEU D 191 4.32 12.97 -15.02
N ARG D 192 3.92 14.11 -14.48
CA ARG D 192 4.24 15.39 -15.10
C ARG D 192 5.58 15.84 -14.54
N VAL D 193 6.51 16.17 -15.42
CA VAL D 193 7.89 16.35 -15.02
C VAL D 193 8.35 17.80 -14.99
N ALA D 194 8.86 18.22 -13.85
CA ALA D 194 9.56 19.49 -13.74
C ALA D 194 11.06 19.22 -13.62
N ALA D 195 11.83 19.73 -14.56
CA ALA D 195 13.28 19.52 -14.57
C ALA D 195 13.99 20.70 -13.92
N VAL D 196 14.90 20.39 -13.00
CA VAL D 196 15.63 21.41 -12.28
C VAL D 196 17.13 21.16 -12.34
N ASP D 197 17.90 22.22 -12.60
CA ASP D 197 19.35 22.11 -12.71
C ASP D 197 19.98 23.50 -12.75
N ILE D 198 21.24 23.58 -13.16
CA ILE D 198 21.93 24.87 -13.27
C ILE D 198 22.49 25.09 -14.67
N ASP D 199 22.31 24.10 -15.55
CA ASP D 199 22.81 24.17 -16.91
C ASP D 199 21.66 24.24 -17.91
N ASP D 200 21.49 25.38 -18.57
CA ASP D 200 20.40 25.60 -19.51
C ASP D 200 20.36 24.58 -20.66
N ALA D 201 21.51 24.05 -21.02
CA ALA D 201 21.57 23.04 -22.07
C ALA D 201 20.97 21.73 -21.58
N LYS D 202 21.16 21.46 -20.29
CA LYS D 202 20.59 20.27 -19.67
C LYS D 202 19.06 20.38 -19.60
N LEU D 203 18.58 21.57 -19.26
CA LEU D 203 17.15 21.81 -19.14
C LEU D 203 16.44 21.71 -20.49
N ASN D 204 17.11 22.14 -21.55
CA ASN D 204 16.56 22.00 -22.89
C ASN D 204 16.53 20.55 -23.32
N LEU D 205 17.51 19.78 -22.84
CA LEU D 205 17.50 18.34 -23.05
C LEU D 205 16.27 17.76 -22.36
N ALA D 206 16.03 18.24 -21.14
CA ALA D 206 14.89 17.79 -20.35
C ALA D 206 13.59 18.02 -21.12
N ARG D 207 13.35 19.27 -21.52
CA ARG D 207 12.15 19.60 -22.29
C ARG D 207 12.05 18.73 -23.53
N ARG D 208 13.19 18.50 -24.16
CA ARG D 208 13.26 17.64 -25.34
C ARG D 208 12.78 16.24 -25.02
N LEU D 209 13.07 15.79 -23.80
CA LEU D 209 12.74 14.44 -23.37
C LEU D 209 11.38 14.34 -22.68
N GLY D 210 10.64 15.43 -22.64
CA GLY D 210 9.27 15.39 -22.15
C GLY D 210 8.97 16.21 -20.92
N ALA D 211 9.98 16.85 -20.34
CA ALA D 211 9.73 17.72 -19.20
C ALA D 211 8.77 18.83 -19.60
N GLU D 212 7.74 19.02 -18.78
CA GLU D 212 6.70 20.01 -19.06
C GLU D 212 7.12 21.37 -18.52
N VAL D 213 7.97 21.34 -17.49
CA VAL D 213 8.42 22.53 -16.81
C VAL D 213 9.92 22.41 -16.51
N ALA D 214 10.64 23.51 -16.64
CA ALA D 214 12.09 23.50 -16.38
C ALA D 214 12.52 24.81 -15.74
N VAL D 215 13.26 24.72 -14.64
CA VAL D 215 13.67 25.91 -13.92
C VAL D 215 15.16 25.89 -13.57
N ASN D 216 15.86 26.95 -13.92
CA ASN D 216 17.29 27.05 -13.66
C ASN D 216 17.59 27.50 -12.22
N ALA D 217 18.23 26.61 -11.46
CA ALA D 217 18.45 26.82 -10.03
C ALA D 217 19.43 27.93 -9.70
N ARG D 218 20.31 28.28 -10.64
CA ARG D 218 21.22 29.41 -10.42
C ARG D 218 20.57 30.74 -10.79
N ASP D 219 19.64 30.69 -11.73
CA ASP D 219 18.81 31.85 -12.05
C ASP D 219 17.91 32.17 -10.86
N THR D 220 16.73 31.57 -10.85
CA THR D 220 15.73 31.83 -9.82
C THR D 220 15.80 30.82 -8.67
N ASP D 221 14.99 31.07 -7.65
CA ASP D 221 14.81 30.11 -6.56
C ASP D 221 13.78 29.07 -7.00
N PRO D 222 14.21 27.81 -7.12
CA PRO D 222 13.36 26.72 -7.61
C PRO D 222 12.21 26.40 -6.67
N ALA D 223 12.47 26.43 -5.36
CA ALA D 223 11.44 26.17 -4.37
C ALA D 223 10.27 27.13 -4.52
N ALA D 224 10.53 28.42 -4.34
CA ALA D 224 9.49 29.43 -4.45
C ALA D 224 8.77 29.36 -5.78
N TRP D 225 9.53 29.21 -6.87
CA TRP D 225 8.97 29.19 -8.21
C TRP D 225 8.03 28.02 -8.42
N LEU D 226 8.46 26.82 -8.02
CA LEU D 226 7.63 25.63 -8.18
C LEU D 226 6.42 25.64 -7.25
N GLN D 227 6.59 26.16 -6.04
CA GLN D 227 5.47 26.29 -5.13
C GLN D 227 4.40 27.18 -5.75
N LYS D 228 4.84 28.22 -6.47
CA LYS D 228 3.93 29.11 -7.17
C LYS D 228 3.39 28.50 -8.45
N GLU D 229 4.28 27.96 -9.28
CA GLU D 229 3.91 27.47 -10.60
C GLU D 229 3.03 26.22 -10.56
N ILE D 230 3.30 25.33 -9.63
CA ILE D 230 2.71 23.99 -9.65
C ILE D 230 2.08 23.61 -8.31
N GLY D 231 2.34 24.41 -7.28
CA GLY D 231 1.84 24.11 -5.95
C GLY D 231 2.75 23.15 -5.22
N GLY D 232 3.98 23.01 -5.71
CA GLY D 232 4.94 22.08 -5.14
C GLY D 232 4.80 20.72 -5.79
N ALA D 233 5.86 19.93 -5.76
CA ALA D 233 5.84 18.61 -6.39
C ALA D 233 5.43 17.52 -5.41
N HIS D 234 4.62 16.58 -5.87
CA HIS D 234 4.24 15.44 -5.03
C HIS D 234 5.46 14.58 -4.73
N GLY D 235 6.40 14.55 -5.67
CA GLY D 235 7.64 13.82 -5.50
C GLY D 235 8.84 14.59 -6.01
N VAL D 236 10.00 14.30 -5.43
CA VAL D 236 11.25 14.84 -5.92
C VAL D 236 12.32 13.75 -5.99
N LEU D 237 12.91 13.57 -7.16
CA LEU D 237 14.00 12.63 -7.32
C LEU D 237 15.31 13.40 -7.40
N VAL D 238 16.15 13.25 -6.39
CA VAL D 238 17.43 13.95 -6.33
C VAL D 238 18.54 13.06 -6.87
N THR D 239 18.95 13.29 -8.11
CA THR D 239 19.90 12.41 -8.80
C THR D 239 21.35 12.79 -8.51
N ALA D 240 21.56 14.05 -8.11
CA ALA D 240 22.87 14.51 -7.69
C ALA D 240 22.71 15.19 -6.34
N VAL D 241 23.09 14.50 -5.28
CA VAL D 241 22.81 14.98 -3.93
C VAL D 241 23.88 15.93 -3.40
N SER D 242 23.81 17.18 -3.85
CA SER D 242 24.64 18.25 -3.32
C SER D 242 23.86 18.92 -2.19
N PRO D 243 24.57 19.44 -1.18
CA PRO D 243 23.90 20.03 -0.01
C PRO D 243 22.82 21.02 -0.39
N LYS D 244 23.04 21.77 -1.48
CA LYS D 244 22.05 22.73 -1.95
C LYS D 244 20.88 22.08 -2.67
N ALA D 245 21.15 21.00 -3.39
CA ALA D 245 20.10 20.26 -4.08
C ALA D 245 19.16 19.63 -3.05
N PHE D 246 19.75 19.08 -1.99
CA PHE D 246 18.99 18.46 -0.92
C PHE D 246 18.11 19.50 -0.23
N SER D 247 18.70 20.65 0.08
CA SER D 247 17.95 21.72 0.72
C SER D 247 16.82 22.21 -0.19
N GLN D 248 17.11 22.30 -1.48
CA GLN D 248 16.11 22.79 -2.43
C GLN D 248 15.00 21.79 -2.68
N ALA D 249 15.29 20.50 -2.49
CA ALA D 249 14.28 19.47 -2.65
C ALA D 249 13.24 19.57 -1.54
N ILE D 250 13.71 19.76 -0.32
CA ILE D 250 12.81 19.94 0.82
C ILE D 250 11.90 21.15 0.61
N GLY D 251 12.37 22.12 -0.17
CA GLY D 251 11.60 23.31 -0.45
C GLY D 251 10.66 23.16 -1.64
N MET D 252 11.06 22.34 -2.61
CA MET D 252 10.27 22.13 -3.82
C MET D 252 9.09 21.19 -3.60
N VAL D 253 9.20 20.33 -2.59
CA VAL D 253 8.20 19.29 -2.39
C VAL D 253 6.88 19.81 -1.80
N ARG D 254 5.79 19.22 -2.27
CA ARG D 254 4.45 19.56 -1.82
C ARG D 254 4.23 18.95 -0.44
N ARG D 255 3.39 19.58 0.37
CA ARG D 255 3.02 18.99 1.65
C ARG D 255 2.57 17.55 1.43
N GLY D 256 2.99 16.65 2.33
CA GLY D 256 2.67 15.24 2.23
C GLY D 256 3.47 14.51 1.16
N GLY D 257 4.38 15.23 0.49
CA GLY D 257 5.14 14.67 -0.60
C GLY D 257 6.32 13.83 -0.17
N THR D 258 7.03 13.26 -1.14
CA THR D 258 8.12 12.35 -0.84
C THR D 258 9.37 12.71 -1.65
N ILE D 259 10.50 12.76 -0.98
CA ILE D 259 11.79 13.00 -1.63
C ILE D 259 12.60 11.70 -1.66
N ALA D 260 13.02 11.30 -2.84
CA ALA D 260 13.87 10.11 -3.00
C ALA D 260 15.29 10.52 -3.36
N LEU D 261 16.26 9.98 -2.63
CA LEU D 261 17.67 10.30 -2.85
C LEU D 261 18.36 9.16 -3.60
N ASN D 262 18.93 9.48 -4.75
CA ASN D 262 19.61 8.49 -5.60
C ASN D 262 21.12 8.49 -5.43
N GLY D 263 21.65 9.51 -4.76
CA GLY D 263 23.09 9.71 -4.72
C GLY D 263 23.79 9.19 -3.48
N LEU D 264 25.11 9.09 -3.55
CA LEU D 264 25.94 8.63 -2.45
C LEU D 264 27.01 9.66 -2.11
N PRO D 265 26.58 10.83 -1.62
CA PRO D 265 27.54 11.89 -1.27
C PRO D 265 28.18 11.59 0.07
N PRO D 266 29.32 12.23 0.36
CA PRO D 266 29.96 12.06 1.66
C PRO D 266 29.42 13.07 2.66
N GLY D 267 29.53 12.77 3.94
CA GLY D 267 29.20 13.72 4.98
C GLY D 267 27.73 13.82 5.33
N ASP D 268 27.43 14.57 6.38
CA ASP D 268 26.06 14.78 6.82
C ASP D 268 25.43 15.96 6.08
N PHE D 269 24.12 15.87 5.87
CA PHE D 269 23.35 16.95 5.28
C PHE D 269 22.38 17.49 6.32
N GLY D 270 22.22 18.81 6.37
CA GLY D 270 21.31 19.43 7.31
C GLY D 270 19.85 19.22 6.93
N THR D 271 19.08 18.67 7.85
CA THR D 271 17.67 18.42 7.60
C THR D 271 16.76 19.13 8.59
N PRO D 272 15.91 20.04 8.07
CA PRO D 272 14.97 20.79 8.92
C PRO D 272 13.90 19.87 9.48
N ILE D 273 14.18 19.23 10.60
CA ILE D 273 13.22 18.30 11.20
C ILE D 273 11.88 18.98 11.39
N PHE D 274 11.90 20.23 11.84
CA PHE D 274 10.67 20.96 12.10
C PHE D 274 9.73 20.93 10.89
N ASP D 275 10.25 21.35 9.75
CA ASP D 275 9.46 21.41 8.52
C ASP D 275 9.04 20.03 8.04
N VAL D 276 9.96 19.08 8.07
CA VAL D 276 9.68 17.72 7.65
C VAL D 276 8.49 17.14 8.41
N VAL D 277 8.50 17.31 9.73
CA VAL D 277 7.40 16.84 10.56
C VAL D 277 6.12 17.59 10.25
N LEU D 278 6.19 18.92 10.23
CA LEU D 278 5.00 19.75 10.08
C LEU D 278 4.35 19.57 8.70
N LYS D 279 5.17 19.47 7.66
CA LYS D 279 4.67 19.33 6.30
C LYS D 279 4.41 17.86 5.93
N GLY D 280 4.67 16.96 6.89
CA GLY D 280 4.47 15.54 6.65
C GLY D 280 5.26 15.04 5.45
N ILE D 281 6.51 15.49 5.34
CA ILE D 281 7.36 15.09 4.23
C ILE D 281 8.06 13.76 4.51
N THR D 282 8.22 12.95 3.47
CA THR D 282 8.94 11.70 3.59
C THR D 282 10.27 11.79 2.86
N ILE D 283 11.35 11.39 3.52
CA ILE D 283 12.66 11.33 2.88
C ILE D 283 13.09 9.88 2.78
N ARG D 284 13.44 9.44 1.58
CA ARG D 284 13.71 8.03 1.34
C ARG D 284 14.95 7.85 0.50
N GLY D 285 15.79 6.90 0.88
CA GLY D 285 16.99 6.60 0.11
C GLY D 285 16.72 5.46 -0.85
N SER D 286 17.22 5.58 -2.07
CA SER D 286 17.05 4.52 -3.07
C SER D 286 18.20 4.50 -4.06
N ILE D 287 18.86 3.36 -4.16
CA ILE D 287 19.83 3.14 -5.21
C ILE D 287 19.69 1.73 -5.80
N VAL D 288 20.07 1.59 -7.07
CA VAL D 288 19.84 0.39 -7.85
C VAL D 288 18.47 -0.23 -7.58
N GLY D 289 18.39 -1.56 -7.61
CA GLY D 289 17.11 -2.22 -7.41
C GLY D 289 17.15 -3.72 -7.58
N THR D 290 16.01 -4.35 -7.38
CA THR D 290 15.90 -5.81 -7.41
C THR D 290 15.88 -6.32 -8.85
N ARG D 291 15.94 -7.65 -9.01
CA ARG D 291 15.83 -8.24 -10.34
C ARG D 291 14.52 -7.86 -11.03
N SER D 292 13.44 -7.84 -10.25
CA SER D 292 12.16 -7.38 -10.77
C SER D 292 12.23 -5.93 -11.25
N ASP D 293 12.81 -5.05 -10.43
CA ASP D 293 12.97 -3.66 -10.84
C ASP D 293 13.77 -3.58 -12.14
N LEU D 294 14.84 -4.36 -12.22
CA LEU D 294 15.73 -4.32 -13.37
C LEU D 294 15.00 -4.74 -14.64
N GLN D 295 14.26 -5.85 -14.56
CA GLN D 295 13.53 -6.34 -15.73
C GLN D 295 12.46 -5.34 -16.18
N GLU D 296 11.77 -4.72 -15.23
CA GLU D 296 10.80 -3.68 -15.55
C GLU D 296 11.48 -2.49 -16.24
N SER D 297 12.62 -2.07 -15.71
CA SER D 297 13.36 -0.94 -16.26
C SER D 297 13.87 -1.23 -17.68
N LEU D 298 14.27 -2.47 -17.93
CA LEU D 298 14.67 -2.88 -19.28
C LEU D 298 13.47 -2.89 -20.23
N ASP D 299 12.32 -3.30 -19.72
CA ASP D 299 11.11 -3.36 -20.54
C ASP D 299 10.71 -1.99 -21.08
N PHE D 300 10.94 -0.93 -20.32
CA PHE D 300 10.65 0.41 -20.80
C PHE D 300 11.57 0.78 -21.96
N ALA D 301 12.81 0.32 -21.91
CA ALA D 301 13.75 0.56 -23.01
C ALA D 301 13.32 -0.22 -24.23
N ALA D 302 12.85 -1.45 -24.02
CA ALA D 302 12.41 -2.31 -25.10
C ALA D 302 11.19 -1.70 -25.79
N HIS D 303 10.35 -1.04 -25.00
CA HIS D 303 9.09 -0.49 -25.48
C HIS D 303 9.29 0.83 -26.20
N GLY D 304 10.50 1.38 -26.10
CA GLY D 304 10.85 2.61 -26.78
C GLY D 304 10.65 3.88 -25.97
N ASP D 305 10.38 3.72 -24.67
CA ASP D 305 10.10 4.86 -23.81
C ASP D 305 11.35 5.53 -23.25
N VAL D 306 12.46 4.80 -23.24
CA VAL D 306 13.68 5.30 -22.62
C VAL D 306 14.91 5.00 -23.47
N LYS D 307 15.71 6.04 -23.71
CA LYS D 307 16.99 5.89 -24.40
C LYS D 307 18.02 6.77 -23.72
N ALA D 308 19.10 6.16 -23.25
CA ALA D 308 20.17 6.91 -22.62
C ALA D 308 21.00 7.61 -23.69
N THR D 309 21.49 8.79 -23.37
CA THR D 309 22.45 9.48 -24.23
C THR D 309 23.80 8.83 -24.01
N VAL D 310 24.30 8.15 -25.04
CA VAL D 310 25.51 7.35 -24.90
C VAL D 310 26.59 7.71 -25.91
N SER D 311 27.84 7.68 -25.45
CA SER D 311 28.99 7.83 -26.33
C SER D 311 30.01 6.76 -25.96
N THR D 312 30.70 6.24 -26.97
CA THR D 312 31.62 5.12 -26.76
C THR D 312 33.04 5.58 -26.47
N ALA D 313 33.84 4.64 -25.97
CA ALA D 313 35.25 4.84 -25.75
C ALA D 313 35.88 3.46 -25.67
N LYS D 314 37.17 3.37 -25.96
CA LYS D 314 37.86 2.09 -25.99
C LYS D 314 38.41 1.73 -24.62
N LEU D 315 38.46 0.42 -24.34
CA LEU D 315 38.96 -0.07 -23.07
C LEU D 315 40.30 0.56 -22.69
N ASP D 316 41.21 0.63 -23.66
CA ASP D 316 42.55 1.14 -23.43
C ASP D 316 42.55 2.62 -23.08
N ASP D 317 41.41 3.27 -23.24
CA ASP D 317 41.29 4.70 -22.96
C ASP D 317 40.48 4.96 -21.70
N VAL D 318 40.22 3.92 -20.92
CA VAL D 318 39.39 4.03 -19.73
C VAL D 318 39.95 5.06 -18.74
N ASN D 319 41.29 5.11 -18.64
CA ASN D 319 41.94 6.09 -17.78
C ASN D 319 41.62 7.52 -18.21
N ASP D 320 41.58 7.75 -19.52
CA ASP D 320 41.18 9.05 -20.05
C ASP D 320 39.73 9.32 -19.67
N VAL D 321 38.89 8.29 -19.77
CA VAL D 321 37.48 8.39 -19.40
C VAL D 321 37.31 8.81 -17.95
N PHE D 322 37.92 8.06 -17.03
CA PHE D 322 37.85 8.41 -15.62
C PHE D 322 38.23 9.87 -15.43
N GLY D 323 39.30 10.28 -16.11
CA GLY D 323 39.76 11.65 -16.05
C GLY D 323 38.65 12.62 -16.42
N ARG D 324 37.92 12.30 -17.48
CA ARG D 324 36.83 13.15 -17.93
C ARG D 324 35.67 13.20 -16.93
N LEU D 325 35.41 12.07 -16.28
CA LEU D 325 34.36 12.02 -15.27
C LEU D 325 34.71 12.88 -14.07
N ARG D 326 35.89 12.66 -13.50
CA ARG D 326 36.32 13.41 -12.32
C ARG D 326 36.18 14.91 -12.51
N GLU D 327 36.46 15.39 -13.72
CA GLU D 327 36.39 16.81 -14.02
C GLU D 327 34.96 17.26 -14.35
N GLY D 328 33.98 16.48 -13.89
CA GLY D 328 32.58 16.80 -14.13
C GLY D 328 32.31 17.25 -15.55
N LYS D 329 33.08 16.74 -16.50
CA LYS D 329 32.99 17.17 -17.88
C LYS D 329 32.50 16.08 -18.82
N VAL D 330 31.64 15.19 -18.31
CA VAL D 330 31.07 14.13 -19.14
C VAL D 330 29.57 14.31 -19.33
N GLU D 331 29.15 14.31 -20.59
CA GLU D 331 27.74 14.47 -20.94
C GLU D 331 27.10 13.12 -21.25
N GLY D 332 25.97 12.84 -20.59
CA GLY D 332 25.29 11.57 -20.78
C GLY D 332 26.02 10.44 -20.08
N ARG D 333 26.13 9.31 -20.78
CA ARG D 333 26.82 8.16 -20.23
C ARG D 333 27.88 7.67 -21.20
N VAL D 334 29.06 7.36 -20.67
CA VAL D 334 30.12 6.77 -21.47
C VAL D 334 30.05 5.25 -21.36
N VAL D 335 30.14 4.58 -22.49
CA VAL D 335 30.10 3.13 -22.54
C VAL D 335 31.31 2.60 -23.29
N LEU D 336 32.07 1.70 -22.66
CA LEU D 336 33.19 1.05 -23.33
C LEU D 336 32.65 0.11 -24.40
N ASP D 337 33.24 0.17 -25.60
CA ASP D 337 32.78 -0.67 -26.70
C ASP D 337 33.78 -1.78 -27.03
N PHE D 338 33.33 -3.02 -26.84
CA PHE D 338 34.16 -4.18 -27.11
C PHE D 338 33.88 -4.78 -28.48
N SER D 339 33.35 -3.96 -29.38
CA SER D 339 33.10 -4.39 -30.76
C SER D 339 34.28 -4.02 -31.66
#